data_1F3Z
# 
_entry.id   1F3Z 
# 
_audit_conform.dict_name       mmcif_pdbx.dic 
_audit_conform.dict_version    5.392 
_audit_conform.dict_location   http://mmcif.pdb.org/dictionaries/ascii/mmcif_pdbx.dic 
# 
loop_
_database_2.database_id 
_database_2.database_code 
_database_2.pdbx_database_accession 
_database_2.pdbx_DOI 
PDB   1F3Z         pdb_00001f3z 10.2210/pdb1f3z/pdb 
WWPDB D_1000173200 ?            ?                   
# 
loop_
_pdbx_audit_revision_history.ordinal 
_pdbx_audit_revision_history.data_content_type 
_pdbx_audit_revision_history.major_revision 
_pdbx_audit_revision_history.minor_revision 
_pdbx_audit_revision_history.revision_date 
1 'Structure model' 1 0 1998-01-28 
2 'Structure model' 1 1 2008-03-24 
3 'Structure model' 1 2 2011-07-13 
4 'Structure model' 1 3 2023-08-09 
5 'Structure model' 1 4 2024-05-22 
# 
_pdbx_audit_revision_details.ordinal             1 
_pdbx_audit_revision_details.revision_ordinal    1 
_pdbx_audit_revision_details.data_content_type   'Structure model' 
_pdbx_audit_revision_details.provider            repository 
_pdbx_audit_revision_details.type                'Initial release' 
_pdbx_audit_revision_details.description         ? 
_pdbx_audit_revision_details.details             ? 
# 
loop_
_pdbx_audit_revision_group.ordinal 
_pdbx_audit_revision_group.revision_ordinal 
_pdbx_audit_revision_group.data_content_type 
_pdbx_audit_revision_group.group 
1 2 'Structure model' 'Version format compliance' 
2 3 'Structure model' 'Version format compliance' 
3 4 'Structure model' 'Database references'       
4 4 'Structure model' 'Derived calculations'      
5 4 'Structure model' Other                       
6 4 'Structure model' 'Refinement description'    
7 5 'Structure model' 'Data collection'           
# 
loop_
_pdbx_audit_revision_category.ordinal 
_pdbx_audit_revision_category.revision_ordinal 
_pdbx_audit_revision_category.data_content_type 
_pdbx_audit_revision_category.category 
1 4 'Structure model' database_2                    
2 4 'Structure model' pdbx_database_status          
3 4 'Structure model' pdbx_initial_refinement_model 
4 4 'Structure model' pdbx_struct_conn_angle        
5 4 'Structure model' struct_conn                   
6 4 'Structure model' struct_site                   
7 5 'Structure model' chem_comp_atom                
8 5 'Structure model' chem_comp_bond                
# 
loop_
_pdbx_audit_revision_item.ordinal 
_pdbx_audit_revision_item.revision_ordinal 
_pdbx_audit_revision_item.data_content_type 
_pdbx_audit_revision_item.item 
1  4 'Structure model' '_database_2.pdbx_DOI'                        
2  4 'Structure model' '_database_2.pdbx_database_accession'         
3  4 'Structure model' '_pdbx_database_status.process_site'          
4  4 'Structure model' '_pdbx_struct_conn_angle.ptnr1_auth_comp_id'  
5  4 'Structure model' '_pdbx_struct_conn_angle.ptnr1_auth_seq_id'   
6  4 'Structure model' '_pdbx_struct_conn_angle.ptnr1_label_asym_id' 
7  4 'Structure model' '_pdbx_struct_conn_angle.ptnr1_label_atom_id' 
8  4 'Structure model' '_pdbx_struct_conn_angle.ptnr1_label_comp_id' 
9  4 'Structure model' '_pdbx_struct_conn_angle.ptnr1_label_seq_id'  
10 4 'Structure model' '_pdbx_struct_conn_angle.ptnr1_symmetry'      
11 4 'Structure model' '_pdbx_struct_conn_angle.ptnr3_auth_comp_id'  
12 4 'Structure model' '_pdbx_struct_conn_angle.ptnr3_auth_seq_id'   
13 4 'Structure model' '_pdbx_struct_conn_angle.ptnr3_label_asym_id' 
14 4 'Structure model' '_pdbx_struct_conn_angle.ptnr3_label_atom_id' 
15 4 'Structure model' '_pdbx_struct_conn_angle.ptnr3_label_comp_id' 
16 4 'Structure model' '_pdbx_struct_conn_angle.ptnr3_label_seq_id'  
17 4 'Structure model' '_pdbx_struct_conn_angle.ptnr3_symmetry'      
18 4 'Structure model' '_pdbx_struct_conn_angle.value'               
19 4 'Structure model' '_struct_conn.pdbx_dist_value'                
20 4 'Structure model' '_struct_conn.ptnr1_auth_comp_id'             
21 4 'Structure model' '_struct_conn.ptnr1_auth_seq_id'              
22 4 'Structure model' '_struct_conn.ptnr1_label_asym_id'            
23 4 'Structure model' '_struct_conn.ptnr1_label_atom_id'            
24 4 'Structure model' '_struct_conn.ptnr1_label_comp_id'            
25 4 'Structure model' '_struct_conn.ptnr1_label_seq_id'             
26 4 'Structure model' '_struct_conn.ptnr1_symmetry'                 
27 4 'Structure model' '_struct_conn.ptnr2_auth_comp_id'             
28 4 'Structure model' '_struct_conn.ptnr2_auth_seq_id'              
29 4 'Structure model' '_struct_conn.ptnr2_label_asym_id'            
30 4 'Structure model' '_struct_conn.ptnr2_label_atom_id'            
31 4 'Structure model' '_struct_conn.ptnr2_label_comp_id'            
32 4 'Structure model' '_struct_conn.ptnr2_label_seq_id'             
33 4 'Structure model' '_struct_conn.ptnr2_symmetry'                 
34 4 'Structure model' '_struct_site.pdbx_auth_asym_id'              
35 4 'Structure model' '_struct_site.pdbx_auth_comp_id'              
36 4 'Structure model' '_struct_site.pdbx_auth_seq_id'               
# 
_pdbx_database_status.status_code                     REL 
_pdbx_database_status.entry_id                        1F3Z 
_pdbx_database_status.recvd_initial_deposition_date   1997-10-09 
_pdbx_database_status.deposit_site                    ? 
_pdbx_database_status.process_site                    BNL 
_pdbx_database_status.status_code_sf                  REL 
_pdbx_database_status.status_code_mr                  ? 
_pdbx_database_status.SG_entry                        ? 
_pdbx_database_status.pdb_format_compatible           Y 
_pdbx_database_status.status_code_cs                  ? 
_pdbx_database_status.status_code_nmr_data            ? 
_pdbx_database_status.methods_development_category    ? 
# 
loop_
_audit_author.name 
_audit_author.pdbx_ordinal 
'Feese, M.'       1 
'Comolli, L.'     2 
'Meadow, N.'      3 
'Roseman, S.'     4 
'Remington, S.J.' 5 
# 
_citation.id                        primary 
_citation.title                     
'Structural studies of the Escherichia coli signal transducing protein IIAGlc: implications for target recognition.' 
_citation.journal_abbrev            Biochemistry 
_citation.journal_volume            36 
_citation.page_first                16087 
_citation.page_last                 16096 
_citation.year                      1997 
_citation.journal_id_ASTM           BICHAW 
_citation.country                   US 
_citation.journal_id_ISSN           0006-2960 
_citation.journal_id_CSD            0033 
_citation.book_publisher            ? 
_citation.pdbx_database_id_PubMed   9405042 
_citation.pdbx_database_id_DOI      10.1021/bi971999e 
# 
loop_
_citation_author.citation_id 
_citation_author.name 
_citation_author.ordinal 
_citation_author.identifier_ORCID 
primary 'Feese, M.D.'     1 ? 
primary 'Comolli, L.'     2 ? 
primary 'Meadow, N.D.'    3 ? 
primary 'Roseman, S.'     4 ? 
primary 'Remington, S.J.' 5 ? 
# 
loop_
_entity.id 
_entity.type 
_entity.src_method 
_entity.pdbx_description 
_entity.formula_weight 
_entity.pdbx_number_of_molecules 
_entity.pdbx_ec 
_entity.pdbx_mutation 
_entity.pdbx_fragment 
_entity.details 
1 polymer     nat 'GLUCOSE-SPECIFIC PHOSPHOCARRIER' 17337.842 1  2.7.1.69 ? ? 
'CENTRAL REGULATORY PROTEIN OF THE PHOSPHOTRANSFERASE SYSTEM' 
2 non-polymer syn 'ZINC ION'                        65.409    1  ?        ? ? ? 
3 water       nat water                             18.015    23 ?        ? ? ? 
# 
_entity_name_com.entity_id   1 
_entity_name_com.name        EIIA-GLC 
# 
_entity_poly.entity_id                      1 
_entity_poly.type                           'polypeptide(L)' 
_entity_poly.nstd_linkage                   no 
_entity_poly.nstd_monomer                   no 
_entity_poly.pdbx_seq_one_letter_code       
;SLVSDDKKDTGTIEIIAPLSGEIVNIEDVPDVVFAEKIVGDGIAIKPTGNKMVAPVDGTIGKIFETNHAFSIESDSGVEL
FVHFGIDTVELKGEGFKRIAEEGQRVKVGDTVIEFDLPLLEEKAKSTLTPVVISNMDEIKELIKLSGSVTVGETPVIRIK
K
;
_entity_poly.pdbx_seq_one_letter_code_can   
;SLVSDDKKDTGTIEIIAPLSGEIVNIEDVPDVVFAEKIVGDGIAIKPTGNKMVAPVDGTIGKIFETNHAFSIESDSGVEL
FVHFGIDTVELKGEGFKRIAEEGQRVKVGDTVIEFDLPLLEEKAKSTLTPVVISNMDEIKELIKLSGSVTVGETPVIRIK
K
;
_entity_poly.pdbx_strand_id                 A 
_entity_poly.pdbx_target_identifier         ? 
# 
loop_
_pdbx_entity_nonpoly.entity_id 
_pdbx_entity_nonpoly.name 
_pdbx_entity_nonpoly.comp_id 
2 'ZINC ION' ZN  
3 water      HOH 
# 
loop_
_entity_poly_seq.entity_id 
_entity_poly_seq.num 
_entity_poly_seq.mon_id 
_entity_poly_seq.hetero 
1 1   SER n 
1 2   LEU n 
1 3   VAL n 
1 4   SER n 
1 5   ASP n 
1 6   ASP n 
1 7   LYS n 
1 8   LYS n 
1 9   ASP n 
1 10  THR n 
1 11  GLY n 
1 12  THR n 
1 13  ILE n 
1 14  GLU n 
1 15  ILE n 
1 16  ILE n 
1 17  ALA n 
1 18  PRO n 
1 19  LEU n 
1 20  SER n 
1 21  GLY n 
1 22  GLU n 
1 23  ILE n 
1 24  VAL n 
1 25  ASN n 
1 26  ILE n 
1 27  GLU n 
1 28  ASP n 
1 29  VAL n 
1 30  PRO n 
1 31  ASP n 
1 32  VAL n 
1 33  VAL n 
1 34  PHE n 
1 35  ALA n 
1 36  GLU n 
1 37  LYS n 
1 38  ILE n 
1 39  VAL n 
1 40  GLY n 
1 41  ASP n 
1 42  GLY n 
1 43  ILE n 
1 44  ALA n 
1 45  ILE n 
1 46  LYS n 
1 47  PRO n 
1 48  THR n 
1 49  GLY n 
1 50  ASN n 
1 51  LYS n 
1 52  MET n 
1 53  VAL n 
1 54  ALA n 
1 55  PRO n 
1 56  VAL n 
1 57  ASP n 
1 58  GLY n 
1 59  THR n 
1 60  ILE n 
1 61  GLY n 
1 62  LYS n 
1 63  ILE n 
1 64  PHE n 
1 65  GLU n 
1 66  THR n 
1 67  ASN n 
1 68  HIS n 
1 69  ALA n 
1 70  PHE n 
1 71  SER n 
1 72  ILE n 
1 73  GLU n 
1 74  SER n 
1 75  ASP n 
1 76  SER n 
1 77  GLY n 
1 78  VAL n 
1 79  GLU n 
1 80  LEU n 
1 81  PHE n 
1 82  VAL n 
1 83  HIS n 
1 84  PHE n 
1 85  GLY n 
1 86  ILE n 
1 87  ASP n 
1 88  THR n 
1 89  VAL n 
1 90  GLU n 
1 91  LEU n 
1 92  LYS n 
1 93  GLY n 
1 94  GLU n 
1 95  GLY n 
1 96  PHE n 
1 97  LYS n 
1 98  ARG n 
1 99  ILE n 
1 100 ALA n 
1 101 GLU n 
1 102 GLU n 
1 103 GLY n 
1 104 GLN n 
1 105 ARG n 
1 106 VAL n 
1 107 LYS n 
1 108 VAL n 
1 109 GLY n 
1 110 ASP n 
1 111 THR n 
1 112 VAL n 
1 113 ILE n 
1 114 GLU n 
1 115 PHE n 
1 116 ASP n 
1 117 LEU n 
1 118 PRO n 
1 119 LEU n 
1 120 LEU n 
1 121 GLU n 
1 122 GLU n 
1 123 LYS n 
1 124 ALA n 
1 125 LYS n 
1 126 SER n 
1 127 THR n 
1 128 LEU n 
1 129 THR n 
1 130 PRO n 
1 131 VAL n 
1 132 VAL n 
1 133 ILE n 
1 134 SER n 
1 135 ASN n 
1 136 MET n 
1 137 ASP n 
1 138 GLU n 
1 139 ILE n 
1 140 LYS n 
1 141 GLU n 
1 142 LEU n 
1 143 ILE n 
1 144 LYS n 
1 145 LEU n 
1 146 SER n 
1 147 GLY n 
1 148 SER n 
1 149 VAL n 
1 150 THR n 
1 151 VAL n 
1 152 GLY n 
1 153 GLU n 
1 154 THR n 
1 155 PRO n 
1 156 VAL n 
1 157 ILE n 
1 158 ARG n 
1 159 ILE n 
1 160 LYS n 
1 161 LYS n 
# 
_entity_src_nat.entity_id                  1 
_entity_src_nat.pdbx_src_id                1 
_entity_src_nat.pdbx_alt_source_flag       sample 
_entity_src_nat.pdbx_beg_seq_num           ? 
_entity_src_nat.pdbx_end_seq_num           ? 
_entity_src_nat.common_name                ? 
_entity_src_nat.pdbx_organism_scientific   'Escherichia coli' 
_entity_src_nat.pdbx_ncbi_taxonomy_id      562 
_entity_src_nat.genus                      Escherichia 
_entity_src_nat.species                    ? 
_entity_src_nat.strain                     ? 
_entity_src_nat.tissue                     ? 
_entity_src_nat.tissue_fraction            ? 
_entity_src_nat.pdbx_secretion             ? 
_entity_src_nat.pdbx_fragment              ? 
_entity_src_nat.pdbx_variant               ? 
_entity_src_nat.pdbx_cell_line             ? 
_entity_src_nat.pdbx_atcc                  ? 
_entity_src_nat.pdbx_cellular_location     ? 
_entity_src_nat.pdbx_organ                 ? 
_entity_src_nat.pdbx_organelle             ? 
_entity_src_nat.pdbx_cell                  ? 
_entity_src_nat.pdbx_plasmid_name          ? 
_entity_src_nat.pdbx_plasmid_details       ? 
_entity_src_nat.details                    'IIAGLC FAST-MISSING SEVEN N-TERMINAL AMINO ACIDS' 
# 
loop_
_chem_comp.id 
_chem_comp.type 
_chem_comp.mon_nstd_flag 
_chem_comp.name 
_chem_comp.pdbx_synonyms 
_chem_comp.formula 
_chem_comp.formula_weight 
ALA 'L-peptide linking' y ALANINE         ? 'C3 H7 N O2'     89.093  
ARG 'L-peptide linking' y ARGININE        ? 'C6 H15 N4 O2 1' 175.209 
ASN 'L-peptide linking' y ASPARAGINE      ? 'C4 H8 N2 O3'    132.118 
ASP 'L-peptide linking' y 'ASPARTIC ACID' ? 'C4 H7 N O4'     133.103 
GLN 'L-peptide linking' y GLUTAMINE       ? 'C5 H10 N2 O3'   146.144 
GLU 'L-peptide linking' y 'GLUTAMIC ACID' ? 'C5 H9 N O4'     147.129 
GLY 'peptide linking'   y GLYCINE         ? 'C2 H5 N O2'     75.067  
HIS 'L-peptide linking' y HISTIDINE       ? 'C6 H10 N3 O2 1' 156.162 
HOH non-polymer         . WATER           ? 'H2 O'           18.015  
ILE 'L-peptide linking' y ISOLEUCINE      ? 'C6 H13 N O2'    131.173 
LEU 'L-peptide linking' y LEUCINE         ? 'C6 H13 N O2'    131.173 
LYS 'L-peptide linking' y LYSINE          ? 'C6 H15 N2 O2 1' 147.195 
MET 'L-peptide linking' y METHIONINE      ? 'C5 H11 N O2 S'  149.211 
PHE 'L-peptide linking' y PHENYLALANINE   ? 'C9 H11 N O2'    165.189 
PRO 'L-peptide linking' y PROLINE         ? 'C5 H9 N O2'     115.130 
SER 'L-peptide linking' y SERINE          ? 'C3 H7 N O3'     105.093 
THR 'L-peptide linking' y THREONINE       ? 'C4 H9 N O3'     119.119 
VAL 'L-peptide linking' y VALINE          ? 'C5 H11 N O2'    117.146 
ZN  non-polymer         . 'ZINC ION'      ? 'Zn 2'           65.409  
# 
loop_
_pdbx_poly_seq_scheme.asym_id 
_pdbx_poly_seq_scheme.entity_id 
_pdbx_poly_seq_scheme.seq_id 
_pdbx_poly_seq_scheme.mon_id 
_pdbx_poly_seq_scheme.ndb_seq_num 
_pdbx_poly_seq_scheme.pdb_seq_num 
_pdbx_poly_seq_scheme.auth_seq_num 
_pdbx_poly_seq_scheme.pdb_mon_id 
_pdbx_poly_seq_scheme.auth_mon_id 
_pdbx_poly_seq_scheme.pdb_strand_id 
_pdbx_poly_seq_scheme.pdb_ins_code 
_pdbx_poly_seq_scheme.hetero 
A 1 1   SER 1   8   ?   ?   ?   A . n 
A 1 2   LEU 2   9   ?   ?   ?   A . n 
A 1 3   VAL 3   10  ?   ?   ?   A . n 
A 1 4   SER 4   11  ?   ?   ?   A . n 
A 1 5   ASP 5   12  ?   ?   ?   A . n 
A 1 6   ASP 6   13  ?   ?   ?   A . n 
A 1 7   LYS 7   14  ?   ?   ?   A . n 
A 1 8   LYS 8   15  ?   ?   ?   A . n 
A 1 9   ASP 9   16  ?   ?   ?   A . n 
A 1 10  THR 10  17  ?   ?   ?   A . n 
A 1 11  GLY 11  18  ?   ?   ?   A . n 
A 1 12  THR 12  19  19  THR THR A . n 
A 1 13  ILE 13  20  20  ILE ILE A . n 
A 1 14  GLU 14  21  21  GLU GLU A . n 
A 1 15  ILE 15  22  22  ILE ILE A . n 
A 1 16  ILE 16  23  23  ILE ILE A . n 
A 1 17  ALA 17  24  24  ALA ALA A . n 
A 1 18  PRO 18  25  25  PRO PRO A . n 
A 1 19  LEU 19  26  26  LEU LEU A . n 
A 1 20  SER 20  27  27  SER SER A . n 
A 1 21  GLY 21  28  28  GLY GLY A . n 
A 1 22  GLU 22  29  29  GLU GLU A . n 
A 1 23  ILE 23  30  30  ILE ILE A . n 
A 1 24  VAL 24  31  31  VAL VAL A . n 
A 1 25  ASN 25  32  32  ASN ASN A . n 
A 1 26  ILE 26  33  33  ILE ILE A . n 
A 1 27  GLU 27  34  34  GLU GLU A . n 
A 1 28  ASP 28  35  35  ASP ASP A . n 
A 1 29  VAL 29  36  36  VAL VAL A . n 
A 1 30  PRO 30  37  37  PRO PRO A . n 
A 1 31  ASP 31  38  38  ASP ASP A . n 
A 1 32  VAL 32  39  39  VAL VAL A . n 
A 1 33  VAL 33  40  40  VAL VAL A . n 
A 1 34  PHE 34  41  41  PHE PHE A . n 
A 1 35  ALA 35  42  42  ALA ALA A . n 
A 1 36  GLU 36  43  43  GLU GLU A . n 
A 1 37  LYS 37  44  44  LYS LYS A . n 
A 1 38  ILE 38  45  45  ILE ILE A . n 
A 1 39  VAL 39  46  46  VAL VAL A . n 
A 1 40  GLY 40  47  47  GLY GLY A . n 
A 1 41  ASP 41  48  48  ASP ASP A . n 
A 1 42  GLY 42  49  49  GLY GLY A . n 
A 1 43  ILE 43  50  50  ILE ILE A . n 
A 1 44  ALA 44  51  51  ALA ALA A . n 
A 1 45  ILE 45  52  52  ILE ILE A . n 
A 1 46  LYS 46  53  53  LYS LYS A . n 
A 1 47  PRO 47  54  54  PRO PRO A . n 
A 1 48  THR 48  55  55  THR THR A . n 
A 1 49  GLY 49  56  56  GLY GLY A . n 
A 1 50  ASN 50  57  57  ASN ASN A . n 
A 1 51  LYS 51  58  58  LYS LYS A . n 
A 1 52  MET 52  59  59  MET MET A . n 
A 1 53  VAL 53  60  60  VAL VAL A . n 
A 1 54  ALA 54  61  61  ALA ALA A . n 
A 1 55  PRO 55  62  62  PRO PRO A . n 
A 1 56  VAL 56  63  63  VAL VAL A . n 
A 1 57  ASP 57  64  64  ASP ASP A . n 
A 1 58  GLY 58  65  65  GLY GLY A . n 
A 1 59  THR 59  66  66  THR THR A . n 
A 1 60  ILE 60  67  67  ILE ILE A . n 
A 1 61  GLY 61  68  68  GLY GLY A . n 
A 1 62  LYS 62  69  69  LYS LYS A . n 
A 1 63  ILE 63  70  70  ILE ILE A . n 
A 1 64  PHE 64  71  71  PHE PHE A . n 
A 1 65  GLU 65  72  72  GLU GLU A . n 
A 1 66  THR 66  73  73  THR THR A . n 
A 1 67  ASN 67  74  74  ASN ASN A . n 
A 1 68  HIS 68  75  75  HIS HIS A . n 
A 1 69  ALA 69  76  76  ALA ALA A . n 
A 1 70  PHE 70  77  77  PHE PHE A . n 
A 1 71  SER 71  78  78  SER SER A . n 
A 1 72  ILE 72  79  79  ILE ILE A . n 
A 1 73  GLU 73  80  80  GLU GLU A . n 
A 1 74  SER 74  81  81  SER SER A . n 
A 1 75  ASP 75  82  82  ASP ASP A . n 
A 1 76  SER 76  83  83  SER SER A . n 
A 1 77  GLY 77  84  84  GLY GLY A . n 
A 1 78  VAL 78  85  85  VAL VAL A . n 
A 1 79  GLU 79  86  86  GLU GLU A . n 
A 1 80  LEU 80  87  87  LEU LEU A . n 
A 1 81  PHE 81  88  88  PHE PHE A . n 
A 1 82  VAL 82  89  89  VAL VAL A . n 
A 1 83  HIS 83  90  90  HIS HIS A . n 
A 1 84  PHE 84  91  91  PHE PHE A . n 
A 1 85  GLY 85  92  92  GLY GLY A . n 
A 1 86  ILE 86  93  93  ILE ILE A . n 
A 1 87  ASP 87  94  94  ASP ASP A . n 
A 1 88  THR 88  95  95  THR THR A . n 
A 1 89  VAL 89  96  96  VAL VAL A . n 
A 1 90  GLU 90  97  97  GLU GLU A . n 
A 1 91  LEU 91  98  98  LEU LEU A . n 
A 1 92  LYS 92  99  99  LYS LYS A . n 
A 1 93  GLY 93  100 100 GLY GLY A . n 
A 1 94  GLU 94  101 101 GLU GLU A . n 
A 1 95  GLY 95  102 102 GLY GLY A . n 
A 1 96  PHE 96  103 103 PHE PHE A . n 
A 1 97  LYS 97  104 104 LYS LYS A . n 
A 1 98  ARG 98  105 105 ARG ARG A . n 
A 1 99  ILE 99  106 106 ILE ILE A . n 
A 1 100 ALA 100 107 107 ALA ALA A . n 
A 1 101 GLU 101 108 108 GLU GLU A . n 
A 1 102 GLU 102 109 109 GLU GLU A . n 
A 1 103 GLY 103 110 110 GLY GLY A . n 
A 1 104 GLN 104 111 111 GLN GLN A . n 
A 1 105 ARG 105 112 112 ARG ARG A . n 
A 1 106 VAL 106 113 113 VAL VAL A . n 
A 1 107 LYS 107 114 114 LYS LYS A . n 
A 1 108 VAL 108 115 115 VAL VAL A . n 
A 1 109 GLY 109 116 116 GLY GLY A . n 
A 1 110 ASP 110 117 117 ASP ASP A . n 
A 1 111 THR 111 118 118 THR THR A . n 
A 1 112 VAL 112 119 119 VAL VAL A . n 
A 1 113 ILE 113 120 120 ILE ILE A . n 
A 1 114 GLU 114 121 121 GLU GLU A . n 
A 1 115 PHE 115 122 122 PHE PHE A . n 
A 1 116 ASP 116 123 123 ASP ASP A . n 
A 1 117 LEU 117 124 124 LEU LEU A . n 
A 1 118 PRO 118 125 125 PRO PRO A . n 
A 1 119 LEU 119 126 126 LEU LEU A . n 
A 1 120 LEU 120 127 127 LEU LEU A . n 
A 1 121 GLU 121 128 128 GLU GLU A . n 
A 1 122 GLU 122 129 129 GLU GLU A . n 
A 1 123 LYS 123 130 130 LYS LYS A . n 
A 1 124 ALA 124 131 131 ALA ALA A . n 
A 1 125 LYS 125 132 132 LYS LYS A . n 
A 1 126 SER 126 133 133 SER SER A . n 
A 1 127 THR 127 134 134 THR THR A . n 
A 1 128 LEU 128 135 135 LEU LEU A . n 
A 1 129 THR 129 136 136 THR THR A . n 
A 1 130 PRO 130 137 137 PRO PRO A . n 
A 1 131 VAL 131 138 138 VAL VAL A . n 
A 1 132 VAL 132 139 139 VAL VAL A . n 
A 1 133 ILE 133 140 140 ILE ILE A . n 
A 1 134 SER 134 141 141 SER SER A . n 
A 1 135 ASN 135 142 142 ASN ASN A . n 
A 1 136 MET 136 143 143 MET MET A . n 
A 1 137 ASP 137 144 144 ASP ASP A . n 
A 1 138 GLU 138 145 145 GLU GLU A . n 
A 1 139 ILE 139 146 146 ILE ILE A . n 
A 1 140 LYS 140 147 147 LYS LYS A . n 
A 1 141 GLU 141 148 148 GLU GLU A . n 
A 1 142 LEU 142 149 149 LEU LEU A . n 
A 1 143 ILE 143 150 150 ILE ILE A . n 
A 1 144 LYS 144 151 151 LYS LYS A . n 
A 1 145 LEU 145 152 152 LEU LEU A . n 
A 1 146 SER 146 153 153 SER SER A . n 
A 1 147 GLY 147 154 154 GLY GLY A . n 
A 1 148 SER 148 155 155 SER SER A . n 
A 1 149 VAL 149 156 156 VAL VAL A . n 
A 1 150 THR 150 157 157 THR THR A . n 
A 1 151 VAL 151 158 158 VAL VAL A . n 
A 1 152 GLY 152 159 159 GLY GLY A . n 
A 1 153 GLU 153 160 160 GLU GLU A . n 
A 1 154 THR 154 161 161 THR THR A . n 
A 1 155 PRO 155 162 162 PRO PRO A . n 
A 1 156 VAL 156 163 163 VAL VAL A . n 
A 1 157 ILE 157 164 164 ILE ILE A . n 
A 1 158 ARG 158 165 165 ARG ARG A . n 
A 1 159 ILE 159 166 166 ILE ILE A . n 
A 1 160 LYS 160 167 167 LYS LYS A . n 
A 1 161 LYS 161 168 168 LYS LYS A . n 
# 
loop_
_pdbx_nonpoly_scheme.asym_id 
_pdbx_nonpoly_scheme.entity_id 
_pdbx_nonpoly_scheme.mon_id 
_pdbx_nonpoly_scheme.ndb_seq_num 
_pdbx_nonpoly_scheme.pdb_seq_num 
_pdbx_nonpoly_scheme.auth_seq_num 
_pdbx_nonpoly_scheme.pdb_mon_id 
_pdbx_nonpoly_scheme.auth_mon_id 
_pdbx_nonpoly_scheme.pdb_strand_id 
_pdbx_nonpoly_scheme.pdb_ins_code 
B 2 ZN  1  300 300 ZN  ZN  A . 
C 3 HOH 1  201 201 HOH HOH A . 
C 3 HOH 2  202 202 HOH HOH A . 
C 3 HOH 3  203 203 HOH HOH A . 
C 3 HOH 4  204 204 HOH HOH A . 
C 3 HOH 5  205 205 HOH HOH A . 
C 3 HOH 6  206 206 HOH HOH A . 
C 3 HOH 7  207 207 HOH HOH A . 
C 3 HOH 8  208 208 HOH HOH A . 
C 3 HOH 9  209 209 HOH HOH A . 
C 3 HOH 10 210 210 HOH HOH A . 
C 3 HOH 11 211 211 HOH HOH A . 
C 3 HOH 12 212 212 HOH HOH A . 
C 3 HOH 13 213 213 HOH HOH A . 
C 3 HOH 14 214 214 HOH HOH A . 
C 3 HOH 15 215 215 HOH HOH A . 
C 3 HOH 16 216 216 HOH HOH A . 
C 3 HOH 17 217 217 HOH HOH A . 
C 3 HOH 18 218 218 HOH HOH A . 
C 3 HOH 19 219 219 HOH HOH A . 
C 3 HOH 20 220 220 HOH HOH A . 
C 3 HOH 21 221 221 HOH HOH A . 
C 3 HOH 22 222 222 HOH HOH A . 
C 3 HOH 23 223 223 HOH HOH A . 
# 
loop_
_pdbx_unobs_or_zero_occ_atoms.id 
_pdbx_unobs_or_zero_occ_atoms.PDB_model_num 
_pdbx_unobs_or_zero_occ_atoms.polymer_flag 
_pdbx_unobs_or_zero_occ_atoms.occupancy_flag 
_pdbx_unobs_or_zero_occ_atoms.auth_asym_id 
_pdbx_unobs_or_zero_occ_atoms.auth_comp_id 
_pdbx_unobs_or_zero_occ_atoms.auth_seq_id 
_pdbx_unobs_or_zero_occ_atoms.PDB_ins_code 
_pdbx_unobs_or_zero_occ_atoms.auth_atom_id 
_pdbx_unobs_or_zero_occ_atoms.label_alt_id 
_pdbx_unobs_or_zero_occ_atoms.label_asym_id 
_pdbx_unobs_or_zero_occ_atoms.label_comp_id 
_pdbx_unobs_or_zero_occ_atoms.label_seq_id 
_pdbx_unobs_or_zero_occ_atoms.label_atom_id 
1  1 Y 1 A LYS 53  ? NZ  ? A LYS 46  NZ  
2  1 Y 1 A GLU 72  ? CG  ? A GLU 65  CG  
3  1 Y 1 A GLU 72  ? CD  ? A GLU 65  CD  
4  1 Y 1 A GLU 72  ? OE1 ? A GLU 65  OE1 
5  1 Y 1 A GLU 72  ? OE2 ? A GLU 65  OE2 
6  1 Y 1 A LYS 99  ? CG  ? A LYS 92  CG  
7  1 Y 1 A LYS 99  ? CD  ? A LYS 92  CD  
8  1 Y 1 A LYS 99  ? CE  ? A LYS 92  CE  
9  1 Y 1 A LYS 99  ? NZ  ? A LYS 92  NZ  
10 1 Y 1 A LYS 104 ? CG  ? A LYS 97  CG  
11 1 Y 1 A LYS 104 ? CD  ? A LYS 97  CD  
12 1 Y 1 A LYS 104 ? CE  ? A LYS 97  CE  
13 1 Y 1 A LYS 104 ? NZ  ? A LYS 97  NZ  
14 1 Y 1 A GLU 108 ? CG  ? A GLU 101 CG  
15 1 Y 1 A GLU 108 ? CD  ? A GLU 101 CD  
16 1 Y 1 A GLU 108 ? OE1 ? A GLU 101 OE1 
17 1 Y 1 A GLU 108 ? OE2 ? A GLU 101 OE2 
18 1 Y 1 A LYS 114 ? CG  ? A LYS 107 CG  
19 1 Y 1 A LYS 114 ? CD  ? A LYS 107 CD  
20 1 Y 1 A LYS 114 ? CE  ? A LYS 107 CE  
21 1 Y 1 A LYS 114 ? NZ  ? A LYS 107 NZ  
22 1 Y 1 A GLU 129 ? CG  ? A GLU 122 CG  
23 1 Y 1 A GLU 129 ? CD  ? A GLU 122 CD  
24 1 Y 1 A GLU 129 ? OE1 ? A GLU 122 OE1 
25 1 Y 1 A GLU 129 ? OE2 ? A GLU 122 OE2 
26 1 Y 1 A LYS 132 ? CD  ? A LYS 125 CD  
27 1 Y 1 A LYS 132 ? CE  ? A LYS 125 CE  
28 1 Y 1 A LYS 132 ? NZ  ? A LYS 125 NZ  
29 1 Y 1 A LYS 167 ? CE  ? A LYS 160 CE  
30 1 Y 1 A LYS 167 ? NZ  ? A LYS 160 NZ  
# 
loop_
_software.name 
_software.classification 
_software.version 
_software.citation_id 
_software.pdbx_ordinal 
UNPUBLISHED 'model building' .  ? 1 
TNT         refinement       5E ? 2 
DENZO       'data reduction' .  ? 3 
SCALEPACK   'data scaling'   .  ? 4 
UNPUBLISHED phasing          .  ? 5 
# 
_cell.entry_id           1F3Z 
_cell.length_a           47.700 
_cell.length_b           47.700 
_cell.length_c           144.600 
_cell.angle_alpha        90.00 
_cell.angle_beta         90.00 
_cell.angle_gamma        90.00 
_cell.Z_PDB              8 
_cell.pdbx_unique_axis   ? 
# 
_symmetry.entry_id                         1F3Z 
_symmetry.space_group_name_H-M             'P 43 21 2' 
_symmetry.pdbx_full_space_group_name_H-M   ? 
_symmetry.cell_setting                     ? 
_symmetry.Int_Tables_number                96 
# 
_exptl.entry_id          1F3Z 
_exptl.method            'X-RAY DIFFRACTION' 
_exptl.crystals_number   1 
# 
_exptl_crystal.id                    1 
_exptl_crystal.density_meas          ? 
_exptl_crystal.density_Matthews      2.28 
_exptl_crystal.density_percent_sol   48.12 
_exptl_crystal.description           ? 
# 
_exptl_crystal_grow.crystal_id      1 
_exptl_crystal_grow.method          ? 
_exptl_crystal_grow.temp            ? 
_exptl_crystal_grow.temp_details    ? 
_exptl_crystal_grow.pH              8.5 
_exptl_crystal_grow.pdbx_pH_range   ? 
_exptl_crystal_grow.pdbx_details    '0.1-0.3 M SODIUM ACETATE, 1MM ZINC ACETATE, 0.1 M TRIS BUFFER PH 8.5' 
# 
_diffrn.id                     1 
_diffrn.ambient_temp           293 
_diffrn.ambient_temp_details   ? 
_diffrn.crystal_id             1 
# 
_diffrn_detector.diffrn_id              1 
_diffrn_detector.detector               'IMAGE PLATE' 
_diffrn_detector.type                   'RIGAKU RAXIS IIC' 
_diffrn_detector.pdbx_collection_date   1994-01 
_diffrn_detector.details                ? 
# 
_diffrn_radiation.diffrn_id                        1 
_diffrn_radiation.wavelength_id                    1 
_diffrn_radiation.pdbx_monochromatic_or_laue_m_l   M 
_diffrn_radiation.monochromator                    'GRAPHITE(002)' 
_diffrn_radiation.pdbx_diffrn_protocol             ? 
_diffrn_radiation.pdbx_scattering_type             x-ray 
# 
_diffrn_radiation_wavelength.id           1 
_diffrn_radiation_wavelength.wavelength   1.5418 
_diffrn_radiation_wavelength.wt           1.0 
# 
_diffrn_source.diffrn_id                   1 
_diffrn_source.source                      'ROTATING ANODE' 
_diffrn_source.type                        RIGAKU 
_diffrn_source.pdbx_synchrotron_site       ? 
_diffrn_source.pdbx_synchrotron_beamline   ? 
_diffrn_source.pdbx_wavelength             1.5418 
_diffrn_source.pdbx_wavelength_list        ? 
# 
_reflns.entry_id                     1F3Z 
_reflns.observed_criterion_sigma_I   0. 
_reflns.observed_criterion_sigma_F   ? 
_reflns.d_resolution_low             20. 
_reflns.d_resolution_high            1.98 
_reflns.number_obs                   7578 
_reflns.number_all                   ? 
_reflns.percent_possible_obs         61. 
_reflns.pdbx_Rmerge_I_obs            0.0440000 
_reflns.pdbx_Rsym_value              ? 
_reflns.pdbx_netI_over_sigmaI        ? 
_reflns.B_iso_Wilson_estimate        41.5 
_reflns.pdbx_redundancy              3.0 
_reflns.pdbx_diffrn_id               1 
_reflns.pdbx_ordinal                 1 
# 
_refine.entry_id                                 1F3Z 
_refine.ls_number_reflns_obs                     7578 
_refine.ls_number_reflns_all                     7578 
_refine.pdbx_ls_sigma_I                          ? 
_refine.pdbx_ls_sigma_F                          0. 
_refine.pdbx_data_cutoff_high_absF               ? 
_refine.pdbx_data_cutoff_low_absF                ? 
_refine.pdbx_data_cutoff_high_rms_absF           ? 
_refine.ls_d_res_low                             20. 
_refine.ls_d_res_high                            1.98 
_refine.ls_percent_reflns_obs                    61. 
_refine.ls_R_factor_obs                          ? 
_refine.ls_R_factor_all                          ? 
_refine.ls_R_factor_R_work                       0.1930000 
_refine.ls_R_factor_R_free                       ? 
_refine.ls_R_factor_R_free_error                 ? 
_refine.ls_R_factor_R_free_error_details         ? 
_refine.ls_percent_reflns_R_free                 ? 
_refine.ls_number_reflns_R_free                  ? 
_refine.ls_number_parameters                     ? 
_refine.ls_number_restraints                     ? 
_refine.occupancy_min                            ? 
_refine.occupancy_max                            ? 
_refine.B_iso_mean                               ? 
_refine.aniso_B[1][1]                            ? 
_refine.aniso_B[2][2]                            ? 
_refine.aniso_B[3][3]                            ? 
_refine.aniso_B[1][2]                            ? 
_refine.aniso_B[1][3]                            ? 
_refine.aniso_B[2][3]                            ? 
_refine.solvent_model_details                    'BABINET SCALING' 
_refine.solvent_model_param_ksol                 0.8 
_refine.solvent_model_param_bsol                 300. 
_refine.pdbx_ls_cross_valid_method               ? 
_refine.details                                  ? 
_refine.pdbx_starting_model                      'PDB ENTRY 1F3G' 
_refine.pdbx_method_to_determine_struct          'MOLECULAR REPLACEMENT' 
_refine.pdbx_isotropic_thermal_model             'TNT BCORREL V2.1' 
_refine.pdbx_stereochemistry_target_values       'TNT PROTGEO' 
_refine.pdbx_stereochem_target_val_spec_case     ? 
_refine.pdbx_R_Free_selection_details            ? 
_refine.pdbx_overall_ESU_R                       ? 
_refine.pdbx_overall_ESU_R_Free                  ? 
_refine.overall_SU_ML                            ? 
_refine.overall_SU_B                             ? 
_refine.pdbx_refine_id                           'X-RAY DIFFRACTION' 
_refine.pdbx_diffrn_id                           1 
_refine.pdbx_TLS_residual_ADP_flag               ? 
_refine.correlation_coeff_Fo_to_Fc               ? 
_refine.correlation_coeff_Fo_to_Fc_free          ? 
_refine.pdbx_solvent_vdw_probe_radii             ? 
_refine.pdbx_solvent_ion_probe_radii             ? 
_refine.pdbx_solvent_shrinkage_radii             ? 
_refine.pdbx_overall_phase_error                 ? 
_refine.overall_SU_R_Cruickshank_DPI             ? 
_refine.pdbx_overall_SU_R_free_Cruickshank_DPI   ? 
_refine.pdbx_overall_SU_R_Blow_DPI               ? 
_refine.pdbx_overall_SU_R_free_Blow_DPI          ? 
# 
_refine_hist.pdbx_refine_id                   'X-RAY DIFFRACTION' 
_refine_hist.cycle_id                         LAST 
_refine_hist.pdbx_number_atoms_protein        1107 
_refine_hist.pdbx_number_atoms_nucleic_acid   0 
_refine_hist.pdbx_number_atoms_ligand         1 
_refine_hist.number_atoms_solvent             23 
_refine_hist.number_atoms_total               1131 
_refine_hist.d_res_high                       1.98 
_refine_hist.d_res_low                        20. 
# 
loop_
_refine_ls_restr.type 
_refine_ls_restr.dev_ideal 
_refine_ls_restr.dev_ideal_target 
_refine_ls_restr.weight 
_refine_ls_restr.number 
_refine_ls_restr.pdbx_refine_id 
_refine_ls_restr.pdbx_restraint_function 
t_bond_d           0.011 ? 1.5  1122 'X-RAY DIFFRACTION' ? 
t_angle_deg        1.98  ? 3.0  1518 'X-RAY DIFFRACTION' ? 
t_dihedral_angle_d ?     ? ?    ?    'X-RAY DIFFRACTION' ? 
t_incorr_chiral_ct 0     ? ?    ?    'X-RAY DIFFRACTION' ? 
t_pseud_angle      ?     ? ?    ?    'X-RAY DIFFRACTION' ? 
t_trig_c_planes    0.009 ? 2.0  28   'X-RAY DIFFRACTION' ? 
t_gen_planes       0.015 ? 6.0  161  'X-RAY DIFFRACTION' ? 
t_it               5.7   ? 1.5  1122 'X-RAY DIFFRACTION' ? 
t_nbd              0.022 ? 10.0 25   'X-RAY DIFFRACTION' ? 
# 
_pdbx_refine.entry_id                                    1F3Z 
_pdbx_refine.R_factor_all_no_cutoff                      ? 
_pdbx_refine.R_factor_obs_no_cutoff                      0.1930000 
_pdbx_refine.free_R_factor_no_cutoff                     ? 
_pdbx_refine.free_R_val_test_set_size_perc_no_cutoff     ? 
_pdbx_refine.free_R_val_test_set_ct_no_cutoff            ? 
_pdbx_refine.R_factor_all_4sig_cutoff                    ? 
_pdbx_refine.R_factor_obs_4sig_cutoff                    ? 
_pdbx_refine.free_R_factor_4sig_cutoff                   ? 
_pdbx_refine.free_R_val_test_set_size_perc_4sig_cutoff   ? 
_pdbx_refine.free_R_val_test_set_ct_4sig_cutoff          ? 
_pdbx_refine.number_reflns_obs_4sig_cutoff               ? 
_pdbx_refine.pdbx_refine_id                              'X-RAY DIFFRACTION' 
_pdbx_refine.free_R_error_no_cutoff                      ? 
# 
_struct.entry_id                  1F3Z 
_struct.title                     'IIAGLC-ZN COMPLEX' 
_struct.pdbx_model_details        ? 
_struct.pdbx_CASP_flag            ? 
_struct.pdbx_model_type_details   ? 
# 
_struct_keywords.entry_id        1F3Z 
_struct_keywords.pdbx_keywords   PHOSPHOTRANSFERASE 
_struct_keywords.text            'PHOSPHOTRANSFERASE, SIGNAL TRANSDUCTION, SUGAR TRANSPORT' 
# 
loop_
_struct_asym.id 
_struct_asym.pdbx_blank_PDB_chainid_flag 
_struct_asym.pdbx_modified 
_struct_asym.entity_id 
_struct_asym.details 
A N N 1 ? 
B N N 2 ? 
C N N 3 ? 
# 
_struct_ref.id                         1 
_struct_ref.db_name                    UNP 
_struct_ref.db_code                    PTGA_ECOLI 
_struct_ref.entity_id                  1 
_struct_ref.pdbx_db_accession          P69783 
_struct_ref.pdbx_align_begin           1 
_struct_ref.pdbx_seq_one_letter_code   
;GLFDKLKSLVSDDKKDTGTIEIIAPLSGEIVNIEDVPDVVFAEKIVGDGIAIKPTGNKMVAPVDGTIGKIFETNHAFSIE
SDSGVELFVHFGIDTVELKGEGFKRIAEEGQRVKVGDTVIEFDLPLLEEKAKSTLTPVVISNMDEIKELIKLSGSVTVGE
TPVIRIKK
;
_struct_ref.pdbx_db_isoform            ? 
# 
_struct_ref_seq.align_id                      1 
_struct_ref_seq.ref_id                        1 
_struct_ref_seq.pdbx_PDB_id_code              1F3Z 
_struct_ref_seq.pdbx_strand_id                A 
_struct_ref_seq.seq_align_beg                 1 
_struct_ref_seq.pdbx_seq_align_beg_ins_code   ? 
_struct_ref_seq.seq_align_end                 161 
_struct_ref_seq.pdbx_seq_align_end_ins_code   ? 
_struct_ref_seq.pdbx_db_accession             P69783 
_struct_ref_seq.db_align_beg                  8 
_struct_ref_seq.pdbx_db_align_beg_ins_code    ? 
_struct_ref_seq.db_align_end                  168 
_struct_ref_seq.pdbx_db_align_end_ins_code    ? 
_struct_ref_seq.pdbx_auth_seq_align_beg       8 
_struct_ref_seq.pdbx_auth_seq_align_end       168 
# 
_pdbx_struct_assembly.id                   1 
_pdbx_struct_assembly.details              author_defined_assembly 
_pdbx_struct_assembly.method_details       ? 
_pdbx_struct_assembly.oligomeric_details   dimeric 
_pdbx_struct_assembly.oligomeric_count     2 
# 
_pdbx_struct_assembly_gen.assembly_id       1 
_pdbx_struct_assembly_gen.oper_expression   1,2 
_pdbx_struct_assembly_gen.asym_id_list      A,B,C 
# 
loop_
_pdbx_struct_oper_list.id 
_pdbx_struct_oper_list.type 
_pdbx_struct_oper_list.name 
_pdbx_struct_oper_list.symmetry_operation 
_pdbx_struct_oper_list.matrix[1][1] 
_pdbx_struct_oper_list.matrix[1][2] 
_pdbx_struct_oper_list.matrix[1][3] 
_pdbx_struct_oper_list.vector[1] 
_pdbx_struct_oper_list.matrix[2][1] 
_pdbx_struct_oper_list.matrix[2][2] 
_pdbx_struct_oper_list.matrix[2][3] 
_pdbx_struct_oper_list.vector[2] 
_pdbx_struct_oper_list.matrix[3][1] 
_pdbx_struct_oper_list.matrix[3][2] 
_pdbx_struct_oper_list.matrix[3][3] 
_pdbx_struct_oper_list.vector[3] 
1 'identity operation'         1_555 x,y,z            1.0000000000 0.0000000000 0.0000000000  0.0000000000  0.0000000000 1.0000000000  0.0000000000  0.0000000000  0.0000000000  0.0000000000  1.0000000000  0.0000000000  
2 'crystal symmetry operation' 8_775 -y+2,-x+2,-z+1/2 0.2220449736 0.9339715495 -0.2799878113 -1.9287658427 0.9339715495 -0.2861941466 -0.2139861099 10.5856236714 -0.2799878113 -0.2139861099 -0.9358508269 26.8927161632 
# 
_struct_biol.id   1 
# 
loop_
_struct_conf.conf_type_id 
_struct_conf.id 
_struct_conf.pdbx_PDB_helix_id 
_struct_conf.beg_label_comp_id 
_struct_conf.beg_label_asym_id 
_struct_conf.beg_label_seq_id 
_struct_conf.pdbx_beg_PDB_ins_code 
_struct_conf.end_label_comp_id 
_struct_conf.end_label_asym_id 
_struct_conf.end_label_seq_id 
_struct_conf.pdbx_end_PDB_ins_code 
_struct_conf.beg_auth_comp_id 
_struct_conf.beg_auth_asym_id 
_struct_conf.beg_auth_seq_id 
_struct_conf.end_auth_comp_id 
_struct_conf.end_auth_asym_id 
_struct_conf.end_auth_seq_id 
_struct_conf.pdbx_PDB_helix_class 
_struct_conf.details 
_struct_conf.pdbx_PDB_helix_length 
HELX_P HELX_P1 1 ILE A 26  ? ASP A 28  ? ILE A 33  ASP A 35  5 ? 3 
HELX_P HELX_P2 2 VAL A 32  ? ALA A 35  ? VAL A 39  ALA A 42  1 ? 4 
HELX_P HELX_P3 3 THR A 88  ? LEU A 91  ? THR A 95  LEU A 98  5 ? 4 
HELX_P HELX_P4 4 LEU A 117 ? LYS A 123 ? LEU A 124 LYS A 130 1 ? 7 
HELX_P HELX_P5 5 MET A 136 ? GLU A 138 ? MET A 143 GLU A 145 5 ? 3 
# 
_struct_conf_type.id          HELX_P 
_struct_conf_type.criteria    ? 
_struct_conf_type.reference   ? 
# 
loop_
_struct_conn.id 
_struct_conn.conn_type_id 
_struct_conn.pdbx_leaving_atom_flag 
_struct_conn.pdbx_PDB_id 
_struct_conn.ptnr1_label_asym_id 
_struct_conn.ptnr1_label_comp_id 
_struct_conn.ptnr1_label_seq_id 
_struct_conn.ptnr1_label_atom_id 
_struct_conn.pdbx_ptnr1_label_alt_id 
_struct_conn.pdbx_ptnr1_PDB_ins_code 
_struct_conn.pdbx_ptnr1_standard_comp_id 
_struct_conn.ptnr1_symmetry 
_struct_conn.ptnr2_label_asym_id 
_struct_conn.ptnr2_label_comp_id 
_struct_conn.ptnr2_label_seq_id 
_struct_conn.ptnr2_label_atom_id 
_struct_conn.pdbx_ptnr2_label_alt_id 
_struct_conn.pdbx_ptnr2_PDB_ins_code 
_struct_conn.ptnr1_auth_asym_id 
_struct_conn.ptnr1_auth_comp_id 
_struct_conn.ptnr1_auth_seq_id 
_struct_conn.ptnr2_auth_asym_id 
_struct_conn.ptnr2_auth_comp_id 
_struct_conn.ptnr2_auth_seq_id 
_struct_conn.ptnr2_symmetry 
_struct_conn.pdbx_ptnr3_label_atom_id 
_struct_conn.pdbx_ptnr3_label_seq_id 
_struct_conn.pdbx_ptnr3_label_comp_id 
_struct_conn.pdbx_ptnr3_label_asym_id 
_struct_conn.pdbx_ptnr3_label_alt_id 
_struct_conn.pdbx_ptnr3_PDB_ins_code 
_struct_conn.details 
_struct_conn.pdbx_dist_value 
_struct_conn.pdbx_value_order 
_struct_conn.pdbx_role 
metalc1 metalc ? ? A HIS 68  NE2 ? ? ? 1_555 B ZN . ZN ? ? A HIS 75  A ZN 300 1_555 ? ? ? ? ? ? ? 2.033 ? ? 
metalc2 metalc ? ? A HIS 83  NE2 ? ? ? 1_555 B ZN . ZN ? ? A HIS 90  A ZN 300 1_555 ? ? ? ? ? ? ? 2.190 ? ? 
metalc3 metalc ? ? A GLU 141 OE1 ? ? ? 6_465 B ZN . ZN ? ? A GLU 148 A ZN 300 1_555 ? ? ? ? ? ? ? 2.674 ? ? 
metalc4 metalc ? ? A GLU 141 OE2 ? ? ? 6_465 B ZN . ZN ? ? A GLU 148 A ZN 300 1_555 ? ? ? ? ? ? ? 2.282 ? ? 
metalc5 metalc ? ? C HOH .   O   ? ? ? 1_555 B ZN . ZN ? ? A HOH 201 A ZN 300 1_555 ? ? ? ? ? ? ? 2.100 ? ? 
# 
_struct_conn_type.id          metalc 
_struct_conn_type.criteria    ? 
_struct_conn_type.reference   ? 
# 
loop_
_pdbx_struct_conn_angle.id 
_pdbx_struct_conn_angle.ptnr1_label_atom_id 
_pdbx_struct_conn_angle.ptnr1_label_alt_id 
_pdbx_struct_conn_angle.ptnr1_label_asym_id 
_pdbx_struct_conn_angle.ptnr1_label_comp_id 
_pdbx_struct_conn_angle.ptnr1_label_seq_id 
_pdbx_struct_conn_angle.ptnr1_auth_atom_id 
_pdbx_struct_conn_angle.ptnr1_auth_asym_id 
_pdbx_struct_conn_angle.ptnr1_auth_comp_id 
_pdbx_struct_conn_angle.ptnr1_auth_seq_id 
_pdbx_struct_conn_angle.ptnr1_PDB_ins_code 
_pdbx_struct_conn_angle.ptnr1_symmetry 
_pdbx_struct_conn_angle.ptnr2_label_atom_id 
_pdbx_struct_conn_angle.ptnr2_label_alt_id 
_pdbx_struct_conn_angle.ptnr2_label_asym_id 
_pdbx_struct_conn_angle.ptnr2_label_comp_id 
_pdbx_struct_conn_angle.ptnr2_label_seq_id 
_pdbx_struct_conn_angle.ptnr2_auth_atom_id 
_pdbx_struct_conn_angle.ptnr2_auth_asym_id 
_pdbx_struct_conn_angle.ptnr2_auth_comp_id 
_pdbx_struct_conn_angle.ptnr2_auth_seq_id 
_pdbx_struct_conn_angle.ptnr2_PDB_ins_code 
_pdbx_struct_conn_angle.ptnr2_symmetry 
_pdbx_struct_conn_angle.ptnr3_label_atom_id 
_pdbx_struct_conn_angle.ptnr3_label_alt_id 
_pdbx_struct_conn_angle.ptnr3_label_asym_id 
_pdbx_struct_conn_angle.ptnr3_label_comp_id 
_pdbx_struct_conn_angle.ptnr3_label_seq_id 
_pdbx_struct_conn_angle.ptnr3_auth_atom_id 
_pdbx_struct_conn_angle.ptnr3_auth_asym_id 
_pdbx_struct_conn_angle.ptnr3_auth_comp_id 
_pdbx_struct_conn_angle.ptnr3_auth_seq_id 
_pdbx_struct_conn_angle.ptnr3_PDB_ins_code 
_pdbx_struct_conn_angle.ptnr3_symmetry 
_pdbx_struct_conn_angle.value 
_pdbx_struct_conn_angle.value_esd 
1  NE2 ? A HIS 68  ? A HIS 75  ? 1_555 ZN ? B ZN . ? A ZN 300 ? 1_555 NE2 ? A HIS 83  ? A HIS 90  ? 1_555 93.1  ? 
2  NE2 ? A HIS 68  ? A HIS 75  ? 1_555 ZN ? B ZN . ? A ZN 300 ? 1_555 OE1 ? A GLU 141 ? A GLU 148 ? 6_465 144.3 ? 
3  NE2 ? A HIS 83  ? A HIS 90  ? 1_555 ZN ? B ZN . ? A ZN 300 ? 1_555 OE1 ? A GLU 141 ? A GLU 148 ? 6_465 101.0 ? 
4  NE2 ? A HIS 68  ? A HIS 75  ? 1_555 ZN ? B ZN . ? A ZN 300 ? 1_555 OE2 ? A GLU 141 ? A GLU 148 ? 6_465 91.8  ? 
5  NE2 ? A HIS 83  ? A HIS 90  ? 1_555 ZN ? B ZN . ? A ZN 300 ? 1_555 OE2 ? A GLU 141 ? A GLU 148 ? 6_465 109.4 ? 
6  OE1 ? A GLU 141 ? A GLU 148 ? 6_465 ZN ? B ZN . ? A ZN 300 ? 1_555 OE2 ? A GLU 141 ? A GLU 148 ? 6_465 52.6  ? 
7  NE2 ? A HIS 68  ? A HIS 75  ? 1_555 ZN ? B ZN . ? A ZN 300 ? 1_555 O   ? C HOH .   ? A HOH 201 ? 1_555 126.1 ? 
8  NE2 ? A HIS 83  ? A HIS 90  ? 1_555 ZN ? B ZN . ? A ZN 300 ? 1_555 O   ? C HOH .   ? A HOH 201 ? 1_555 106.4 ? 
9  OE1 ? A GLU 141 ? A GLU 148 ? 6_465 ZN ? B ZN . ? A ZN 300 ? 1_555 O   ? C HOH .   ? A HOH 201 ? 1_555 81.1  ? 
10 OE2 ? A GLU 141 ? A GLU 148 ? 6_465 ZN ? B ZN . ? A ZN 300 ? 1_555 O   ? C HOH .   ? A HOH 201 ? 1_555 125.2 ? 
# 
loop_
_struct_sheet.id 
_struct_sheet.type 
_struct_sheet.number_strands 
_struct_sheet.details 
A ? 6 ? 
B ? 3 ? 
C ? 3 ? 
# 
loop_
_struct_sheet_order.sheet_id 
_struct_sheet_order.range_id_1 
_struct_sheet_order.range_id_2 
_struct_sheet_order.offset 
_struct_sheet_order.sense 
A 1 2 ? anti-parallel 
A 2 3 ? anti-parallel 
A 3 4 ? anti-parallel 
A 4 5 ? anti-parallel 
A 5 6 ? anti-parallel 
B 1 2 ? anti-parallel 
B 2 3 ? anti-parallel 
C 1 2 ? anti-parallel 
C 2 3 ? anti-parallel 
# 
loop_
_struct_sheet_range.sheet_id 
_struct_sheet_range.id 
_struct_sheet_range.beg_label_comp_id 
_struct_sheet_range.beg_label_asym_id 
_struct_sheet_range.beg_label_seq_id 
_struct_sheet_range.pdbx_beg_PDB_ins_code 
_struct_sheet_range.end_label_comp_id 
_struct_sheet_range.end_label_asym_id 
_struct_sheet_range.end_label_seq_id 
_struct_sheet_range.pdbx_end_PDB_ins_code 
_struct_sheet_range.beg_auth_comp_id 
_struct_sheet_range.beg_auth_asym_id 
_struct_sheet_range.beg_auth_seq_id 
_struct_sheet_range.end_auth_comp_id 
_struct_sheet_range.end_auth_asym_id 
_struct_sheet_range.end_auth_seq_id 
A 1 GLY A 21  ? ASN A 25  ? GLY A 28  ASN A 32  
A 2 ASP A 41  ? PRO A 47  ? ASP A 48  PRO A 54  
A 3 THR A 129 ? ILE A 133 ? THR A 136 ILE A 140 
A 4 GLU A 79  ? HIS A 83  ? GLU A 86  HIS A 90  
A 5 ALA A 69  ? SER A 74  ? ALA A 76  SER A 81  
A 6 GLY A 58  ? ILE A 60  ? GLY A 65  ILE A 67  
B 1 PHE A 96  ? ARG A 98  ? PHE A 103 ARG A 105 
B 2 THR A 111 ? PHE A 115 ? THR A 118 PHE A 122 
B 3 LYS A 51  ? VAL A 53  ? LYS A 58  VAL A 60  
C 1 GLU A 141 ? LYS A 144 ? GLU A 148 LYS A 151 
C 2 PRO A 155 ? LYS A 160 ? PRO A 162 LYS A 167 
C 3 ILE A 13  ? ILE A 16  ? ILE A 20  ILE A 23  
# 
loop_
_pdbx_struct_sheet_hbond.sheet_id 
_pdbx_struct_sheet_hbond.range_id_1 
_pdbx_struct_sheet_hbond.range_id_2 
_pdbx_struct_sheet_hbond.range_1_label_atom_id 
_pdbx_struct_sheet_hbond.range_1_label_comp_id 
_pdbx_struct_sheet_hbond.range_1_label_asym_id 
_pdbx_struct_sheet_hbond.range_1_label_seq_id 
_pdbx_struct_sheet_hbond.range_1_PDB_ins_code 
_pdbx_struct_sheet_hbond.range_1_auth_atom_id 
_pdbx_struct_sheet_hbond.range_1_auth_comp_id 
_pdbx_struct_sheet_hbond.range_1_auth_asym_id 
_pdbx_struct_sheet_hbond.range_1_auth_seq_id 
_pdbx_struct_sheet_hbond.range_2_label_atom_id 
_pdbx_struct_sheet_hbond.range_2_label_comp_id 
_pdbx_struct_sheet_hbond.range_2_label_asym_id 
_pdbx_struct_sheet_hbond.range_2_label_seq_id 
_pdbx_struct_sheet_hbond.range_2_PDB_ins_code 
_pdbx_struct_sheet_hbond.range_2_auth_atom_id 
_pdbx_struct_sheet_hbond.range_2_auth_comp_id 
_pdbx_struct_sheet_hbond.range_2_auth_asym_id 
_pdbx_struct_sheet_hbond.range_2_auth_seq_id 
A 1 2 O GLU A 22  ? O GLU A 29  N LYS A 46  ? N LYS A 53  
A 2 3 O ASP A 41  ? O ASP A 48  N ILE A 133 ? N ILE A 140 
A 3 4 O PRO A 130 ? O PRO A 137 N HIS A 83  ? N HIS A 90  
A 4 5 O LEU A 80  ? O LEU A 87  N ILE A 72  ? N ILE A 79  
A 5 6 O GLU A 73  ? O GLU A 80  N THR A 59  ? N THR A 66  
B 1 2 O LYS A 97  ? O LYS A 104 N GLU A 114 ? N GLU A 121 
B 2 3 O VAL A 112 ? O VAL A 119 N MET A 52  ? N MET A 59  
C 1 2 O GLU A 141 ? O GLU A 148 N LYS A 160 ? N LYS A 167 
C 2 3 O VAL A 156 ? O VAL A 163 N ILE A 15  ? N ILE A 22  
# 
loop_
_struct_site.id 
_struct_site.pdbx_evidence_code 
_struct_site.pdbx_auth_asym_id 
_struct_site.pdbx_auth_comp_id 
_struct_site.pdbx_auth_seq_id 
_struct_site.pdbx_auth_ins_code 
_struct_site.pdbx_num_residues 
_struct_site.details 
ZN  Unknown  ? ?  ?   ? 2 'INCLUDES GLU 148 FROM A NEIGHBORING MOLECULE AND ONE SOLVENT MOLECULE.' 
AC1 Software A ZN 300 ? 4 'BINDING SITE FOR RESIDUE ZN A 300'                                      
# 
loop_
_struct_site_gen.id 
_struct_site_gen.site_id 
_struct_site_gen.pdbx_num_res 
_struct_site_gen.label_comp_id 
_struct_site_gen.label_asym_id 
_struct_site_gen.label_seq_id 
_struct_site_gen.pdbx_auth_ins_code 
_struct_site_gen.auth_comp_id 
_struct_site_gen.auth_asym_id 
_struct_site_gen.auth_seq_id 
_struct_site_gen.label_atom_id 
_struct_site_gen.label_alt_id 
_struct_site_gen.symmetry 
_struct_site_gen.details 
1 ZN  2 HIS A 68  ? HIS A 75  . ? 1_555 ? 
2 ZN  2 HIS A 83  ? HIS A 90  . ? 1_555 ? 
3 AC1 4 HIS A 68  ? HIS A 75  . ? 1_555 ? 
4 AC1 4 HIS A 83  ? HIS A 90  . ? 1_555 ? 
5 AC1 4 GLU A 141 ? GLU A 148 . ? 6_465 ? 
6 AC1 4 HOH C .   ? HOH A 201 . ? 1_555 ? 
# 
loop_
_pdbx_validate_rmsd_bond.id 
_pdbx_validate_rmsd_bond.PDB_model_num 
_pdbx_validate_rmsd_bond.auth_atom_id_1 
_pdbx_validate_rmsd_bond.auth_asym_id_1 
_pdbx_validate_rmsd_bond.auth_comp_id_1 
_pdbx_validate_rmsd_bond.auth_seq_id_1 
_pdbx_validate_rmsd_bond.PDB_ins_code_1 
_pdbx_validate_rmsd_bond.label_alt_id_1 
_pdbx_validate_rmsd_bond.auth_atom_id_2 
_pdbx_validate_rmsd_bond.auth_asym_id_2 
_pdbx_validate_rmsd_bond.auth_comp_id_2 
_pdbx_validate_rmsd_bond.auth_seq_id_2 
_pdbx_validate_rmsd_bond.PDB_ins_code_2 
_pdbx_validate_rmsd_bond.label_alt_id_2 
_pdbx_validate_rmsd_bond.bond_value 
_pdbx_validate_rmsd_bond.bond_target_value 
_pdbx_validate_rmsd_bond.bond_deviation 
_pdbx_validate_rmsd_bond.bond_standard_deviation 
_pdbx_validate_rmsd_bond.linker_flag 
1 1 CD A GLU 21  ? ? OE1 A GLU 21  ? ? 1.323 1.252 0.071 0.011 N 
2 1 CD A GLU 29  ? ? OE1 A GLU 29  ? ? 1.327 1.252 0.075 0.011 N 
3 1 CD A GLU 80  ? ? OE1 A GLU 80  ? ? 1.330 1.252 0.078 0.011 N 
4 1 CD A GLU 97  ? ? OE2 A GLU 97  ? ? 1.322 1.252 0.070 0.011 N 
5 1 CD A GLU 101 ? ? OE1 A GLU 101 ? ? 1.331 1.252 0.079 0.011 N 
# 
loop_
_pdbx_validate_rmsd_angle.id 
_pdbx_validate_rmsd_angle.PDB_model_num 
_pdbx_validate_rmsd_angle.auth_atom_id_1 
_pdbx_validate_rmsd_angle.auth_asym_id_1 
_pdbx_validate_rmsd_angle.auth_comp_id_1 
_pdbx_validate_rmsd_angle.auth_seq_id_1 
_pdbx_validate_rmsd_angle.PDB_ins_code_1 
_pdbx_validate_rmsd_angle.label_alt_id_1 
_pdbx_validate_rmsd_angle.auth_atom_id_2 
_pdbx_validate_rmsd_angle.auth_asym_id_2 
_pdbx_validate_rmsd_angle.auth_comp_id_2 
_pdbx_validate_rmsd_angle.auth_seq_id_2 
_pdbx_validate_rmsd_angle.PDB_ins_code_2 
_pdbx_validate_rmsd_angle.label_alt_id_2 
_pdbx_validate_rmsd_angle.auth_atom_id_3 
_pdbx_validate_rmsd_angle.auth_asym_id_3 
_pdbx_validate_rmsd_angle.auth_comp_id_3 
_pdbx_validate_rmsd_angle.auth_seq_id_3 
_pdbx_validate_rmsd_angle.PDB_ins_code_3 
_pdbx_validate_rmsd_angle.label_alt_id_3 
_pdbx_validate_rmsd_angle.angle_value 
_pdbx_validate_rmsd_angle.angle_target_value 
_pdbx_validate_rmsd_angle.angle_deviation 
_pdbx_validate_rmsd_angle.angle_standard_deviation 
_pdbx_validate_rmsd_angle.linker_flag 
1 1 CB A ASP 48  ? ? CG A ASP 48  ? ? OD1 A ASP 48  ? ? 123.92 118.30 5.62  0.90 N 
2 1 C  A LYS 53  ? ? N  A PRO 54  ? ? CA  A PRO 54  ? ? 128.83 119.30 9.53  1.50 Y 
3 1 CB A ASP 64  ? ? CG A ASP 64  ? ? OD1 A ASP 64  ? ? 123.89 118.30 5.59  0.90 N 
4 1 CB A ASP 64  ? ? CG A ASP 64  ? ? OD2 A ASP 64  ? ? 112.18 118.30 -6.12 0.90 N 
5 1 CB A ASP 82  ? ? CG A ASP 82  ? ? OD2 A ASP 82  ? ? 112.73 118.30 -5.57 0.90 N 
6 1 CB A ASP 144 ? ? CG A ASP 144 ? ? OD1 A ASP 144 ? ? 112.67 118.30 -5.63 0.90 N 
7 1 CB A ASP 144 ? ? CG A ASP 144 ? ? OD2 A ASP 144 ? ? 124.35 118.30 6.05  0.90 N 
# 
loop_
_pdbx_validate_torsion.id 
_pdbx_validate_torsion.PDB_model_num 
_pdbx_validate_torsion.auth_comp_id 
_pdbx_validate_torsion.auth_asym_id 
_pdbx_validate_torsion.auth_seq_id 
_pdbx_validate_torsion.PDB_ins_code 
_pdbx_validate_torsion.label_alt_id 
_pdbx_validate_torsion.phi 
_pdbx_validate_torsion.psi 
1 1 PRO A 37  ? ? -55.01  43.78  
2 1 ASP A 38  ? ? -160.70 109.33 
3 1 ASN A 57  ? ? -142.50 10.15  
4 1 ASN A 142 ? ? -108.18 67.65  
5 1 VAL A 158 ? ? -37.00  127.42 
6 1 GLU A 160 ? ? -124.95 -56.73 
# 
loop_
_pdbx_unobs_or_zero_occ_residues.id 
_pdbx_unobs_or_zero_occ_residues.PDB_model_num 
_pdbx_unobs_or_zero_occ_residues.polymer_flag 
_pdbx_unobs_or_zero_occ_residues.occupancy_flag 
_pdbx_unobs_or_zero_occ_residues.auth_asym_id 
_pdbx_unobs_or_zero_occ_residues.auth_comp_id 
_pdbx_unobs_or_zero_occ_residues.auth_seq_id 
_pdbx_unobs_or_zero_occ_residues.PDB_ins_code 
_pdbx_unobs_or_zero_occ_residues.label_asym_id 
_pdbx_unobs_or_zero_occ_residues.label_comp_id 
_pdbx_unobs_or_zero_occ_residues.label_seq_id 
1  1 Y 1 A SER 8  ? A SER 1  
2  1 Y 1 A LEU 9  ? A LEU 2  
3  1 Y 1 A VAL 10 ? A VAL 3  
4  1 Y 1 A SER 11 ? A SER 4  
5  1 Y 1 A ASP 12 ? A ASP 5  
6  1 Y 1 A ASP 13 ? A ASP 6  
7  1 Y 1 A LYS 14 ? A LYS 7  
8  1 Y 1 A LYS 15 ? A LYS 8  
9  1 Y 1 A ASP 16 ? A ASP 9  
10 1 Y 1 A THR 17 ? A THR 10 
11 1 Y 1 A GLY 18 ? A GLY 11 
# 
loop_
_chem_comp_atom.comp_id 
_chem_comp_atom.atom_id 
_chem_comp_atom.type_symbol 
_chem_comp_atom.pdbx_aromatic_flag 
_chem_comp_atom.pdbx_stereo_config 
_chem_comp_atom.pdbx_ordinal 
ALA N    N  N N 1   
ALA CA   C  N S 2   
ALA C    C  N N 3   
ALA O    O  N N 4   
ALA CB   C  N N 5   
ALA OXT  O  N N 6   
ALA H    H  N N 7   
ALA H2   H  N N 8   
ALA HA   H  N N 9   
ALA HB1  H  N N 10  
ALA HB2  H  N N 11  
ALA HB3  H  N N 12  
ALA HXT  H  N N 13  
ARG N    N  N N 14  
ARG CA   C  N S 15  
ARG C    C  N N 16  
ARG O    O  N N 17  
ARG CB   C  N N 18  
ARG CG   C  N N 19  
ARG CD   C  N N 20  
ARG NE   N  N N 21  
ARG CZ   C  N N 22  
ARG NH1  N  N N 23  
ARG NH2  N  N N 24  
ARG OXT  O  N N 25  
ARG H    H  N N 26  
ARG H2   H  N N 27  
ARG HA   H  N N 28  
ARG HB2  H  N N 29  
ARG HB3  H  N N 30  
ARG HG2  H  N N 31  
ARG HG3  H  N N 32  
ARG HD2  H  N N 33  
ARG HD3  H  N N 34  
ARG HE   H  N N 35  
ARG HH11 H  N N 36  
ARG HH12 H  N N 37  
ARG HH21 H  N N 38  
ARG HH22 H  N N 39  
ARG HXT  H  N N 40  
ASN N    N  N N 41  
ASN CA   C  N S 42  
ASN C    C  N N 43  
ASN O    O  N N 44  
ASN CB   C  N N 45  
ASN CG   C  N N 46  
ASN OD1  O  N N 47  
ASN ND2  N  N N 48  
ASN OXT  O  N N 49  
ASN H    H  N N 50  
ASN H2   H  N N 51  
ASN HA   H  N N 52  
ASN HB2  H  N N 53  
ASN HB3  H  N N 54  
ASN HD21 H  N N 55  
ASN HD22 H  N N 56  
ASN HXT  H  N N 57  
ASP N    N  N N 58  
ASP CA   C  N S 59  
ASP C    C  N N 60  
ASP O    O  N N 61  
ASP CB   C  N N 62  
ASP CG   C  N N 63  
ASP OD1  O  N N 64  
ASP OD2  O  N N 65  
ASP OXT  O  N N 66  
ASP H    H  N N 67  
ASP H2   H  N N 68  
ASP HA   H  N N 69  
ASP HB2  H  N N 70  
ASP HB3  H  N N 71  
ASP HD2  H  N N 72  
ASP HXT  H  N N 73  
GLN N    N  N N 74  
GLN CA   C  N S 75  
GLN C    C  N N 76  
GLN O    O  N N 77  
GLN CB   C  N N 78  
GLN CG   C  N N 79  
GLN CD   C  N N 80  
GLN OE1  O  N N 81  
GLN NE2  N  N N 82  
GLN OXT  O  N N 83  
GLN H    H  N N 84  
GLN H2   H  N N 85  
GLN HA   H  N N 86  
GLN HB2  H  N N 87  
GLN HB3  H  N N 88  
GLN HG2  H  N N 89  
GLN HG3  H  N N 90  
GLN HE21 H  N N 91  
GLN HE22 H  N N 92  
GLN HXT  H  N N 93  
GLU N    N  N N 94  
GLU CA   C  N S 95  
GLU C    C  N N 96  
GLU O    O  N N 97  
GLU CB   C  N N 98  
GLU CG   C  N N 99  
GLU CD   C  N N 100 
GLU OE1  O  N N 101 
GLU OE2  O  N N 102 
GLU OXT  O  N N 103 
GLU H    H  N N 104 
GLU H2   H  N N 105 
GLU HA   H  N N 106 
GLU HB2  H  N N 107 
GLU HB3  H  N N 108 
GLU HG2  H  N N 109 
GLU HG3  H  N N 110 
GLU HE2  H  N N 111 
GLU HXT  H  N N 112 
GLY N    N  N N 113 
GLY CA   C  N N 114 
GLY C    C  N N 115 
GLY O    O  N N 116 
GLY OXT  O  N N 117 
GLY H    H  N N 118 
GLY H2   H  N N 119 
GLY HA2  H  N N 120 
GLY HA3  H  N N 121 
GLY HXT  H  N N 122 
HIS N    N  N N 123 
HIS CA   C  N S 124 
HIS C    C  N N 125 
HIS O    O  N N 126 
HIS CB   C  N N 127 
HIS CG   C  Y N 128 
HIS ND1  N  Y N 129 
HIS CD2  C  Y N 130 
HIS CE1  C  Y N 131 
HIS NE2  N  Y N 132 
HIS OXT  O  N N 133 
HIS H    H  N N 134 
HIS H2   H  N N 135 
HIS HA   H  N N 136 
HIS HB2  H  N N 137 
HIS HB3  H  N N 138 
HIS HD1  H  N N 139 
HIS HD2  H  N N 140 
HIS HE1  H  N N 141 
HIS HE2  H  N N 142 
HIS HXT  H  N N 143 
HOH O    O  N N 144 
HOH H1   H  N N 145 
HOH H2   H  N N 146 
ILE N    N  N N 147 
ILE CA   C  N S 148 
ILE C    C  N N 149 
ILE O    O  N N 150 
ILE CB   C  N S 151 
ILE CG1  C  N N 152 
ILE CG2  C  N N 153 
ILE CD1  C  N N 154 
ILE OXT  O  N N 155 
ILE H    H  N N 156 
ILE H2   H  N N 157 
ILE HA   H  N N 158 
ILE HB   H  N N 159 
ILE HG12 H  N N 160 
ILE HG13 H  N N 161 
ILE HG21 H  N N 162 
ILE HG22 H  N N 163 
ILE HG23 H  N N 164 
ILE HD11 H  N N 165 
ILE HD12 H  N N 166 
ILE HD13 H  N N 167 
ILE HXT  H  N N 168 
LEU N    N  N N 169 
LEU CA   C  N S 170 
LEU C    C  N N 171 
LEU O    O  N N 172 
LEU CB   C  N N 173 
LEU CG   C  N N 174 
LEU CD1  C  N N 175 
LEU CD2  C  N N 176 
LEU OXT  O  N N 177 
LEU H    H  N N 178 
LEU H2   H  N N 179 
LEU HA   H  N N 180 
LEU HB2  H  N N 181 
LEU HB3  H  N N 182 
LEU HG   H  N N 183 
LEU HD11 H  N N 184 
LEU HD12 H  N N 185 
LEU HD13 H  N N 186 
LEU HD21 H  N N 187 
LEU HD22 H  N N 188 
LEU HD23 H  N N 189 
LEU HXT  H  N N 190 
LYS N    N  N N 191 
LYS CA   C  N S 192 
LYS C    C  N N 193 
LYS O    O  N N 194 
LYS CB   C  N N 195 
LYS CG   C  N N 196 
LYS CD   C  N N 197 
LYS CE   C  N N 198 
LYS NZ   N  N N 199 
LYS OXT  O  N N 200 
LYS H    H  N N 201 
LYS H2   H  N N 202 
LYS HA   H  N N 203 
LYS HB2  H  N N 204 
LYS HB3  H  N N 205 
LYS HG2  H  N N 206 
LYS HG3  H  N N 207 
LYS HD2  H  N N 208 
LYS HD3  H  N N 209 
LYS HE2  H  N N 210 
LYS HE3  H  N N 211 
LYS HZ1  H  N N 212 
LYS HZ2  H  N N 213 
LYS HZ3  H  N N 214 
LYS HXT  H  N N 215 
MET N    N  N N 216 
MET CA   C  N S 217 
MET C    C  N N 218 
MET O    O  N N 219 
MET CB   C  N N 220 
MET CG   C  N N 221 
MET SD   S  N N 222 
MET CE   C  N N 223 
MET OXT  O  N N 224 
MET H    H  N N 225 
MET H2   H  N N 226 
MET HA   H  N N 227 
MET HB2  H  N N 228 
MET HB3  H  N N 229 
MET HG2  H  N N 230 
MET HG3  H  N N 231 
MET HE1  H  N N 232 
MET HE2  H  N N 233 
MET HE3  H  N N 234 
MET HXT  H  N N 235 
PHE N    N  N N 236 
PHE CA   C  N S 237 
PHE C    C  N N 238 
PHE O    O  N N 239 
PHE CB   C  N N 240 
PHE CG   C  Y N 241 
PHE CD1  C  Y N 242 
PHE CD2  C  Y N 243 
PHE CE1  C  Y N 244 
PHE CE2  C  Y N 245 
PHE CZ   C  Y N 246 
PHE OXT  O  N N 247 
PHE H    H  N N 248 
PHE H2   H  N N 249 
PHE HA   H  N N 250 
PHE HB2  H  N N 251 
PHE HB3  H  N N 252 
PHE HD1  H  N N 253 
PHE HD2  H  N N 254 
PHE HE1  H  N N 255 
PHE HE2  H  N N 256 
PHE HZ   H  N N 257 
PHE HXT  H  N N 258 
PRO N    N  N N 259 
PRO CA   C  N S 260 
PRO C    C  N N 261 
PRO O    O  N N 262 
PRO CB   C  N N 263 
PRO CG   C  N N 264 
PRO CD   C  N N 265 
PRO OXT  O  N N 266 
PRO H    H  N N 267 
PRO HA   H  N N 268 
PRO HB2  H  N N 269 
PRO HB3  H  N N 270 
PRO HG2  H  N N 271 
PRO HG3  H  N N 272 
PRO HD2  H  N N 273 
PRO HD3  H  N N 274 
PRO HXT  H  N N 275 
SER N    N  N N 276 
SER CA   C  N S 277 
SER C    C  N N 278 
SER O    O  N N 279 
SER CB   C  N N 280 
SER OG   O  N N 281 
SER OXT  O  N N 282 
SER H    H  N N 283 
SER H2   H  N N 284 
SER HA   H  N N 285 
SER HB2  H  N N 286 
SER HB3  H  N N 287 
SER HG   H  N N 288 
SER HXT  H  N N 289 
THR N    N  N N 290 
THR CA   C  N S 291 
THR C    C  N N 292 
THR O    O  N N 293 
THR CB   C  N R 294 
THR OG1  O  N N 295 
THR CG2  C  N N 296 
THR OXT  O  N N 297 
THR H    H  N N 298 
THR H2   H  N N 299 
THR HA   H  N N 300 
THR HB   H  N N 301 
THR HG1  H  N N 302 
THR HG21 H  N N 303 
THR HG22 H  N N 304 
THR HG23 H  N N 305 
THR HXT  H  N N 306 
VAL N    N  N N 307 
VAL CA   C  N S 308 
VAL C    C  N N 309 
VAL O    O  N N 310 
VAL CB   C  N N 311 
VAL CG1  C  N N 312 
VAL CG2  C  N N 313 
VAL OXT  O  N N 314 
VAL H    H  N N 315 
VAL H2   H  N N 316 
VAL HA   H  N N 317 
VAL HB   H  N N 318 
VAL HG11 H  N N 319 
VAL HG12 H  N N 320 
VAL HG13 H  N N 321 
VAL HG21 H  N N 322 
VAL HG22 H  N N 323 
VAL HG23 H  N N 324 
VAL HXT  H  N N 325 
ZN  ZN   ZN N N 326 
# 
loop_
_chem_comp_bond.comp_id 
_chem_comp_bond.atom_id_1 
_chem_comp_bond.atom_id_2 
_chem_comp_bond.value_order 
_chem_comp_bond.pdbx_aromatic_flag 
_chem_comp_bond.pdbx_stereo_config 
_chem_comp_bond.pdbx_ordinal 
ALA N   CA   sing N N 1   
ALA N   H    sing N N 2   
ALA N   H2   sing N N 3   
ALA CA  C    sing N N 4   
ALA CA  CB   sing N N 5   
ALA CA  HA   sing N N 6   
ALA C   O    doub N N 7   
ALA C   OXT  sing N N 8   
ALA CB  HB1  sing N N 9   
ALA CB  HB2  sing N N 10  
ALA CB  HB3  sing N N 11  
ALA OXT HXT  sing N N 12  
ARG N   CA   sing N N 13  
ARG N   H    sing N N 14  
ARG N   H2   sing N N 15  
ARG CA  C    sing N N 16  
ARG CA  CB   sing N N 17  
ARG CA  HA   sing N N 18  
ARG C   O    doub N N 19  
ARG C   OXT  sing N N 20  
ARG CB  CG   sing N N 21  
ARG CB  HB2  sing N N 22  
ARG CB  HB3  sing N N 23  
ARG CG  CD   sing N N 24  
ARG CG  HG2  sing N N 25  
ARG CG  HG3  sing N N 26  
ARG CD  NE   sing N N 27  
ARG CD  HD2  sing N N 28  
ARG CD  HD3  sing N N 29  
ARG NE  CZ   sing N N 30  
ARG NE  HE   sing N N 31  
ARG CZ  NH1  sing N N 32  
ARG CZ  NH2  doub N N 33  
ARG NH1 HH11 sing N N 34  
ARG NH1 HH12 sing N N 35  
ARG NH2 HH21 sing N N 36  
ARG NH2 HH22 sing N N 37  
ARG OXT HXT  sing N N 38  
ASN N   CA   sing N N 39  
ASN N   H    sing N N 40  
ASN N   H2   sing N N 41  
ASN CA  C    sing N N 42  
ASN CA  CB   sing N N 43  
ASN CA  HA   sing N N 44  
ASN C   O    doub N N 45  
ASN C   OXT  sing N N 46  
ASN CB  CG   sing N N 47  
ASN CB  HB2  sing N N 48  
ASN CB  HB3  sing N N 49  
ASN CG  OD1  doub N N 50  
ASN CG  ND2  sing N N 51  
ASN ND2 HD21 sing N N 52  
ASN ND2 HD22 sing N N 53  
ASN OXT HXT  sing N N 54  
ASP N   CA   sing N N 55  
ASP N   H    sing N N 56  
ASP N   H2   sing N N 57  
ASP CA  C    sing N N 58  
ASP CA  CB   sing N N 59  
ASP CA  HA   sing N N 60  
ASP C   O    doub N N 61  
ASP C   OXT  sing N N 62  
ASP CB  CG   sing N N 63  
ASP CB  HB2  sing N N 64  
ASP CB  HB3  sing N N 65  
ASP CG  OD1  doub N N 66  
ASP CG  OD2  sing N N 67  
ASP OD2 HD2  sing N N 68  
ASP OXT HXT  sing N N 69  
GLN N   CA   sing N N 70  
GLN N   H    sing N N 71  
GLN N   H2   sing N N 72  
GLN CA  C    sing N N 73  
GLN CA  CB   sing N N 74  
GLN CA  HA   sing N N 75  
GLN C   O    doub N N 76  
GLN C   OXT  sing N N 77  
GLN CB  CG   sing N N 78  
GLN CB  HB2  sing N N 79  
GLN CB  HB3  sing N N 80  
GLN CG  CD   sing N N 81  
GLN CG  HG2  sing N N 82  
GLN CG  HG3  sing N N 83  
GLN CD  OE1  doub N N 84  
GLN CD  NE2  sing N N 85  
GLN NE2 HE21 sing N N 86  
GLN NE2 HE22 sing N N 87  
GLN OXT HXT  sing N N 88  
GLU N   CA   sing N N 89  
GLU N   H    sing N N 90  
GLU N   H2   sing N N 91  
GLU CA  C    sing N N 92  
GLU CA  CB   sing N N 93  
GLU CA  HA   sing N N 94  
GLU C   O    doub N N 95  
GLU C   OXT  sing N N 96  
GLU CB  CG   sing N N 97  
GLU CB  HB2  sing N N 98  
GLU CB  HB3  sing N N 99  
GLU CG  CD   sing N N 100 
GLU CG  HG2  sing N N 101 
GLU CG  HG3  sing N N 102 
GLU CD  OE1  doub N N 103 
GLU CD  OE2  sing N N 104 
GLU OE2 HE2  sing N N 105 
GLU OXT HXT  sing N N 106 
GLY N   CA   sing N N 107 
GLY N   H    sing N N 108 
GLY N   H2   sing N N 109 
GLY CA  C    sing N N 110 
GLY CA  HA2  sing N N 111 
GLY CA  HA3  sing N N 112 
GLY C   O    doub N N 113 
GLY C   OXT  sing N N 114 
GLY OXT HXT  sing N N 115 
HIS N   CA   sing N N 116 
HIS N   H    sing N N 117 
HIS N   H2   sing N N 118 
HIS CA  C    sing N N 119 
HIS CA  CB   sing N N 120 
HIS CA  HA   sing N N 121 
HIS C   O    doub N N 122 
HIS C   OXT  sing N N 123 
HIS CB  CG   sing N N 124 
HIS CB  HB2  sing N N 125 
HIS CB  HB3  sing N N 126 
HIS CG  ND1  sing Y N 127 
HIS CG  CD2  doub Y N 128 
HIS ND1 CE1  doub Y N 129 
HIS ND1 HD1  sing N N 130 
HIS CD2 NE2  sing Y N 131 
HIS CD2 HD2  sing N N 132 
HIS CE1 NE2  sing Y N 133 
HIS CE1 HE1  sing N N 134 
HIS NE2 HE2  sing N N 135 
HIS OXT HXT  sing N N 136 
HOH O   H1   sing N N 137 
HOH O   H2   sing N N 138 
ILE N   CA   sing N N 139 
ILE N   H    sing N N 140 
ILE N   H2   sing N N 141 
ILE CA  C    sing N N 142 
ILE CA  CB   sing N N 143 
ILE CA  HA   sing N N 144 
ILE C   O    doub N N 145 
ILE C   OXT  sing N N 146 
ILE CB  CG1  sing N N 147 
ILE CB  CG2  sing N N 148 
ILE CB  HB   sing N N 149 
ILE CG1 CD1  sing N N 150 
ILE CG1 HG12 sing N N 151 
ILE CG1 HG13 sing N N 152 
ILE CG2 HG21 sing N N 153 
ILE CG2 HG22 sing N N 154 
ILE CG2 HG23 sing N N 155 
ILE CD1 HD11 sing N N 156 
ILE CD1 HD12 sing N N 157 
ILE CD1 HD13 sing N N 158 
ILE OXT HXT  sing N N 159 
LEU N   CA   sing N N 160 
LEU N   H    sing N N 161 
LEU N   H2   sing N N 162 
LEU CA  C    sing N N 163 
LEU CA  CB   sing N N 164 
LEU CA  HA   sing N N 165 
LEU C   O    doub N N 166 
LEU C   OXT  sing N N 167 
LEU CB  CG   sing N N 168 
LEU CB  HB2  sing N N 169 
LEU CB  HB3  sing N N 170 
LEU CG  CD1  sing N N 171 
LEU CG  CD2  sing N N 172 
LEU CG  HG   sing N N 173 
LEU CD1 HD11 sing N N 174 
LEU CD1 HD12 sing N N 175 
LEU CD1 HD13 sing N N 176 
LEU CD2 HD21 sing N N 177 
LEU CD2 HD22 sing N N 178 
LEU CD2 HD23 sing N N 179 
LEU OXT HXT  sing N N 180 
LYS N   CA   sing N N 181 
LYS N   H    sing N N 182 
LYS N   H2   sing N N 183 
LYS CA  C    sing N N 184 
LYS CA  CB   sing N N 185 
LYS CA  HA   sing N N 186 
LYS C   O    doub N N 187 
LYS C   OXT  sing N N 188 
LYS CB  CG   sing N N 189 
LYS CB  HB2  sing N N 190 
LYS CB  HB3  sing N N 191 
LYS CG  CD   sing N N 192 
LYS CG  HG2  sing N N 193 
LYS CG  HG3  sing N N 194 
LYS CD  CE   sing N N 195 
LYS CD  HD2  sing N N 196 
LYS CD  HD3  sing N N 197 
LYS CE  NZ   sing N N 198 
LYS CE  HE2  sing N N 199 
LYS CE  HE3  sing N N 200 
LYS NZ  HZ1  sing N N 201 
LYS NZ  HZ2  sing N N 202 
LYS NZ  HZ3  sing N N 203 
LYS OXT HXT  sing N N 204 
MET N   CA   sing N N 205 
MET N   H    sing N N 206 
MET N   H2   sing N N 207 
MET CA  C    sing N N 208 
MET CA  CB   sing N N 209 
MET CA  HA   sing N N 210 
MET C   O    doub N N 211 
MET C   OXT  sing N N 212 
MET CB  CG   sing N N 213 
MET CB  HB2  sing N N 214 
MET CB  HB3  sing N N 215 
MET CG  SD   sing N N 216 
MET CG  HG2  sing N N 217 
MET CG  HG3  sing N N 218 
MET SD  CE   sing N N 219 
MET CE  HE1  sing N N 220 
MET CE  HE2  sing N N 221 
MET CE  HE3  sing N N 222 
MET OXT HXT  sing N N 223 
PHE N   CA   sing N N 224 
PHE N   H    sing N N 225 
PHE N   H2   sing N N 226 
PHE CA  C    sing N N 227 
PHE CA  CB   sing N N 228 
PHE CA  HA   sing N N 229 
PHE C   O    doub N N 230 
PHE C   OXT  sing N N 231 
PHE CB  CG   sing N N 232 
PHE CB  HB2  sing N N 233 
PHE CB  HB3  sing N N 234 
PHE CG  CD1  doub Y N 235 
PHE CG  CD2  sing Y N 236 
PHE CD1 CE1  sing Y N 237 
PHE CD1 HD1  sing N N 238 
PHE CD2 CE2  doub Y N 239 
PHE CD2 HD2  sing N N 240 
PHE CE1 CZ   doub Y N 241 
PHE CE1 HE1  sing N N 242 
PHE CE2 CZ   sing Y N 243 
PHE CE2 HE2  sing N N 244 
PHE CZ  HZ   sing N N 245 
PHE OXT HXT  sing N N 246 
PRO N   CA   sing N N 247 
PRO N   CD   sing N N 248 
PRO N   H    sing N N 249 
PRO CA  C    sing N N 250 
PRO CA  CB   sing N N 251 
PRO CA  HA   sing N N 252 
PRO C   O    doub N N 253 
PRO C   OXT  sing N N 254 
PRO CB  CG   sing N N 255 
PRO CB  HB2  sing N N 256 
PRO CB  HB3  sing N N 257 
PRO CG  CD   sing N N 258 
PRO CG  HG2  sing N N 259 
PRO CG  HG3  sing N N 260 
PRO CD  HD2  sing N N 261 
PRO CD  HD3  sing N N 262 
PRO OXT HXT  sing N N 263 
SER N   CA   sing N N 264 
SER N   H    sing N N 265 
SER N   H2   sing N N 266 
SER CA  C    sing N N 267 
SER CA  CB   sing N N 268 
SER CA  HA   sing N N 269 
SER C   O    doub N N 270 
SER C   OXT  sing N N 271 
SER CB  OG   sing N N 272 
SER CB  HB2  sing N N 273 
SER CB  HB3  sing N N 274 
SER OG  HG   sing N N 275 
SER OXT HXT  sing N N 276 
THR N   CA   sing N N 277 
THR N   H    sing N N 278 
THR N   H2   sing N N 279 
THR CA  C    sing N N 280 
THR CA  CB   sing N N 281 
THR CA  HA   sing N N 282 
THR C   O    doub N N 283 
THR C   OXT  sing N N 284 
THR CB  OG1  sing N N 285 
THR CB  CG2  sing N N 286 
THR CB  HB   sing N N 287 
THR OG1 HG1  sing N N 288 
THR CG2 HG21 sing N N 289 
THR CG2 HG22 sing N N 290 
THR CG2 HG23 sing N N 291 
THR OXT HXT  sing N N 292 
VAL N   CA   sing N N 293 
VAL N   H    sing N N 294 
VAL N   H2   sing N N 295 
VAL CA  C    sing N N 296 
VAL CA  CB   sing N N 297 
VAL CA  HA   sing N N 298 
VAL C   O    doub N N 299 
VAL C   OXT  sing N N 300 
VAL CB  CG1  sing N N 301 
VAL CB  CG2  sing N N 302 
VAL CB  HB   sing N N 303 
VAL CG1 HG11 sing N N 304 
VAL CG1 HG12 sing N N 305 
VAL CG1 HG13 sing N N 306 
VAL CG2 HG21 sing N N 307 
VAL CG2 HG22 sing N N 308 
VAL CG2 HG23 sing N N 309 
VAL OXT HXT  sing N N 310 
# 
_pdbx_initial_refinement_model.id               1 
_pdbx_initial_refinement_model.entity_id_list   ? 
_pdbx_initial_refinement_model.type             'experimental model' 
_pdbx_initial_refinement_model.source_name      PDB 
_pdbx_initial_refinement_model.accession_code   1F3G 
_pdbx_initial_refinement_model.details          'PDB ENTRY 1F3G' 
# 
_atom_sites.entry_id                    1F3Z 
_atom_sites.fract_transf_matrix[1][1]   0.00488115 
_atom_sites.fract_transf_matrix[1][2]   0.01983731 
_atom_sites.fract_transf_matrix[1][3]   0.00470582 
_atom_sites.fract_transf_matrix[2][1]   -0.01829374 
_atom_sites.fract_transf_matrix[2][2]   0.00212545 
_atom_sites.fract_transf_matrix[2][3]   0.01001552 
_atom_sites.fract_transf_matrix[3][1]   0.00296914 
_atom_sites.fract_transf_matrix[3][2]   -0.00212402 
_atom_sites.fract_transf_matrix[3][3]   0.00587400 
_atom_sites.fract_transf_vector[1]      0.855912 
_atom_sites.fract_transf_vector[2]      0.816925 
_atom_sites.fract_transf_vector[3]      0.185135 
# 
loop_
_atom_type.symbol 
C  
N  
O  
S  
ZN 
# 
loop_
_atom_site.group_PDB 
_atom_site.id 
_atom_site.type_symbol 
_atom_site.label_atom_id 
_atom_site.label_alt_id 
_atom_site.label_comp_id 
_atom_site.label_asym_id 
_atom_site.label_entity_id 
_atom_site.label_seq_id 
_atom_site.pdbx_PDB_ins_code 
_atom_site.Cartn_x 
_atom_site.Cartn_y 
_atom_site.Cartn_z 
_atom_site.occupancy 
_atom_site.B_iso_or_equiv 
_atom_site.pdbx_formal_charge 
_atom_site.auth_seq_id 
_atom_site.auth_comp_id 
_atom_site.auth_asym_id 
_atom_site.auth_atom_id 
_atom_site.pdbx_PDB_model_num 
ATOM   1    N  N   . THR A 1 12  ? -12.839 15.108  -5.722  1.00 69.85 ? 19  THR A N   1 
ATOM   2    C  CA  . THR A 1 12  ? -11.462 14.985  -5.273  1.00 69.95 ? 19  THR A CA  1 
ATOM   3    C  C   . THR A 1 12  ? -11.286 13.967  -4.145  1.00 63.70 ? 19  THR A C   1 
ATOM   4    O  O   . THR A 1 12  ? -11.767 14.152  -3.022  1.00 66.54 ? 19  THR A O   1 
ATOM   5    C  CB  . THR A 1 12  ? -10.822 16.352  -4.906  1.00 75.00 ? 19  THR A CB  1 
ATOM   6    O  OG1 . THR A 1 12  ? -9.402  16.258  -4.841  1.00 75.00 ? 19  THR A OG1 1 
ATOM   7    C  CG2 . THR A 1 12  ? -11.342 16.853  -3.559  1.00 75.00 ? 19  THR A CG2 1 
ATOM   8    N  N   . ILE A 1 13  ? -10.565 12.890  -4.434  1.00 48.92 ? 20  ILE A N   1 
ATOM   9    C  CA  . ILE A 1 13  ? -10.332 11.930  -3.390  1.00 43.91 ? 20  ILE A CA  1 
ATOM   10   C  C   . ILE A 1 13  ? -8.964  12.097  -2.794  1.00 52.89 ? 20  ILE A C   1 
ATOM   11   O  O   . ILE A 1 13  ? -8.015  12.528  -3.474  1.00 48.00 ? 20  ILE A O   1 
ATOM   12   C  CB  . ILE A 1 13  ? -10.547 10.495  -3.794  1.00 41.90 ? 20  ILE A CB  1 
ATOM   13   C  CG1 . ILE A 1 13  ? -11.955 10.303  -4.328  1.00 45.48 ? 20  ILE A CG1 1 
ATOM   14   C  CG2 . ILE A 1 13  ? -10.324 9.604   -2.592  1.00 34.42 ? 20  ILE A CG2 1 
ATOM   15   C  CD1 . ILE A 1 13  ? -11.961 9.540   -5.652  1.00 60.48 ? 20  ILE A CD1 1 
ATOM   16   N  N   . GLU A 1 14  ? -8.901  11.710  -1.519  1.00 48.34 ? 21  GLU A N   1 
ATOM   17   C  CA  . GLU A 1 14  ? -7.719  11.770  -0.694  1.00 44.43 ? 21  GLU A CA  1 
ATOM   18   C  C   . GLU A 1 14  ? -7.253  10.399  -0.241  1.00 39.02 ? 21  GLU A C   1 
ATOM   19   O  O   . GLU A 1 14  ? -7.872  9.733   0.587   1.00 47.38 ? 21  GLU A O   1 
ATOM   20   C  CB  . GLU A 1 14  ? -8.058  12.604  0.544   1.00 48.31 ? 21  GLU A CB  1 
ATOM   21   C  CG  . GLU A 1 14  ? -6.917  13.499  1.046   1.00 75.00 ? 21  GLU A CG  1 
ATOM   22   C  CD  . GLU A 1 14  ? -7.329  14.257  2.270   1.00 75.00 ? 21  GLU A CD  1 
ATOM   23   O  OE1 . GLU A 1 14  ? -8.531  13.929  2.711   1.00 65.85 ? 21  GLU A OE1 1 
ATOM   24   O  OE2 . GLU A 1 14  ? -6.634  15.138  2.749   1.00 75.00 ? 21  GLU A OE2 1 
ATOM   25   N  N   . ILE A 1 15  ? -6.113  9.984   -0.721  1.00 29.26 ? 22  ILE A N   1 
ATOM   26   C  CA  . ILE A 1 15  ? -5.628  8.722   -0.270  1.00 25.99 ? 22  ILE A CA  1 
ATOM   27   C  C   . ILE A 1 15  ? -4.659  8.892   0.879   1.00 33.19 ? 22  ILE A C   1 
ATOM   28   O  O   . ILE A 1 15  ? -3.631  9.545   0.741   1.00 36.75 ? 22  ILE A O   1 
ATOM   29   C  CB  . ILE A 1 15  ? -5.007  7.971   -1.416  1.00 30.04 ? 22  ILE A CB  1 
ATOM   30   C  CG1 . ILE A 1 15  ? -6.139  7.472   -2.304  1.00 26.96 ? 22  ILE A CG1 1 
ATOM   31   C  CG2 . ILE A 1 15  ? -4.194  6.804   -0.886  1.00 29.03 ? 22  ILE A CG2 1 
ATOM   32   C  CD1 . ILE A 1 15  ? -5.834  7.731   -3.764  1.00 24.04 ? 22  ILE A CD1 1 
ATOM   33   N  N   . ILE A 1 16  ? -5.006  8.291   2.016   1.00 28.35 ? 23  ILE A N   1 
ATOM   34   C  CA  . ILE A 1 16  ? -4.177  8.326   3.204   1.00 30.46 ? 23  ILE A CA  1 
ATOM   35   C  C   . ILE A 1 16  ? -3.289  7.082   3.408   1.00 30.25 ? 23  ILE A C   1 
ATOM   36   O  O   . ILE A 1 16  ? -3.651  5.930   3.125   1.00 26.79 ? 23  ILE A O   1 
ATOM   37   C  CB  . ILE A 1 16  ? -5.018  8.592   4.434   1.00 34.06 ? 23  ILE A CB  1 
ATOM   38   C  CG1 . ILE A 1 16  ? -5.893  9.786   4.177   1.00 28.97 ? 23  ILE A CG1 1 
ATOM   39   C  CG2 . ILE A 1 16  ? -4.123  8.844   5.635   1.00 36.19 ? 23  ILE A CG2 1 
ATOM   40   C  CD1 . ILE A 1 16  ? -7.239  9.571   4.816   1.00 29.41 ? 23  ILE A CD1 1 
ATOM   41   N  N   . ALA A 1 17  ? -2.112  7.347   3.948   1.00 20.17 ? 24  ALA A N   1 
ATOM   42   C  CA  . ALA A 1 17  ? -1.062  6.387   4.207   1.00 18.62 ? 24  ALA A CA  1 
ATOM   43   C  C   . ALA A 1 17  ? -1.512  5.101   4.862   1.00 27.82 ? 24  ALA A C   1 
ATOM   44   O  O   . ALA A 1 17  ? -2.149  5.100   5.911   1.00 30.46 ? 24  ALA A O   1 
ATOM   45   C  CB  . ALA A 1 17  ? 0.043   7.051   5.020   1.00 23.47 ? 24  ALA A CB  1 
ATOM   46   N  N   . PRO A 1 18  ? -1.105  3.996   4.263   1.00 21.92 ? 25  PRO A N   1 
ATOM   47   C  CA  . PRO A 1 18  ? -1.437  2.692   4.760   1.00 19.37 ? 25  PRO A CA  1 
ATOM   48   C  C   . PRO A 1 18  ? -0.428  2.254   5.800   1.00 24.73 ? 25  PRO A C   1 
ATOM   49   O  O   . PRO A 1 18  ? -0.657  1.378   6.646   1.00 28.93 ? 25  PRO A O   1 
ATOM   50   C  CB  . PRO A 1 18  ? -1.382  1.763   3.547   1.00 23.81 ? 25  PRO A CB  1 
ATOM   51   C  CG  . PRO A 1 18  ? -1.057  2.610   2.323   1.00 24.27 ? 25  PRO A CG  1 
ATOM   52   C  CD  . PRO A 1 18  ? -1.050  4.041   2.789   1.00 19.70 ? 25  PRO A CD  1 
ATOM   53   N  N   . LEU A 1 19  ? 0.711   2.900   5.736   1.00 23.40 ? 26  LEU A N   1 
ATOM   54   C  CA  . LEU A 1 19  ? 1.753   2.594   6.683   1.00 24.36 ? 26  LEU A CA  1 
ATOM   55   C  C   . LEU A 1 19  ? 2.645   3.797   6.983   1.00 28.01 ? 26  LEU A C   1 
ATOM   56   O  O   . LEU A 1 19  ? 2.593   4.808   6.301   1.00 26.47 ? 26  LEU A O   1 
ATOM   57   C  CB  . LEU A 1 19  ? 2.504   1.293   6.339   1.00 24.67 ? 26  LEU A CB  1 
ATOM   58   C  CG  . LEU A 1 19  ? 3.450   1.399   5.151   1.00 28.40 ? 26  LEU A CG  1 
ATOM   59   C  CD1 . LEU A 1 19  ? 4.156   0.069   4.953   1.00 30.33 ? 26  LEU A CD1 1 
ATOM   60   C  CD2 . LEU A 1 19  ? 2.654   1.706   3.901   1.00 37.33 ? 26  LEU A CD2 1 
ATOM   61   N  N   . SER A 1 20  ? 3.431   3.738   8.046   1.00 29.25 ? 27  SER A N   1 
ATOM   62   C  CA  . SER A 1 20  ? 4.263   4.886   8.362   1.00 28.45 ? 27  SER A CA  1 
ATOM   63   C  C   . SER A 1 20  ? 5.598   4.830   7.665   1.00 33.17 ? 27  SER A C   1 
ATOM   64   O  O   . SER A 1 20  ? 6.114   3.732   7.369   1.00 37.68 ? 27  SER A O   1 
ATOM   65   C  CB  . SER A 1 20  ? 4.463   5.062   9.862   1.00 36.62 ? 27  SER A CB  1 
ATOM   66   O  OG  . SER A 1 20  ? 3.338   5.713   10.424  1.00 55.44 ? 27  SER A OG  1 
ATOM   67   N  N   . GLY A 1 21  ? 6.187   6.019   7.473   1.00 16.73 ? 28  GLY A N   1 
ATOM   68   C  CA  . GLY A 1 21  ? 7.490   6.097   6.825   1.00 23.40 ? 28  GLY A CA  1 
ATOM   69   C  C   . GLY A 1 21  ? 7.643   7.293   5.903   1.00 27.95 ? 28  GLY A C   1 
ATOM   70   O  O   . GLY A 1 21  ? 6.954   8.300   6.023   1.00 25.85 ? 28  GLY A O   1 
ATOM   71   N  N   . GLU A 1 22  ? 8.579   7.159   4.991   1.00 26.03 ? 29  GLU A N   1 
ATOM   72   C  CA  . GLU A 1 22  ? 8.861   8.219   4.050   1.00 28.63 ? 29  GLU A CA  1 
ATOM   73   C  C   . GLU A 1 22  ? 8.408   7.854   2.674   1.00 29.51 ? 29  GLU A C   1 
ATOM   74   O  O   . GLU A 1 22  ? 8.667   6.765   2.180   1.00 32.31 ? 29  GLU A O   1 
ATOM   75   C  CB  . GLU A 1 22  ? 10.365  8.550   3.968   1.00 32.93 ? 29  GLU A CB  1 
ATOM   76   C  CG  . GLU A 1 22  ? 10.789  9.786   4.808   1.00 75.00 ? 29  GLU A CG  1 
ATOM   77   C  CD  . GLU A 1 22  ? 11.640  9.438   6.013   1.00 75.00 ? 29  GLU A CD  1 
ATOM   78   O  OE1 . GLU A 1 22  ? 12.282  8.283   5.893   1.00 75.00 ? 29  GLU A OE1 1 
ATOM   79   O  OE2 . GLU A 1 22  ? 11.713  10.145  7.027   1.00 75.00 ? 29  GLU A OE2 1 
ATOM   80   N  N   . ILE A 1 23  ? 7.803   8.831   2.045   1.00 26.66 ? 30  ILE A N   1 
ATOM   81   C  CA  . ILE A 1 23  ? 7.308   8.711   0.702   1.00 32.09 ? 30  ILE A CA  1 
ATOM   82   C  C   . ILE A 1 23  ? 8.433   8.703   -0.315  1.00 38.55 ? 30  ILE A C   1 
ATOM   83   O  O   . ILE A 1 23  ? 9.190   9.664   -0.416  1.00 34.01 ? 30  ILE A O   1 
ATOM   84   C  CB  . ILE A 1 23  ? 6.380   9.865   0.394   1.00 30.36 ? 30  ILE A CB  1 
ATOM   85   C  CG1 . ILE A 1 23  ? 5.081   9.675   1.178   1.00 36.94 ? 30  ILE A CG1 1 
ATOM   86   C  CG2 . ILE A 1 23  ? 6.133   9.865   -1.097  1.00 20.62 ? 30  ILE A CG2 1 
ATOM   87   C  CD1 . ILE A 1 23  ? 3.991   10.671  0.789   1.00 28.46 ? 30  ILE A CD1 1 
ATOM   88   N  N   . VAL A 1 24  ? 8.498   7.632   -1.096  1.00 39.12 ? 31  VAL A N   1 
ATOM   89   C  CA  . VAL A 1 24  ? 9.509   7.468   -2.132  1.00 28.17 ? 31  VAL A CA  1 
ATOM   90   C  C   . VAL A 1 24  ? 8.877   7.478   -3.519  1.00 35.04 ? 31  VAL A C   1 
ATOM   91   O  O   . VAL A 1 24  ? 7.654   7.459   -3.675  1.00 42.53 ? 31  VAL A O   1 
ATOM   92   C  CB  . VAL A 1 24  ? 10.252  6.170   -1.874  1.00 31.08 ? 31  VAL A CB  1 
ATOM   93   C  CG1 . VAL A 1 24  ? 11.330  5.946   -2.914  1.00 34.67 ? 31  VAL A CG1 1 
ATOM   94   C  CG2 . VAL A 1 24  ? 10.879  6.211   -0.482  1.00 26.34 ? 31  VAL A CG2 1 
ATOM   95   N  N   . ASN A 1 25  ? 9.723   7.515   -4.536  1.00 33.32 ? 32  ASN A N   1 
ATOM   96   C  CA  . ASN A 1 25  ? 9.251   7.559   -5.899  1.00 33.71 ? 32  ASN A CA  1 
ATOM   97   C  C   . ASN A 1 25  ? 9.008   6.200   -6.451  1.00 33.80 ? 32  ASN A C   1 
ATOM   98   O  O   . ASN A 1 25  ? 9.883   5.336   -6.429  1.00 34.76 ? 32  ASN A O   1 
ATOM   99   C  CB  . ASN A 1 25  ? 10.172  8.354   -6.828  1.00 54.36 ? 32  ASN A CB  1 
ATOM   100  C  CG  . ASN A 1 25  ? 9.870   9.842   -6.803  1.00 75.00 ? 32  ASN A CG  1 
ATOM   101  O  OD1 . ASN A 1 25  ? 8.695   10.280  -6.794  1.00 75.00 ? 32  ASN A OD1 1 
ATOM   102  N  ND2 . ASN A 1 25  ? 10.943  10.634  -6.781  1.00 75.00 ? 32  ASN A ND2 1 
ATOM   103  N  N   . ILE A 1 26  ? 7.805   6.018   -6.937  1.00 25.44 ? 33  ILE A N   1 
ATOM   104  C  CA  . ILE A 1 26  ? 7.496   4.731   -7.475  1.00 28.39 ? 33  ILE A CA  1 
ATOM   105  C  C   . ILE A 1 26  ? 8.659   4.270   -8.338  1.00 29.60 ? 33  ILE A C   1 
ATOM   106  O  O   . ILE A 1 26  ? 9.126   3.135   -8.257  1.00 33.36 ? 33  ILE A O   1 
ATOM   107  C  CB  . ILE A 1 26  ? 6.162   4.776   -8.188  1.00 34.28 ? 33  ILE A CB  1 
ATOM   108  C  CG1 . ILE A 1 26  ? 5.504   3.405   -8.214  1.00 42.59 ? 33  ILE A CG1 1 
ATOM   109  C  CG2 . ILE A 1 26  ? 6.344   5.327   -9.584  1.00 31.05 ? 33  ILE A CG2 1 
ATOM   110  C  CD1 . ILE A 1 26  ? 5.074   2.919   -6.832  1.00 40.25 ? 33  ILE A CD1 1 
ATOM   111  N  N   . GLU A 1 27  ? 9.200   5.228   -9.082  1.00 27.74 ? 34  GLU A N   1 
ATOM   112  C  CA  . GLU A 1 27  ? 10.328  5.019   -9.992  1.00 21.63 ? 34  GLU A CA  1 
ATOM   113  C  C   . GLU A 1 27  ? 11.537  4.350   -9.341  1.00 34.68 ? 34  GLU A C   1 
ATOM   114  O  O   . GLU A 1 27  ? 12.264  3.577   -9.956  1.00 35.54 ? 34  GLU A O   1 
ATOM   115  C  CB  . GLU A 1 27  ? 10.747  6.356   -10.655 1.00 23.47 ? 34  GLU A CB  1 
ATOM   116  C  CG  . GLU A 1 27  ? 9.585   7.054   -11.410 1.00 24.32 ? 34  GLU A CG  1 
ATOM   117  C  CD  . GLU A 1 27  ? 8.776   7.993   -10.574 1.00 61.84 ? 34  GLU A CD  1 
ATOM   118  O  OE1 . GLU A 1 27  ? 9.027   8.246   -9.408  1.00 75.00 ? 34  GLU A OE1 1 
ATOM   119  O  OE2 . GLU A 1 27  ? 7.751   8.480   -11.226 1.00 62.08 ? 34  GLU A OE2 1 
ATOM   120  N  N   . ASP A 1 28  ? 11.801  4.656   -8.089  1.00 38.87 ? 35  ASP A N   1 
ATOM   121  C  CA  . ASP A 1 28  ? 12.968  4.072   -7.476  1.00 33.53 ? 35  ASP A CA  1 
ATOM   122  C  C   . ASP A 1 28  ? 12.712  2.734   -6.837  1.00 39.74 ? 35  ASP A C   1 
ATOM   123  O  O   . ASP A 1 28  ? 13.548  2.197   -6.125  1.00 47.23 ? 35  ASP A O   1 
ATOM   124  C  CB  . ASP A 1 28  ? 13.821  5.042   -6.647  1.00 30.88 ? 35  ASP A CB  1 
ATOM   125  C  CG  . ASP A 1 28  ? 13.661  6.473   -7.084  1.00 58.05 ? 35  ASP A CG  1 
ATOM   126  O  OD1 . ASP A 1 28  ? 13.751  6.809   -8.263  1.00 60.77 ? 35  ASP A OD1 1 
ATOM   127  O  OD2 . ASP A 1 28  ? 13.396  7.295   -6.105  1.00 75.00 ? 35  ASP A OD2 1 
ATOM   128  N  N   . VAL A 1 29  ? 11.563  2.165   -7.152  1.00 25.68 ? 36  VAL A N   1 
ATOM   129  C  CA  . VAL A 1 29  ? 11.268  0.853   -6.658  1.00 24.71 ? 36  VAL A CA  1 
ATOM   130  C  C   . VAL A 1 29  ? 11.946  -0.217  -7.522  1.00 41.75 ? 36  VAL A C   1 
ATOM   131  O  O   . VAL A 1 29  ? 11.586  -0.437  -8.672  1.00 50.13 ? 36  VAL A O   1 
ATOM   132  C  CB  . VAL A 1 29  ? 9.771   0.632   -6.603  1.00 30.71 ? 36  VAL A CB  1 
ATOM   133  C  CG1 . VAL A 1 29  ? 9.470   -0.693  -5.918  1.00 32.54 ? 36  VAL A CG1 1 
ATOM   134  C  CG2 . VAL A 1 29  ? 9.131   1.778   -5.827  1.00 29.25 ? 36  VAL A CG2 1 
ATOM   135  N  N   . PRO A 1 30  ? 12.926  -0.892  -6.953  1.00 35.53 ? 37  PRO A N   1 
ATOM   136  C  CA  . PRO A 1 30  ? 13.694  -1.942  -7.624  1.00 35.48 ? 37  PRO A CA  1 
ATOM   137  C  C   . PRO A 1 30  ? 12.884  -3.087  -8.225  1.00 52.31 ? 37  PRO A C   1 
ATOM   138  O  O   . PRO A 1 30  ? 13.243  -4.259  -8.110  1.00 57.48 ? 37  PRO A O   1 
ATOM   139  C  CB  . PRO A 1 30  ? 14.595  -2.541  -6.549  1.00 31.99 ? 37  PRO A CB  1 
ATOM   140  C  CG  . PRO A 1 30  ? 14.178  -1.939  -5.222  1.00 32.92 ? 37  PRO A CG  1 
ATOM   141  C  CD  . PRO A 1 30  ? 13.219  -0.800  -5.506  1.00 29.28 ? 37  PRO A CD  1 
ATOM   142  N  N   . ASP A 1 31  ? 11.801  -2.765  -8.888  1.00 52.43 ? 38  ASP A N   1 
ATOM   143  C  CA  . ASP A 1 31  ? 10.957  -3.783  -9.494  1.00 52.40 ? 38  ASP A CA  1 
ATOM   144  C  C   . ASP A 1 31  ? 10.126  -3.080  -10.538 1.00 57.51 ? 38  ASP A C   1 
ATOM   145  O  O   . ASP A 1 31  ? 9.289   -2.199  -10.271 1.00 56.17 ? 38  ASP A O   1 
ATOM   146  C  CB  . ASP A 1 31  ? 10.150  -4.583  -8.444  1.00 56.38 ? 38  ASP A CB  1 
ATOM   147  C  CG  . ASP A 1 31  ? 9.230   -5.661  -8.951  1.00 75.00 ? 38  ASP A CG  1 
ATOM   148  O  OD1 . ASP A 1 31  ? 9.012   -5.600  -10.240 1.00 75.00 ? 38  ASP A OD1 1 
ATOM   149  O  OD2 . ASP A 1 31  ? 8.712   -6.489  -8.210  1.00 75.00 ? 38  ASP A OD2 1 
ATOM   150  N  N   . VAL A 1 32  ? 10.496  -3.410  -11.755 1.00 53.28 ? 39  VAL A N   1 
ATOM   151  C  CA  . VAL A 1 32  ? 9.959   -2.794  -12.931 1.00 49.55 ? 39  VAL A CA  1 
ATOM   152  C  C   . VAL A 1 32  ? 8.447   -2.780  -13.055 1.00 43.74 ? 39  VAL A C   1 
ATOM   153  O  O   . VAL A 1 32  ? 7.912   -1.939  -13.774 1.00 44.25 ? 39  VAL A O   1 
ATOM   154  C  CB  . VAL A 1 32  ? 10.685  -3.311  -14.149 1.00 57.64 ? 39  VAL A CB  1 
ATOM   155  C  CG1 . VAL A 1 32  ? 11.804  -2.324  -14.470 1.00 62.34 ? 39  VAL A CG1 1 
ATOM   156  C  CG2 . VAL A 1 32  ? 11.314  -4.650  -13.774 1.00 56.86 ? 39  VAL A CG2 1 
ATOM   157  N  N   . VAL A 1 33  ? 7.756   -3.692  -12.354 1.00 31.41 ? 40  VAL A N   1 
ATOM   158  C  CA  . VAL A 1 33  ? 6.311   -3.745  -12.441 1.00 28.13 ? 40  VAL A CA  1 
ATOM   159  C  C   . VAL A 1 33  ? 5.716   -2.528  -11.776 1.00 40.14 ? 40  VAL A C   1 
ATOM   160  O  O   . VAL A 1 33  ? 4.669   -2.022  -12.186 1.00 34.25 ? 40  VAL A O   1 
ATOM   161  C  CB  . VAL A 1 33  ? 5.719   -5.067  -11.959 1.00 37.13 ? 40  VAL A CB  1 
ATOM   162  C  CG1 . VAL A 1 33  ? 5.800   -5.159  -10.452 1.00 43.81 ? 40  VAL A CG1 1 
ATOM   163  C  CG2 . VAL A 1 33  ? 4.266   -5.191  -12.386 1.00 38.07 ? 40  VAL A CG2 1 
ATOM   164  N  N   . PHE A 1 34  ? 6.452   -2.052  -10.770 1.00 41.29 ? 41  PHE A N   1 
ATOM   165  C  CA  . PHE A 1 34  ? 6.101   -0.865  -10.036 1.00 39.03 ? 41  PHE A CA  1 
ATOM   166  C  C   . PHE A 1 34  ? 6.757   0.315   -10.702 1.00 42.16 ? 41  PHE A C   1 
ATOM   167  O  O   . PHE A 1 34  ? 6.074   1.243   -11.158 1.00 38.85 ? 41  PHE A O   1 
ATOM   168  C  CB  . PHE A 1 34  ? 6.515   -0.941  -8.547  1.00 40.23 ? 41  PHE A CB  1 
ATOM   169  C  CG  . PHE A 1 34  ? 5.805   -2.080  -7.879  1.00 38.67 ? 41  PHE A CG  1 
ATOM   170  C  CD1 . PHE A 1 34  ? 4.411   -2.092  -7.823  1.00 32.45 ? 41  PHE A CD1 1 
ATOM   171  C  CD2 . PHE A 1 34  ? 6.510   -3.188  -7.406  1.00 38.10 ? 41  PHE A CD2 1 
ATOM   172  C  CE1 . PHE A 1 34  ? 3.718   -3.167  -7.266  1.00 24.32 ? 41  PHE A CE1 1 
ATOM   173  C  CE2 . PHE A 1 34  ? 5.837   -4.274  -6.849  1.00 36.63 ? 41  PHE A CE2 1 
ATOM   174  C  CZ  . PHE A 1 34  ? 4.443   -4.254  -6.787  1.00 27.38 ? 41  PHE A CZ  1 
ATOM   175  N  N   . ALA A 1 35  ? 8.100   0.239   -10.770 1.00 34.98 ? 42  ALA A N   1 
ATOM   176  C  CA  . ALA A 1 35  ? 8.890   1.307   -11.379 1.00 27.28 ? 42  ALA A CA  1 
ATOM   177  C  C   . ALA A 1 35  ? 8.427   1.699   -12.796 1.00 44.94 ? 42  ALA A C   1 
ATOM   178  O  O   . ALA A 1 35  ? 8.494   2.857   -13.192 1.00 49.67 ? 42  ALA A O   1 
ATOM   179  C  CB  . ALA A 1 35  ? 10.374  0.983   -11.331 1.00 20.74 ? 42  ALA A CB  1 
ATOM   180  N  N   . GLU A 1 36  ? 7.934   0.745   -13.571 1.00 38.89 ? 43  GLU A N   1 
ATOM   181  C  CA  . GLU A 1 36  ? 7.489   1.065   -14.908 1.00 35.37 ? 43  GLU A CA  1 
ATOM   182  C  C   . GLU A 1 36  ? 6.002   1.387   -14.980 1.00 49.94 ? 43  GLU A C   1 
ATOM   183  O  O   . GLU A 1 36  ? 5.464   1.597   -16.065 1.00 58.49 ? 43  GLU A O   1 
ATOM   184  C  CB  . GLU A 1 36  ? 7.871   -0.028  -15.910 1.00 37.04 ? 43  GLU A CB  1 
ATOM   185  C  CG  . GLU A 1 36  ? 9.396   -0.062  -16.177 1.00 69.86 ? 43  GLU A CG  1 
ATOM   186  C  CD  . GLU A 1 36  ? 9.757   0.184   -17.616 1.00 75.00 ? 43  GLU A CD  1 
ATOM   187  O  OE1 . GLU A 1 36  ? 9.440   -0.581  -18.521 1.00 75.00 ? 43  GLU A OE1 1 
ATOM   188  O  OE2 . GLU A 1 36  ? 10.417  1.310   -17.789 1.00 75.00 ? 43  GLU A OE2 1 
ATOM   189  N  N   . LYS A 1 37  ? 5.334   1.424   -13.819 1.00 43.53 ? 44  LYS A N   1 
ATOM   190  C  CA  . LYS A 1 37  ? 3.898   1.704   -13.751 1.00 40.09 ? 44  LYS A CA  1 
ATOM   191  C  C   . LYS A 1 37  ? 2.982   0.703   -14.499 1.00 36.11 ? 44  LYS A C   1 
ATOM   192  O  O   . LYS A 1 37  ? 1.873   1.016   -14.903 1.00 23.41 ? 44  LYS A O   1 
ATOM   193  C  CB  . LYS A 1 37  ? 3.583   3.171   -14.007 1.00 31.27 ? 44  LYS A CB  1 
ATOM   194  C  CG  . LYS A 1 37  ? 4.464   4.055   -13.132 1.00 36.21 ? 44  LYS A CG  1 
ATOM   195  C  CD  . LYS A 1 37  ? 4.559   5.484   -13.637 1.00 31.82 ? 44  LYS A CD  1 
ATOM   196  C  CE  . LYS A 1 37  ? 5.713   6.264   -13.031 1.00 75.00 ? 44  LYS A CE  1 
ATOM   197  N  NZ  . LYS A 1 37  ? 5.387   7.688   -12.823 1.00 75.00 ? 44  LYS A NZ  1 
ATOM   198  N  N   . ILE A 1 38  ? 3.464   -0.529  -14.664 1.00 33.37 ? 45  ILE A N   1 
ATOM   199  C  CA  . ILE A 1 38  ? 2.688   -1.548  -15.321 1.00 32.47 ? 45  ILE A CA  1 
ATOM   200  C  C   . ILE A 1 38  ? 1.394   -1.743  -14.576 1.00 37.82 ? 45  ILE A C   1 
ATOM   201  O  O   . ILE A 1 38  ? 0.305   -1.656  -15.131 1.00 36.02 ? 45  ILE A O   1 
ATOM   202  C  CB  . ILE A 1 38  ? 3.421   -2.881  -15.381 1.00 37.48 ? 45  ILE A CB  1 
ATOM   203  C  CG1 . ILE A 1 38  ? 4.762   -2.721  -16.086 1.00 41.62 ? 45  ILE A CG1 1 
ATOM   204  C  CG2 . ILE A 1 38  ? 2.550   -3.844  -16.173 1.00 33.66 ? 45  ILE A CG2 1 
ATOM   205  C  CD1 . ILE A 1 38  ? 4.631   -2.868  -17.603 1.00 75.00 ? 45  ILE A CD1 1 
ATOM   206  N  N   . VAL A 1 39  ? 1.555   -2.002  -13.283 1.00 39.03 ? 46  VAL A N   1 
ATOM   207  C  CA  . VAL A 1 39  ? 0.415   -2.213  -12.417 1.00 33.84 ? 46  VAL A CA  1 
ATOM   208  C  C   . VAL A 1 39  ? -0.445  -0.976  -12.317 1.00 29.23 ? 46  VAL A C   1 
ATOM   209  O  O   . VAL A 1 39  ? -1.655  -1.072  -12.354 1.00 24.25 ? 46  VAL A O   1 
ATOM   210  C  CB  . VAL A 1 39  ? 0.768   -2.802  -11.060 1.00 27.67 ? 46  VAL A CB  1 
ATOM   211  C  CG1 . VAL A 1 39  ? -0.190  -3.950  -10.786 1.00 23.20 ? 46  VAL A CG1 1 
ATOM   212  C  CG2 . VAL A 1 39  ? 2.199   -3.348  -11.072 1.00 22.67 ? 46  VAL A CG2 1 
ATOM   213  N  N   . GLY A 1 40  ? 0.194   0.185   -12.285 1.00 32.68 ? 47  GLY A N   1 
ATOM   214  C  CA  . GLY A 1 40  ? -0.515  1.456   -12.225 1.00 39.01 ? 47  GLY A CA  1 
ATOM   215  C  C   . GLY A 1 40  ? 0.380   2.528   -11.644 1.00 39.94 ? 47  GLY A C   1 
ATOM   216  O  O   . GLY A 1 40  ? 1.589   2.332   -11.569 1.00 49.11 ? 47  GLY A O   1 
ATOM   217  N  N   . ASP A 1 41  ? -0.207  3.644   -11.223 1.00 27.51 ? 48  ASP A N   1 
ATOM   218  C  CA  . ASP A 1 41  ? 0.601   4.696   -10.645 1.00 26.46 ? 48  ASP A CA  1 
ATOM   219  C  C   . ASP A 1 41  ? 0.262   4.999   -9.189  1.00 35.15 ? 48  ASP A C   1 
ATOM   220  O  O   . ASP A 1 41  ? -0.850  4.747   -8.716  1.00 37.82 ? 48  ASP A O   1 
ATOM   221  C  CB  . ASP A 1 41  ? 0.609   5.979   -11.502 1.00 34.17 ? 48  ASP A CB  1 
ATOM   222  C  CG  . ASP A 1 41  ? 1.866   6.817   -11.365 1.00 39.81 ? 48  ASP A CG  1 
ATOM   223  O  OD1 . ASP A 1 41  ? 2.785   6.545   -10.616 1.00 37.43 ? 48  ASP A OD1 1 
ATOM   224  O  OD2 . ASP A 1 41  ? 1.843   7.906   -12.098 1.00 49.13 ? 48  ASP A OD2 1 
ATOM   225  N  N   . GLY A 1 42  ? 1.265   5.550   -8.487  1.00 28.08 ? 49  GLY A N   1 
ATOM   226  C  CA  . GLY A 1 42  ? 1.180   5.946   -7.084  1.00 22.36 ? 49  GLY A CA  1 
ATOM   227  C  C   . GLY A 1 42  ? 2.567   6.301   -6.522  1.00 33.54 ? 49  GLY A C   1 
ATOM   228  O  O   . GLY A 1 42  ? 3.482   6.771   -7.209  1.00 31.50 ? 49  GLY A O   1 
ATOM   229  N  N   . ILE A 1 43  ? 2.735   6.051   -5.249  1.00 24.20 ? 50  ILE A N   1 
ATOM   230  C  CA  . ILE A 1 43  ? 3.965   6.360   -4.602  1.00 22.47 ? 50  ILE A CA  1 
ATOM   231  C  C   . ILE A 1 43  ? 4.441   5.121   -3.888  1.00 27.53 ? 50  ILE A C   1 
ATOM   232  O  O   . ILE A 1 43  ? 3.830   4.074   -3.991  1.00 30.07 ? 50  ILE A O   1 
ATOM   233  C  CB  . ILE A 1 43  ? 3.727   7.548   -3.648  1.00 30.55 ? 50  ILE A CB  1 
ATOM   234  C  CG1 . ILE A 1 43  ? 2.500   7.296   -2.771  1.00 30.15 ? 50  ILE A CG1 1 
ATOM   235  C  CG2 . ILE A 1 43  ? 3.423   8.792   -4.481  1.00 30.58 ? 50  ILE A CG2 1 
ATOM   236  C  CD1 . ILE A 1 43  ? 2.819   6.596   -1.457  1.00 19.36 ? 50  ILE A CD1 1 
ATOM   237  N  N   . ALA A 1 44  ? 5.554   5.221   -3.218  1.00 24.45 ? 51  ALA A N   1 
ATOM   238  C  CA  . ALA A 1 44  ? 6.059   4.112   -2.447  1.00 25.86 ? 51  ALA A CA  1 
ATOM   239  C  C   . ALA A 1 44  ? 6.413   4.700   -1.118  1.00 27.45 ? 51  ALA A C   1 
ATOM   240  O  O   . ALA A 1 44  ? 6.623   5.919   -1.011  1.00 27.33 ? 51  ALA A O   1 
ATOM   241  C  CB  . ALA A 1 44  ? 7.287   3.449   -3.063  1.00 25.06 ? 51  ALA A CB  1 
ATOM   242  N  N   . ILE A 1 45  ? 6.446   3.826   -0.130  1.00 23.49 ? 52  ILE A N   1 
ATOM   243  C  CA  . ILE A 1 45  ? 6.771   4.177   1.247   1.00 18.69 ? 52  ILE A CA  1 
ATOM   244  C  C   . ILE A 1 45  ? 7.900   3.342   1.839   1.00 26.94 ? 52  ILE A C   1 
ATOM   245  O  O   . ILE A 1 45  ? 7.946   2.111   1.720   1.00 29.68 ? 52  ILE A O   1 
ATOM   246  C  CB  . ILE A 1 45  ? 5.531   4.164   2.135   1.00 17.55 ? 52  ILE A CB  1 
ATOM   247  C  CG1 . ILE A 1 45  ? 4.494   5.097   1.523   1.00 15.21 ? 52  ILE A CG1 1 
ATOM   248  C  CG2 . ILE A 1 45  ? 5.847   4.572   3.583   1.00 6.26  ? 52  ILE A CG2 1 
ATOM   249  C  CD1 . ILE A 1 45  ? 3.227   5.170   2.365   1.00 13.94 ? 52  ILE A CD1 1 
ATOM   250  N  N   . LYS A 1 46  ? 8.816   4.050   2.477   1.00 27.70 ? 53  LYS A N   1 
ATOM   251  C  CA  . LYS A 1 46  ? 9.916   3.451   3.181   1.00 22.73 ? 53  LYS A CA  1 
ATOM   252  C  C   . LYS A 1 46  ? 9.505   3.395   4.645   1.00 36.60 ? 53  LYS A C   1 
ATOM   253  O  O   . LYS A 1 46  ? 9.604   4.388   5.380   1.00 43.83 ? 53  LYS A O   1 
ATOM   254  C  CB  . LYS A 1 46  ? 11.165  4.249   2.909   1.00 35.08 ? 53  LYS A CB  1 
ATOM   255  C  CG  . LYS A 1 46  ? 12.076  4.394   4.114   1.00 75.00 ? 53  LYS A CG  1 
ATOM   256  C  CD  . LYS A 1 46  ? 13.299  3.507   4.016   1.00 32.94 ? 53  LYS A CD  1 
ATOM   257  C  CE  . LYS A 1 46  ? 13.091  2.339   3.064   1.00 75.00 ? 53  LYS A CE  1 
ATOM   258  N  N   . PRO A 1 47  ? 8.916   2.226   4.987   1.00 27.18 ? 54  PRO A N   1 
ATOM   259  C  CA  . PRO A 1 47  ? 8.267   1.867   6.231   1.00 20.40 ? 54  PRO A CA  1 
ATOM   260  C  C   . PRO A 1 47  ? 9.077   2.057   7.464   1.00 33.29 ? 54  PRO A C   1 
ATOM   261  O  O   . PRO A 1 47  ? 10.272  1.756   7.562   1.00 34.75 ? 54  PRO A O   1 
ATOM   262  C  CB  . PRO A 1 47  ? 7.859   0.406   6.118   1.00 20.73 ? 54  PRO A CB  1 
ATOM   263  C  CG  . PRO A 1 47  ? 8.591   -0.156  4.920   1.00 23.83 ? 54  PRO A CG  1 
ATOM   264  C  CD  . PRO A 1 47  ? 9.219   1.022   4.191   1.00 24.26 ? 54  PRO A CD  1 
ATOM   265  N  N   . THR A 1 48  ? 8.338   2.450   8.453   1.00 32.80 ? 55  THR A N   1 
ATOM   266  C  CA  . THR A 1 48  ? 8.910   2.802   9.712   1.00 28.27 ? 55  THR A CA  1 
ATOM   267  C  C   . THR A 1 48  ? 8.129   2.262   10.893  1.00 39.02 ? 55  THR A C   1 
ATOM   268  O  O   . THR A 1 48  ? 8.584   2.398   12.022  1.00 31.71 ? 55  THR A O   1 
ATOM   269  C  CB  . THR A 1 48  ? 8.796   4.322   9.636   1.00 12.52 ? 55  THR A CB  1 
ATOM   270  O  OG1 . THR A 1 48  ? 10.036  4.919   9.696   1.00 24.27 ? 55  THR A OG1 1 
ATOM   271  C  CG2 . THR A 1 48  ? 7.777   4.937   10.575  1.00 28.89 ? 55  THR A CG2 1 
ATOM   272  N  N   . GLY A 1 49  ? 6.946   1.665   10.615  1.00 31.90 ? 56  GLY A N   1 
ATOM   273  C  CA  . GLY A 1 49  ? 6.033   1.226   11.652  1.00 24.31 ? 56  GLY A CA  1 
ATOM   274  C  C   . GLY A 1 49  ? 5.904   -0.256  11.826  1.00 29.24 ? 56  GLY A C   1 
ATOM   275  O  O   . GLY A 1 49  ? 6.883   -0.977  11.770  1.00 26.14 ? 56  GLY A O   1 
ATOM   276  N  N   . ASN A 1 50  ? 4.675   -0.705  12.082  1.00 27.01 ? 57  ASN A N   1 
ATOM   277  C  CA  . ASN A 1 50  ? 4.430   -2.111  12.356  1.00 25.93 ? 57  ASN A CA  1 
ATOM   278  C  C   . ASN A 1 50  ? 3.125   -2.650  11.770  1.00 35.88 ? 57  ASN A C   1 
ATOM   279  O  O   . ASN A 1 50  ? 2.706   -3.773  12.097  1.00 28.74 ? 57  ASN A O   1 
ATOM   280  C  CB  . ASN A 1 50  ? 4.409   -2.332  13.877  1.00 30.67 ? 57  ASN A CB  1 
ATOM   281  C  CG  . ASN A 1 50  ? 3.242   -1.598  14.531  1.00 75.00 ? 57  ASN A CG  1 
ATOM   282  O  OD1 . ASN A 1 50  ? 2.475   -2.188  15.303  1.00 75.00 ? 57  ASN A OD1 1 
ATOM   283  N  ND2 . ASN A 1 50  ? 3.034   -0.335  14.154  1.00 60.14 ? 57  ASN A ND2 1 
ATOM   284  N  N   . LYS A 1 51  ? 2.471   -1.860  10.915  1.00 35.82 ? 58  LYS A N   1 
ATOM   285  C  CA  . LYS A 1 51  ? 1.206   -2.292  10.329  1.00 28.51 ? 58  LYS A CA  1 
ATOM   286  C  C   . LYS A 1 51  ? 0.846   -1.548  9.054   1.00 24.53 ? 58  LYS A C   1 
ATOM   287  O  O   . LYS A 1 51  ? 1.341   -0.454  8.757   1.00 22.21 ? 58  LYS A O   1 
ATOM   288  C  CB  . LYS A 1 51  ? 0.059   -2.194  11.343  1.00 15.16 ? 58  LYS A CB  1 
ATOM   289  C  CG  . LYS A 1 51  ? -0.336  -0.737  11.614  1.00 20.14 ? 58  LYS A CG  1 
ATOM   290  C  CD  . LYS A 1 51  ? -1.151  -0.529  12.882  1.00 41.39 ? 58  LYS A CD  1 
ATOM   291  C  CE  . LYS A 1 51  ? -0.289  -0.424  14.141  1.00 49.99 ? 58  LYS A CE  1 
ATOM   292  N  NZ  . LYS A 1 51  ? -0.909  0.352   15.230  1.00 68.23 ? 58  LYS A NZ  1 
ATOM   293  N  N   . MET A 1 52  ? -0.036  -2.189  8.307   1.00 22.61 ? 59  MET A N   1 
ATOM   294  C  CA  . MET A 1 52  ? -0.578  -1.648  7.091   1.00 20.17 ? 59  MET A CA  1 
ATOM   295  C  C   . MET A 1 52  ? -2.021  -1.451  7.383   1.00 28.71 ? 59  MET A C   1 
ATOM   296  O  O   . MET A 1 52  ? -2.704  -2.348  7.860   1.00 33.32 ? 59  MET A O   1 
ATOM   297  C  CB  . MET A 1 52  ? -0.447  -2.597  5.916   1.00 18.83 ? 59  MET A CB  1 
ATOM   298  C  CG  . MET A 1 52  ? 0.909   -2.505  5.283   1.00 24.39 ? 59  MET A CG  1 
ATOM   299  S  SD  . MET A 1 52  ? 1.009   -3.638  3.888   1.00 32.47 ? 59  MET A SD  1 
ATOM   300  C  CE  . MET A 1 52  ? 1.127   -5.169  4.832   1.00 25.22 ? 59  MET A CE  1 
ATOM   301  N  N   . VAL A 1 53  ? -2.463  -0.245  7.183   1.00 28.74 ? 60  VAL A N   1 
ATOM   302  C  CA  . VAL A 1 53  ? -3.815  0.096   7.496   1.00 20.29 ? 60  VAL A CA  1 
ATOM   303  C  C   . VAL A 1 53  ? -4.583  0.450   6.247   1.00 19.62 ? 60  VAL A C   1 
ATOM   304  O  O   . VAL A 1 53  ? -3.996  0.612   5.190   1.00 42.25 ? 60  VAL A O   1 
ATOM   305  C  CB  . VAL A 1 53  ? -3.732  1.211   8.498   1.00 28.37 ? 60  VAL A CB  1 
ATOM   306  C  CG1 . VAL A 1 53  ? -4.711  2.319   8.180   1.00 30.15 ? 60  VAL A CG1 1 
ATOM   307  C  CG2 . VAL A 1 53  ? -3.918  0.619   9.894   1.00 30.99 ? 60  VAL A CG2 1 
ATOM   308  N  N   . ALA A 1 54  ? -5.889  0.531   6.337   1.00 21.60 ? 61  ALA A N   1 
ATOM   309  C  CA  . ALA A 1 54  ? -6.710  0.886   5.192   1.00 24.73 ? 61  ALA A CA  1 
ATOM   310  C  C   . ALA A 1 54  ? -6.628  2.366   4.846   1.00 35.61 ? 61  ALA A C   1 
ATOM   311  O  O   . ALA A 1 54  ? -7.088  3.196   5.619   1.00 36.78 ? 61  ALA A O   1 
ATOM   312  C  CB  . ALA A 1 54  ? -8.153  0.452   5.406   1.00 25.19 ? 61  ALA A CB  1 
ATOM   313  N  N   . PRO A 1 55  ? -6.110  2.657   3.632   1.00 38.98 ? 62  PRO A N   1 
ATOM   314  C  CA  . PRO A 1 55  ? -5.885  4.009   3.099   1.00 26.36 ? 62  PRO A CA  1 
ATOM   315  C  C   . PRO A 1 55  ? -7.147  4.719   2.677   1.00 30.73 ? 62  PRO A C   1 
ATOM   316  O  O   . PRO A 1 55  ? -7.122  5.923   2.427   1.00 29.71 ? 62  PRO A O   1 
ATOM   317  C  CB  . PRO A 1 55  ? -5.085  3.806   1.804   1.00 24.56 ? 62  PRO A CB  1 
ATOM   318  C  CG  . PRO A 1 55  ? -5.352  2.372   1.352   1.00 30.42 ? 62  PRO A CG  1 
ATOM   319  C  CD  . PRO A 1 55  ? -5.982  1.642   2.536   1.00 32.95 ? 62  PRO A CD  1 
ATOM   320  N  N   . VAL A 1 56  ? -8.230  3.963   2.503   1.00 35.22 ? 63  VAL A N   1 
ATOM   321  C  CA  . VAL A 1 56  ? -9.515  4.530   2.096   1.00 35.21 ? 63  VAL A CA  1 
ATOM   322  C  C   . VAL A 1 56  ? -10.626 3.794   2.817   1.00 45.13 ? 63  VAL A C   1 
ATOM   323  O  O   . VAL A 1 56  ? -10.364 2.796   3.479   1.00 49.12 ? 63  VAL A O   1 
ATOM   324  C  CB  . VAL A 1 56  ? -9.767  4.384   0.585   1.00 38.09 ? 63  VAL A CB  1 
ATOM   325  C  CG1 . VAL A 1 56  ? -9.032  5.437   -0.229  1.00 35.16 ? 63  VAL A CG1 1 
ATOM   326  C  CG2 . VAL A 1 56  ? -9.389  2.979   0.111   1.00 39.07 ? 63  VAL A CG2 1 
ATOM   327  N  N   . ASP A 1 57  ? -11.868 4.266   2.653   1.00 41.52 ? 64  ASP A N   1 
ATOM   328  C  CA  . ASP A 1 57  ? -13.023 3.571   3.207   1.00 33.68 ? 64  ASP A CA  1 
ATOM   329  C  C   . ASP A 1 57  ? -13.577 2.706   2.099   1.00 28.44 ? 64  ASP A C   1 
ATOM   330  O  O   . ASP A 1 57  ? -13.780 3.169   0.979   1.00 31.78 ? 64  ASP A O   1 
ATOM   331  C  CB  . ASP A 1 57  ? -14.149 4.501   3.715   1.00 35.39 ? 64  ASP A CB  1 
ATOM   332  C  CG  . ASP A 1 57  ? -13.817 5.408   4.880   1.00 69.32 ? 64  ASP A CG  1 
ATOM   333  O  OD1 . ASP A 1 57  ? -13.511 5.003   5.994   1.00 67.95 ? 64  ASP A OD1 1 
ATOM   334  O  OD2 . ASP A 1 57  ? -14.040 6.675   4.602   1.00 75.00 ? 64  ASP A OD2 1 
ATOM   335  N  N   . GLY A 1 58  ? -13.830 1.449   2.400   1.00 31.98 ? 65  GLY A N   1 
ATOM   336  C  CA  . GLY A 1 58  ? -14.337 0.552   1.380   1.00 30.57 ? 65  GLY A CA  1 
ATOM   337  C  C   . GLY A 1 58  ? -14.172 -0.912  1.750   1.00 40.48 ? 65  GLY A C   1 
ATOM   338  O  O   . GLY A 1 58  ? -14.342 -1.310  2.905   1.00 33.83 ? 65  GLY A O   1 
ATOM   339  N  N   . THR A 1 59  ? -13.791 -1.721  0.763   1.00 41.29 ? 66  THR A N   1 
ATOM   340  C  CA  . THR A 1 59  ? -13.704 -3.129  1.028   1.00 38.80 ? 66  THR A CA  1 
ATOM   341  C  C   . THR A 1 59  ? -12.464 -3.832  0.590   1.00 33.44 ? 66  THR A C   1 
ATOM   342  O  O   . THR A 1 59  ? -12.098 -3.772  -0.578  1.00 36.06 ? 66  THR A O   1 
ATOM   343  C  CB  . THR A 1 59  ? -14.831 -3.814  0.294   1.00 43.81 ? 66  THR A CB  1 
ATOM   344  O  OG1 . THR A 1 59  ? -15.947 -2.959  0.289   1.00 72.42 ? 66  THR A OG1 1 
ATOM   345  C  CG2 . THR A 1 59  ? -15.122 -5.111  1.019   1.00 55.09 ? 66  THR A CG2 1 
ATOM   346  N  N   . ILE A 1 60  ? -11.915 -4.628  1.507   1.00 34.13 ? 67  ILE A N   1 
ATOM   347  C  CA  . ILE A 1 60  ? -10.782 -5.449  1.155   1.00 36.14 ? 67  ILE A CA  1 
ATOM   348  C  C   . ILE A 1 60  ? -11.211 -6.231  -0.057  1.00 39.86 ? 67  ILE A C   1 
ATOM   349  O  O   . ILE A 1 60  ? -12.376 -6.600  -0.194  1.00 43.19 ? 67  ILE A O   1 
ATOM   350  C  CB  . ILE A 1 60  ? -10.382 -6.435  2.253   1.00 40.62 ? 67  ILE A CB  1 
ATOM   351  C  CG1 . ILE A 1 60  ? -9.625  -5.721  3.358   1.00 42.63 ? 67  ILE A CG1 1 
ATOM   352  C  CG2 . ILE A 1 60  ? -9.494  -7.529  1.686   1.00 38.98 ? 67  ILE A CG2 1 
ATOM   353  C  CD1 . ILE A 1 60  ? -10.165 -4.333  3.653   1.00 32.91 ? 67  ILE A CD1 1 
ATOM   354  N  N   . GLY A 1 61  ? -10.289 -6.441  -0.960  1.00 33.31 ? 68  GLY A N   1 
ATOM   355  C  CA  . GLY A 1 61  ? -10.597 -7.188  -2.147  1.00 27.66 ? 68  GLY A CA  1 
ATOM   356  C  C   . GLY A 1 61  ? -9.850  -8.490  -2.078  1.00 32.15 ? 68  GLY A C   1 
ATOM   357  O  O   . GLY A 1 61  ? -10.397 -9.567  -2.034  1.00 41.98 ? 68  GLY A O   1 
ATOM   358  N  N   . LYS A 1 62  ? -8.565  -8.378  -1.999  1.00 25.46 ? 69  LYS A N   1 
ATOM   359  C  CA  . LYS A 1 62  ? -7.792  -9.554  -1.921  1.00 20.80 ? 69  LYS A CA  1 
ATOM   360  C  C   . LYS A 1 62  ? -6.660  -9.393  -0.976  1.00 28.71 ? 69  LYS A C   1 
ATOM   361  O  O   . LYS A 1 62  ? -6.165  -8.296  -0.741  1.00 37.57 ? 69  LYS A O   1 
ATOM   362  C  CB  . LYS A 1 62  ? -7.286  -9.952  -3.280  1.00 27.40 ? 69  LYS A CB  1 
ATOM   363  C  CG  . LYS A 1 62  ? -6.135  -10.927 -3.204  1.00 35.64 ? 69  LYS A CG  1 
ATOM   364  C  CD  . LYS A 1 62  ? -6.359  -12.194 -4.014  1.00 75.00 ? 69  LYS A CD  1 
ATOM   365  C  CE  . LYS A 1 62  ? -5.372  -12.366 -5.165  1.00 75.00 ? 69  LYS A CE  1 
ATOM   366  N  NZ  . LYS A 1 62  ? -4.516  -13.554 -5.014  1.00 75.00 ? 69  LYS A NZ  1 
ATOM   367  N  N   . ILE A 1 63  ? -6.263  -10.536 -0.446  1.00 26.14 ? 70  ILE A N   1 
ATOM   368  C  CA  . ILE A 1 63  ? -5.159  -10.622 0.455   1.00 17.94 ? 70  ILE A CA  1 
ATOM   369  C  C   . ILE A 1 63  ? -4.263  -11.765 0.074   1.00 26.60 ? 70  ILE A C   1 
ATOM   370  O  O   . ILE A 1 63  ? -4.599  -12.930 0.205   1.00 40.08 ? 70  ILE A O   1 
ATOM   371  C  CB  . ILE A 1 63  ? -5.633  -10.700 1.885   1.00 17.61 ? 70  ILE A CB  1 
ATOM   372  C  CG1 . ILE A 1 63  ? -6.734  -9.643  2.048   1.00 23.54 ? 70  ILE A CG1 1 
ATOM   373  C  CG2 . ILE A 1 63  ? -4.430  -10.432 2.794   1.00 14.96 ? 70  ILE A CG2 1 
ATOM   374  C  CD1 . ILE A 1 63  ? -6.861  -9.088  3.458   1.00 26.56 ? 70  ILE A CD1 1 
ATOM   375  N  N   . PHE A 1 64  ? -3.145  -11.423 -0.477  1.00 26.67 ? 71  PHE A N   1 
ATOM   376  C  CA  . PHE A 1 64  ? -2.230  -12.445 -0.877  1.00 29.81 ? 71  PHE A CA  1 
ATOM   377  C  C   . PHE A 1 64  ? -2.065  -13.443 0.215   1.00 31.72 ? 71  PHE A C   1 
ATOM   378  O  O   . PHE A 1 64  ? -2.130  -13.099 1.398   1.00 23.71 ? 71  PHE A O   1 
ATOM   379  C  CB  . PHE A 1 64  ? -0.876  -11.862 -1.287  1.00 34.40 ? 71  PHE A CB  1 
ATOM   380  C  CG  . PHE A 1 64  ? -1.005  -11.195 -2.629  1.00 33.84 ? 71  PHE A CG  1 
ATOM   381  C  CD1 . PHE A 1 64  ? -2.243  -10.711 -3.052  1.00 36.85 ? 71  PHE A CD1 1 
ATOM   382  C  CD2 . PHE A 1 64  ? 0.085   -11.093 -3.489  1.00 35.97 ? 71  PHE A CD2 1 
ATOM   383  C  CE1 . PHE A 1 64  ? -2.393  -10.108 -4.302  1.00 37.33 ? 71  PHE A CE1 1 
ATOM   384  C  CE2 . PHE A 1 64  ? -0.049  -10.514 -4.752  1.00 36.04 ? 71  PHE A CE2 1 
ATOM   385  C  CZ  . PHE A 1 64  ? -1.293  -10.026 -5.155  1.00 32.06 ? 71  PHE A CZ  1 
ATOM   386  N  N   . GLU A 1 65  ? -1.927  -14.684 -0.221  1.00 43.94 ? 72  GLU A N   1 
ATOM   387  C  CA  . GLU A 1 65  ? -1.728  -15.799 0.667   1.00 47.38 ? 72  GLU A CA  1 
ATOM   388  C  C   . GLU A 1 65  ? -0.691  -15.419 1.716   1.00 55.99 ? 72  GLU A C   1 
ATOM   389  O  O   . GLU A 1 65  ? -0.972  -15.404 2.912   1.00 67.10 ? 72  GLU A O   1 
ATOM   390  C  CB  . GLU A 1 65  ? -1.268  -17.036 -0.134  1.00 49.04 ? 72  GLU A CB  1 
ATOM   391  N  N   . THR A 1 66  ? 0.496   -15.068 1.220   1.00 37.73 ? 73  THR A N   1 
ATOM   392  C  CA  . THR A 1 66  ? 1.669   -14.649 1.977   1.00 24.95 ? 73  THR A CA  1 
ATOM   393  C  C   . THR A 1 66  ? 1.417   -13.488 2.940   1.00 35.69 ? 73  THR A C   1 
ATOM   394  O  O   . THR A 1 66  ? 2.239   -13.220 3.814   1.00 33.53 ? 73  THR A O   1 
ATOM   395  C  CB  . THR A 1 66  ? 2.789   -14.254 1.008   1.00 28.72 ? 73  THR A CB  1 
ATOM   396  O  OG1 . THR A 1 66  ? 2.409   -14.598 -0.315  1.00 75.00 ? 73  THR A OG1 1 
ATOM   397  C  CG2 . THR A 1 66  ? 4.079   -14.956 1.391   1.00 67.15 ? 73  THR A CG2 1 
ATOM   398  N  N   . ASN A 1 67  ? 0.292   -12.778 2.763   1.00 33.67 ? 74  ASN A N   1 
ATOM   399  C  CA  . ASN A 1 67  ? -0.075  -11.677 3.646   1.00 26.27 ? 74  ASN A CA  1 
ATOM   400  C  C   . ASN A 1 67  ? 0.751   -10.411 3.485   1.00 31.30 ? 74  ASN A C   1 
ATOM   401  O  O   . ASN A 1 67  ? 0.654   -9.535  4.335   1.00 36.39 ? 74  ASN A O   1 
ATOM   402  C  CB  . ASN A 1 67  ? 0.067   -12.062 5.127   1.00 22.70 ? 74  ASN A CB  1 
ATOM   403  C  CG  . ASN A 1 67  ? -0.878  -13.117 5.587   1.00 47.69 ? 74  ASN A CG  1 
ATOM   404  O  OD1 . ASN A 1 67  ? -2.104  -13.011 5.366   1.00 17.91 ? 74  ASN A OD1 1 
ATOM   405  N  ND2 . ASN A 1 67  ? -0.304  -14.098 6.283   1.00 58.07 ? 74  ASN A ND2 1 
ATOM   406  N  N   . HIS A 1 68  ? 1.573   -10.296 2.451   1.00 24.27 ? 75  HIS A N   1 
ATOM   407  C  CA  . HIS A 1 68  ? 2.380   -9.098  2.315   1.00 24.47 ? 75  HIS A CA  1 
ATOM   408  C  C   . HIS A 1 68  ? 1.763   -8.016  1.425   1.00 39.23 ? 75  HIS A C   1 
ATOM   409  O  O   . HIS A 1 68  ? 2.352   -6.947  1.243   1.00 47.60 ? 75  HIS A O   1 
ATOM   410  C  CB  . HIS A 1 68  ? 3.782   -9.453  1.793   1.00 27.41 ? 75  HIS A CB  1 
ATOM   411  C  CG  . HIS A 1 68  ? 3.749   -9.871  0.363   1.00 31.93 ? 75  HIS A CG  1 
ATOM   412  N  ND1 . HIS A 1 68  ? 3.357   -11.140 -0.005  1.00 35.69 ? 75  HIS A ND1 1 
ATOM   413  C  CD2 . HIS A 1 68  ? 4.035   -9.172  -0.772  1.00 41.48 ? 75  HIS A CD2 1 
ATOM   414  C  CE1 . HIS A 1 68  ? 3.426   -11.204 -1.326  1.00 37.70 ? 75  HIS A CE1 1 
ATOM   415  N  NE2 . HIS A 1 68  ? 3.828   -10.037 -1.821  1.00 41.92 ? 75  HIS A NE2 1 
ATOM   416  N  N   . ALA A 1 69  ? 0.596   -8.305  0.848   1.00 25.20 ? 76  ALA A N   1 
ATOM   417  C  CA  . ALA A 1 69  ? -0.028  -7.431  -0.110  1.00 20.54 ? 76  ALA A CA  1 
ATOM   418  C  C   . ALA A 1 69  ? -1.530  -7.559  -0.102  1.00 23.20 ? 76  ALA A C   1 
ATOM   419  O  O   . ALA A 1 69  ? -2.067  -8.631  0.134   1.00 32.06 ? 76  ALA A O   1 
ATOM   420  C  CB  . ALA A 1 69  ? 0.494   -7.793  -1.494  1.00 22.55 ? 76  ALA A CB  1 
ATOM   421  N  N   . PHE A 1 70  ? -2.216  -6.482  -0.453  1.00 12.73 ? 77  PHE A N   1 
ATOM   422  C  CA  . PHE A 1 70  ? -3.647  -6.543  -0.464  1.00 12.92 ? 77  PHE A CA  1 
ATOM   423  C  C   . PHE A 1 70  ? -4.244  -5.491  -1.368  1.00 27.85 ? 77  PHE A C   1 
ATOM   424  O  O   . PHE A 1 70  ? -3.580  -4.488  -1.710  1.00 24.35 ? 77  PHE A O   1 
ATOM   425  C  CB  . PHE A 1 70  ? -4.205  -6.443  0.972   1.00 10.17 ? 77  PHE A CB  1 
ATOM   426  C  CG  . PHE A 1 70  ? -4.041  -5.055  1.577   1.00 25.27 ? 77  PHE A CG  1 
ATOM   427  C  CD1 . PHE A 1 70  ? -2.868  -4.675  2.240   1.00 29.75 ? 77  PHE A CD1 1 
ATOM   428  C  CD2 . PHE A 1 70  ? -5.065  -4.107  1.480   1.00 24.76 ? 77  PHE A CD2 1 
ATOM   429  C  CE1 . PHE A 1 70  ? -2.703  -3.389  2.770   1.00 29.34 ? 77  PHE A CE1 1 
ATOM   430  C  CE2 . PHE A 1 70  ? -4.927  -2.823  2.023   1.00 18.41 ? 77  PHE A CE2 1 
ATOM   431  C  CZ  . PHE A 1 70  ? -3.740  -2.462  2.665   1.00 18.66 ? 77  PHE A CZ  1 
ATOM   432  N  N   . SER A 1 71  ? -5.507  -5.750  -1.715  1.00 22.81 ? 78  SER A N   1 
ATOM   433  C  CA  . SER A 1 71  ? -6.293  -4.898  -2.585  1.00 24.37 ? 78  SER A CA  1 
ATOM   434  C  C   . SER A 1 71  ? -7.457  -4.265  -1.884  1.00 30.57 ? 78  SER A C   1 
ATOM   435  O  O   . SER A 1 71  ? -8.030  -4.798  -0.936  1.00 25.95 ? 78  SER A O   1 
ATOM   436  C  CB  . SER A 1 71  ? -6.819  -5.613  -3.801  1.00 27.58 ? 78  SER A CB  1 
ATOM   437  O  OG  . SER A 1 71  ? -5.928  -5.371  -4.876  1.00 72.95 ? 78  SER A OG  1 
ATOM   438  N  N   . ILE A 1 72  ? -7.842  -3.120  -2.406  1.00 28.79 ? 79  ILE A N   1 
ATOM   439  C  CA  . ILE A 1 72  ? -8.951  -2.400  -1.830  1.00 26.82 ? 79  ILE A CA  1 
ATOM   440  C  C   . ILE A 1 72  ? -9.667  -1.495  -2.812  1.00 26.78 ? 79  ILE A C   1 
ATOM   441  O  O   . ILE A 1 72  ? -9.092  -0.901  -3.726  1.00 29.25 ? 79  ILE A O   1 
ATOM   442  C  CB  . ILE A 1 72  ? -8.586  -1.691  -0.528  1.00 23.91 ? 79  ILE A CB  1 
ATOM   443  C  CG1 . ILE A 1 72  ? -9.845  -1.449  0.284   1.00 25.33 ? 79  ILE A CG1 1 
ATOM   444  C  CG2 . ILE A 1 72  ? -7.884  -0.374  -0.820  1.00 37.29 ? 79  ILE A CG2 1 
ATOM   445  C  CD1 . ILE A 1 72  ? -9.714  -0.388  1.376   1.00 29.84 ? 79  ILE A CD1 1 
ATOM   446  N  N   . GLU A 1 73  ? -10.964 -1.440  -2.638  1.00 36.81 ? 80  GLU A N   1 
ATOM   447  C  CA  . GLU A 1 73  ? -11.748 -0.557  -3.443  1.00 35.83 ? 80  GLU A CA  1 
ATOM   448  C  C   . GLU A 1 73  ? -12.685 0.299   -2.648  1.00 38.77 ? 80  GLU A C   1 
ATOM   449  O  O   . GLU A 1 73  ? -13.572 -0.157  -1.947  1.00 53.02 ? 80  GLU A O   1 
ATOM   450  C  CB  . GLU A 1 73  ? -12.210 -1.047  -4.809  1.00 36.24 ? 80  GLU A CB  1 
ATOM   451  C  CG  . GLU A 1 73  ? -13.636 -1.579  -4.850  1.00 64.12 ? 80  GLU A CG  1 
ATOM   452  C  CD  . GLU A 1 73  ? -13.741 -2.716  -5.828  1.00 75.00 ? 80  GLU A CD  1 
ATOM   453  O  OE1 . GLU A 1 73  ? -12.828 -3.657  -5.604  1.00 75.00 ? 80  GLU A OE1 1 
ATOM   454  O  OE2 . GLU A 1 73  ? -14.536 -2.732  -6.762  1.00 75.00 ? 80  GLU A OE2 1 
ATOM   455  N  N   . SER A 1 74  ? -12.383 1.568   -2.688  1.00 30.96 ? 81  SER A N   1 
ATOM   456  C  CA  . SER A 1 74  ? -13.122 2.546   -1.946  1.00 29.07 ? 81  SER A CA  1 
ATOM   457  C  C   . SER A 1 74  ? -14.496 2.719   -2.490  1.00 32.70 ? 81  SER A C   1 
ATOM   458  O  O   . SER A 1 74  ? -14.779 2.370   -3.626  1.00 30.27 ? 81  SER A O   1 
ATOM   459  C  CB  . SER A 1 74  ? -12.452 3.894   -2.065  1.00 38.42 ? 81  SER A CB  1 
ATOM   460  O  OG  . SER A 1 74  ? -12.666 4.381   -3.372  1.00 36.62 ? 81  SER A OG  1 
ATOM   461  N  N   . ASP A 1 75  ? -15.283 3.411   -1.693  1.00 35.27 ? 82  ASP A N   1 
ATOM   462  C  CA  . ASP A 1 75  ? -16.640 3.714   -2.035  1.00 41.46 ? 82  ASP A CA  1 
ATOM   463  C  C   . ASP A 1 75  ? -16.765 4.658   -3.211  1.00 46.75 ? 82  ASP A C   1 
ATOM   464  O  O   . ASP A 1 75  ? -17.763 4.684   -3.921  1.00 50.14 ? 82  ASP A O   1 
ATOM   465  C  CB  . ASP A 1 75  ? -17.337 4.232   -0.788  1.00 45.71 ? 82  ASP A CB  1 
ATOM   466  C  CG  . ASP A 1 75  ? -17.294 3.153   0.251   1.00 69.29 ? 82  ASP A CG  1 
ATOM   467  O  OD1 . ASP A 1 75  ? -16.945 2.006   -0.005  1.00 69.85 ? 82  ASP A OD1 1 
ATOM   468  O  OD2 . ASP A 1 75  ? -17.696 3.565   1.422   1.00 70.19 ? 82  ASP A OD2 1 
ATOM   469  N  N   . SER A 1 76  ? -15.713 5.393   -3.435  1.00 41.90 ? 83  SER A N   1 
ATOM   470  C  CA  . SER A 1 76  ? -15.659 6.365   -4.494  1.00 38.05 ? 83  SER A CA  1 
ATOM   471  C  C   . SER A 1 76  ? -15.376 5.721   -5.826  1.00 47.43 ? 83  SER A C   1 
ATOM   472  O  O   . SER A 1 76  ? -15.525 6.362   -6.860  1.00 55.20 ? 83  SER A O   1 
ATOM   473  C  CB  . SER A 1 76  ? -14.564 7.366   -4.190  1.00 41.09 ? 83  SER A CB  1 
ATOM   474  O  OG  . SER A 1 76  ? -13.543 6.728   -3.425  1.00 36.56 ? 83  SER A OG  1 
ATOM   475  N  N   . GLY A 1 77  ? -14.911 4.472   -5.798  1.00 36.96 ? 84  GLY A N   1 
ATOM   476  C  CA  . GLY A 1 77  ? -14.575 3.784   -7.027  1.00 31.44 ? 84  GLY A CA  1 
ATOM   477  C  C   . GLY A 1 77  ? -13.076 3.697   -7.352  1.00 44.72 ? 84  GLY A C   1 
ATOM   478  O  O   . GLY A 1 77  ? -12.690 3.504   -8.519  1.00 42.37 ? 84  GLY A O   1 
ATOM   479  N  N   . VAL A 1 78  ? -12.216 3.782   -6.325  1.00 45.13 ? 85  VAL A N   1 
ATOM   480  C  CA  . VAL A 1 78  ? -10.777 3.669   -6.545  1.00 40.91 ? 85  VAL A CA  1 
ATOM   481  C  C   . VAL A 1 78  ? -10.238 2.311   -6.153  1.00 38.84 ? 85  VAL A C   1 
ATOM   482  O  O   . VAL A 1 78  ? -10.535 1.770   -5.101  1.00 38.86 ? 85  VAL A O   1 
ATOM   483  C  CB  . VAL A 1 78  ? -9.951  4.789   -5.899  1.00 43.50 ? 85  VAL A CB  1 
ATOM   484  C  CG1 . VAL A 1 78  ? -8.482  4.685   -6.311  1.00 43.23 ? 85  VAL A CG1 1 
ATOM   485  C  CG2 . VAL A 1 78  ? -10.487 6.153   -6.313  1.00 42.46 ? 85  VAL A CG2 1 
ATOM   486  N  N   . GLU A 1 79  ? -9.427  1.743   -7.005  1.00 36.33 ? 86  GLU A N   1 
ATOM   487  C  CA  . GLU A 1 79  ? -8.866  0.482   -6.646  1.00 30.91 ? 86  GLU A CA  1 
ATOM   488  C  C   . GLU A 1 79  ? -7.419  0.661   -6.390  1.00 31.25 ? 86  GLU A C   1 
ATOM   489  O  O   . GLU A 1 79  ? -6.675  1.004   -7.309  1.00 25.88 ? 86  GLU A O   1 
ATOM   490  C  CB  . GLU A 1 79  ? -9.005  -0.509  -7.769  1.00 32.71 ? 86  GLU A CB  1 
ATOM   491  C  CG  . GLU A 1 79  ? -10.440 -1.028  -7.894  1.00 43.06 ? 86  GLU A CG  1 
ATOM   492  C  CD  . GLU A 1 79  ? -10.574 -1.891  -9.092  1.00 75.00 ? 86  GLU A CD  1 
ATOM   493  O  OE1 . GLU A 1 79  ? -9.774  -2.781  -9.350  1.00 75.00 ? 86  GLU A OE1 1 
ATOM   494  O  OE2 . GLU A 1 79  ? -11.586 -1.561  -9.863  1.00 75.00 ? 86  GLU A OE2 1 
ATOM   495  N  N   . LEU A 1 80  ? -7.046  0.424   -5.143  1.00 27.54 ? 87  LEU A N   1 
ATOM   496  C  CA  . LEU A 1 80  ? -5.686  0.557   -4.718  1.00 29.16 ? 87  LEU A CA  1 
ATOM   497  C  C   . LEU A 1 80  ? -5.068  -0.795  -4.473  1.00 32.58 ? 87  LEU A C   1 
ATOM   498  O  O   . LEU A 1 80  ? -5.780  -1.707  -4.103  1.00 36.70 ? 87  LEU A O   1 
ATOM   499  C  CB  . LEU A 1 80  ? -5.654  1.333   -3.402  1.00 29.34 ? 87  LEU A CB  1 
ATOM   500  C  CG  . LEU A 1 80  ? -6.040  2.784   -3.548  1.00 26.45 ? 87  LEU A CG  1 
ATOM   501  C  CD1 . LEU A 1 80  ? -7.331  3.030   -2.787  1.00 27.20 ? 87  LEU A CD1 1 
ATOM   502  C  CD2 . LEU A 1 80  ? -4.928  3.577   -2.914  1.00 25.55 ? 87  LEU A CD2 1 
ATOM   503  N  N   . PHE A 1 81  ? -3.741  -0.901  -4.616  1.00 22.77 ? 88  PHE A N   1 
ATOM   504  C  CA  . PHE A 1 81  ? -3.014  -2.134  -4.365  1.00 12.37 ? 88  PHE A CA  1 
ATOM   505  C  C   . PHE A 1 81  ? -1.838  -1.832  -3.508  1.00 25.59 ? 88  PHE A C   1 
ATOM   506  O  O   . PHE A 1 81  ? -0.885  -1.200  -3.989  1.00 24.13 ? 88  PHE A O   1 
ATOM   507  C  CB  . PHE A 1 81  ? -2.499  -2.668  -5.698  1.00 19.41 ? 88  PHE A CB  1 
ATOM   508  C  CG  . PHE A 1 81  ? -1.628  -3.915  -5.658  1.00 17.07 ? 88  PHE A CG  1 
ATOM   509  C  CD1 . PHE A 1 81  ? -2.024  -5.066  -4.978  1.00 20.38 ? 88  PHE A CD1 1 
ATOM   510  C  CD2 . PHE A 1 81  ? -0.444  -3.965  -6.392  1.00 22.90 ? 88  PHE A CD2 1 
ATOM   511  C  CE1 . PHE A 1 81  ? -1.238  -6.221  -4.981  1.00 14.50 ? 88  PHE A CE1 1 
ATOM   512  C  CE2 . PHE A 1 81  ? 0.354   -5.109  -6.404  1.00 26.96 ? 88  PHE A CE2 1 
ATOM   513  C  CZ  . PHE A 1 81  ? -0.035  -6.241  -5.685  1.00 15.33 ? 88  PHE A CZ  1 
ATOM   514  N  N   . VAL A 1 82  ? -1.898  -2.271  -2.242  1.00 18.54 ? 89  VAL A N   1 
ATOM   515  C  CA  . VAL A 1 82  ? -0.750  -2.083  -1.372  1.00 9.48  ? 89  VAL A CA  1 
ATOM   516  C  C   . VAL A 1 82  ? 0.103   -3.351  -1.322  1.00 16.64 ? 89  VAL A C   1 
ATOM   517  O  O   . VAL A 1 82  ? -0.402  -4.452  -1.103  1.00 28.69 ? 89  VAL A O   1 
ATOM   518  C  CB  . VAL A 1 82  ? -1.129  -1.623  0.017   1.00 24.97 ? 89  VAL A CB  1 
ATOM   519  C  CG1 . VAL A 1 82  ? 0.178   -1.328  0.778   1.00 29.91 ? 89  VAL A CG1 1 
ATOM   520  C  CG2 . VAL A 1 82  ? -2.057  -0.421  -0.073  1.00 18.35 ? 89  VAL A CG2 1 
ATOM   521  N  N   . HIS A 1 83  ? 1.397   -3.207  -1.533  1.00 13.48 ? 90  HIS A N   1 
ATOM   522  C  CA  . HIS A 1 83  ? 2.248   -4.373  -1.613  1.00 22.38 ? 90  HIS A CA  1 
ATOM   523  C  C   . HIS A 1 83  ? 3.530   -4.149  -0.881  1.00 23.83 ? 90  HIS A C   1 
ATOM   524  O  O   . HIS A 1 83  ? 4.371   -3.392  -1.323  1.00 25.34 ? 90  HIS A O   1 
ATOM   525  C  CB  . HIS A 1 83  ? 2.578   -4.679  -3.092  1.00 24.70 ? 90  HIS A CB  1 
ATOM   526  C  CG  . HIS A 1 83  ? 3.464   -5.872  -3.309  1.00 27.03 ? 90  HIS A CG  1 
ATOM   527  N  ND1 . HIS A 1 83  ? 4.827   -5.838  -3.025  1.00 23.32 ? 90  HIS A ND1 1 
ATOM   528  C  CD2 . HIS A 1 83  ? 3.173   -7.092  -3.844  1.00 25.76 ? 90  HIS A CD2 1 
ATOM   529  C  CE1 . HIS A 1 83  ? 5.312   -7.026  -3.363  1.00 25.93 ? 90  HIS A CE1 1 
ATOM   530  N  NE2 . HIS A 1 83  ? 4.352   -7.800  -3.856  1.00 25.96 ? 90  HIS A NE2 1 
ATOM   531  N  N   . PHE A 1 84  ? 3.682   -4.870  0.198   1.00 24.76 ? 91  PHE A N   1 
ATOM   532  C  CA  . PHE A 1 84  ? 4.829   -4.728  1.049   1.00 29.64 ? 91  PHE A CA  1 
ATOM   533  C  C   . PHE A 1 84  ? 6.134   -5.290  0.507   1.00 30.60 ? 91  PHE A C   1 
ATOM   534  O  O   . PHE A 1 84  ? 6.304   -6.497  0.308   1.00 23.25 ? 91  PHE A O   1 
ATOM   535  C  CB  . PHE A 1 84  ? 4.538   -5.254  2.468   1.00 35.44 ? 91  PHE A CB  1 
ATOM   536  C  CG  . PHE A 1 84  ? 5.672   -4.893  3.399   1.00 37.23 ? 91  PHE A CG  1 
ATOM   537  C  CD1 . PHE A 1 84  ? 6.880   -5.589  3.365   1.00 39.24 ? 91  PHE A CD1 1 
ATOM   538  C  CD2 . PHE A 1 84  ? 5.551   -3.817  4.274   1.00 34.45 ? 91  PHE A CD2 1 
ATOM   539  C  CE1 . PHE A 1 84  ? 7.948   -5.218  4.178   1.00 39.13 ? 91  PHE A CE1 1 
ATOM   540  C  CE2 . PHE A 1 84  ? 6.600   -3.441  5.113   1.00 34.25 ? 91  PHE A CE2 1 
ATOM   541  C  CZ  . PHE A 1 84  ? 7.803   -4.140  5.054   1.00 30.99 ? 91  PHE A CZ  1 
ATOM   542  N  N   . GLY A 1 85  ? 7.117   -4.422  0.398   1.00 27.53 ? 92  GLY A N   1 
ATOM   543  C  CA  . GLY A 1 85  ? 8.441   -4.866  -0.027  1.00 25.59 ? 92  GLY A CA  1 
ATOM   544  C  C   . GLY A 1 85  ? 8.472   -5.399  -1.460  1.00 42.76 ? 92  GLY A C   1 
ATOM   545  O  O   . GLY A 1 85  ? 7.451   -5.369  -2.168  1.00 42.54 ? 92  GLY A O   1 
ATOM   546  N  N   . ILE A 1 86  ? 9.684   -5.861  -1.864  1.00 31.98 ? 93  ILE A N   1 
ATOM   547  C  CA  . ILE A 1 86  ? 9.949   -6.414  -3.188  1.00 30.89 ? 93  ILE A CA  1 
ATOM   548  C  C   . ILE A 1 86  ? 10.426  -7.855  -3.085  1.00 39.36 ? 93  ILE A C   1 
ATOM   549  O  O   . ILE A 1 86  ? 11.417  -8.127  -2.399  1.00 40.32 ? 93  ILE A O   1 
ATOM   550  C  CB  . ILE A 1 86  ? 10.982  -5.574  -3.925  1.00 39.24 ? 93  ILE A CB  1 
ATOM   551  C  CG1 . ILE A 1 86  ? 10.445  -4.167  -4.192  1.00 47.75 ? 93  ILE A CG1 1 
ATOM   552  C  CG2 . ILE A 1 86  ? 11.368  -6.245  -5.240  1.00 35.15 ? 93  ILE A CG2 1 
ATOM   553  C  CD1 . ILE A 1 86  ? 8.971   -4.136  -4.588  1.00 51.18 ? 93  ILE A CD1 1 
ATOM   554  N  N   . ASP A 1 87  ? 9.703   -8.773  -3.739  1.00 42.37 ? 94  ASP A N   1 
ATOM   555  C  CA  . ASP A 1 87  ? 10.030  -10.198 -3.708  1.00 42.94 ? 94  ASP A CA  1 
ATOM   556  C  C   . ASP A 1 87  ? 9.644   -10.838 -2.394  1.00 42.67 ? 94  ASP A C   1 
ATOM   557  O  O   . ASP A 1 87  ? 10.080  -11.941 -2.084  1.00 48.60 ? 94  ASP A O   1 
ATOM   558  C  CB  . ASP A 1 87  ? 11.535  -10.458 -3.920  1.00 46.68 ? 94  ASP A CB  1 
ATOM   559  C  CG  . ASP A 1 87  ? 11.936  -10.590 -5.362  1.00 75.00 ? 94  ASP A CG  1 
ATOM   560  O  OD1 . ASP A 1 87  ? 11.652  -11.559 -6.024  1.00 75.00 ? 94  ASP A OD1 1 
ATOM   561  O  OD2 . ASP A 1 87  ? 12.633  -9.572  -5.820  1.00 75.00 ? 94  ASP A OD2 1 
ATOM   562  N  N   . THR A 1 88  ? 8.856   -10.121 -1.618  1.00 31.10 ? 95  THR A N   1 
ATOM   563  C  CA  . THR A 1 88  ? 8.428   -10.542 -0.296  1.00 27.43 ? 95  THR A CA  1 
ATOM   564  C  C   . THR A 1 88  ? 7.772   -11.920 -0.279  1.00 31.76 ? 95  THR A C   1 
ATOM   565  O  O   . THR A 1 88  ? 7.638   -12.558 0.767   1.00 43.54 ? 95  THR A O   1 
ATOM   566  C  CB  . THR A 1 88  ? 7.525   -9.459  0.326   1.00 33.40 ? 95  THR A CB  1 
ATOM   567  O  OG1 . THR A 1 88  ? 7.717   -8.221  -0.341  1.00 28.30 ? 95  THR A OG1 1 
ATOM   568  C  CG2 . THR A 1 88  ? 7.826   -9.288  1.810   1.00 20.86 ? 95  THR A CG2 1 
ATOM   569  N  N   . VAL A 1 89  ? 7.327   -12.390 -1.436  1.00 28.45 ? 96  VAL A N   1 
ATOM   570  C  CA  . VAL A 1 89  ? 6.705   -13.691 -1.479  1.00 22.05 ? 96  VAL A CA  1 
ATOM   571  C  C   . VAL A 1 89  ? 7.717   -14.768 -1.075  1.00 27.36 ? 96  VAL A C   1 
ATOM   572  O  O   . VAL A 1 89  ? 7.403   -15.785 -0.478  1.00 36.77 ? 96  VAL A O   1 
ATOM   573  C  CB  . VAL A 1 89  ? 6.150   -13.943 -2.852  1.00 25.52 ? 96  VAL A CB  1 
ATOM   574  C  CG1 . VAL A 1 89  ? 7.316   -14.190 -3.773  1.00 22.60 ? 96  VAL A CG1 1 
ATOM   575  C  CG2 . VAL A 1 89  ? 5.251   -15.165 -2.803  1.00 26.48 ? 96  VAL A CG2 1 
ATOM   576  N  N   . GLU A 1 90  ? 8.969   -14.499 -1.359  1.00 22.20 ? 97  GLU A N   1 
ATOM   577  C  CA  . GLU A 1 90  ? 10.062  -15.368 -0.977  1.00 26.10 ? 97  GLU A CA  1 
ATOM   578  C  C   . GLU A 1 90  ? 10.117  -15.737 0.508   1.00 47.45 ? 97  GLU A C   1 
ATOM   579  O  O   . GLU A 1 90  ? 10.786  -16.694 0.883   1.00 54.53 ? 97  GLU A O   1 
ATOM   580  C  CB  . GLU A 1 90  ? 11.397  -14.713 -1.367  1.00 28.11 ? 97  GLU A CB  1 
ATOM   581  C  CG  . GLU A 1 90  ? 11.944  -15.300 -2.679  1.00 69.87 ? 97  GLU A CG  1 
ATOM   582  C  CD  . GLU A 1 90  ? 11.093  -16.433 -3.203  1.00 75.00 ? 97  GLU A CD  1 
ATOM   583  O  OE1 . GLU A 1 90  ? 10.031  -16.250 -3.768  1.00 75.00 ? 97  GLU A OE1 1 
ATOM   584  O  OE2 . GLU A 1 90  ? 11.592  -17.634 -2.968  1.00 75.00 ? 97  GLU A OE2 1 
ATOM   585  N  N   . LEU A 1 91  ? 9.480   -14.938 1.357   1.00 39.78 ? 98  LEU A N   1 
ATOM   586  C  CA  . LEU A 1 91  ? 9.501   -15.170 2.781   1.00 37.72 ? 98  LEU A CA  1 
ATOM   587  C  C   . LEU A 1 91  ? 8.398   -16.111 3.206   1.00 43.04 ? 98  LEU A C   1 
ATOM   588  O  O   . LEU A 1 91  ? 8.171   -16.371 4.399   1.00 39.67 ? 98  LEU A O   1 
ATOM   589  C  CB  . LEU A 1 91  ? 9.365   -13.847 3.539   1.00 38.99 ? 98  LEU A CB  1 
ATOM   590  C  CG  . LEU A 1 91  ? 10.647  -13.038 3.518   1.00 44.86 ? 98  LEU A CG  1 
ATOM   591  C  CD1 . LEU A 1 91  ? 10.500  -11.829 4.430   1.00 41.06 ? 98  LEU A CD1 1 
ATOM   592  C  CD2 . LEU A 1 91  ? 11.800  -13.920 3.978   1.00 71.69 ? 98  LEU A CD2 1 
ATOM   593  N  N   . LYS A 1 92  ? 7.679   -16.601 2.219   1.00 28.04 ? 99  LYS A N   1 
ATOM   594  C  CA  . LYS A 1 92  ? 6.619   -17.527 2.488   1.00 27.95 ? 99  LYS A CA  1 
ATOM   595  C  C   . LYS A 1 92  ? 5.700   -17.133 3.656   1.00 44.44 ? 99  LYS A C   1 
ATOM   596  O  O   . LYS A 1 92  ? 5.257   -17.978 4.422   1.00 50.25 ? 99  LYS A O   1 
ATOM   597  C  CB  . LYS A 1 92  ? 7.183   -18.933 2.639   1.00 31.39 ? 99  LYS A CB  1 
ATOM   598  N  N   . GLY A 1 93  ? 5.378   -15.836 3.775   1.00 47.51 ? 100 GLY A N   1 
ATOM   599  C  CA  . GLY A 1 93  ? 4.425   -15.356 4.784   1.00 40.16 ? 100 GLY A CA  1 
ATOM   600  C  C   . GLY A 1 93  ? 4.988   -15.129 6.165   1.00 50.53 ? 100 GLY A C   1 
ATOM   601  O  O   . GLY A 1 93  ? 4.239   -14.932 7.127   1.00 54.04 ? 100 GLY A O   1 
ATOM   602  N  N   . GLU A 1 94  ? 6.310   -15.101 6.215   1.00 51.28 ? 101 GLU A N   1 
ATOM   603  C  CA  . GLU A 1 94  ? 7.082   -14.926 7.432   1.00 52.13 ? 101 GLU A CA  1 
ATOM   604  C  C   . GLU A 1 94  ? 7.359   -13.477 7.859   1.00 55.72 ? 101 GLU A C   1 
ATOM   605  O  O   . GLU A 1 94  ? 8.306   -12.845 7.374   1.00 52.74 ? 101 GLU A O   1 
ATOM   606  C  CB  . GLU A 1 94  ? 8.417   -15.676 7.299   1.00 52.21 ? 101 GLU A CB  1 
ATOM   607  C  CG  . GLU A 1 94  ? 9.150   -15.856 8.643   1.00 75.00 ? 101 GLU A CG  1 
ATOM   608  C  CD  . GLU A 1 94  ? 10.660  -15.735 8.566   1.00 75.00 ? 101 GLU A CD  1 
ATOM   609  O  OE1 . GLU A 1 94  ? 11.169  -15.952 7.355   1.00 75.00 ? 101 GLU A OE1 1 
ATOM   610  O  OE2 . GLU A 1 94  ? 11.345  -15.484 9.543   1.00 75.00 ? 101 GLU A OE2 1 
ATOM   611  N  N   . GLY A 1 95  ? 6.586   -12.993 8.846   1.00 43.22 ? 102 GLY A N   1 
ATOM   612  C  CA  . GLY A 1 95  ? 6.754   -11.656 9.394   1.00 38.29 ? 102 GLY A CA  1 
ATOM   613  C  C   . GLY A 1 95  ? 5.460   -10.871 9.348   1.00 37.26 ? 102 GLY A C   1 
ATOM   614  O  O   . GLY A 1 95  ? 5.455   -9.739  9.832   1.00 36.23 ? 102 GLY A O   1 
ATOM   615  N  N   . PHE A 1 96  ? 4.394   -11.524 8.774   1.00 27.76 ? 103 PHE A N   1 
ATOM   616  C  CA  . PHE A 1 96  ? 3.031   -10.998 8.517   1.00 28.09 ? 103 PHE A CA  1 
ATOM   617  C  C   . PHE A 1 96  ? 1.876   -11.731 9.163   1.00 41.49 ? 103 PHE A C   1 
ATOM   618  O  O   . PHE A 1 96  ? 1.606   -12.916 8.908   1.00 52.50 ? 103 PHE A O   1 
ATOM   619  C  CB  . PHE A 1 96  ? 2.683   -10.984 7.029   1.00 26.35 ? 103 PHE A CB  1 
ATOM   620  C  CG  . PHE A 1 96  ? 3.730   -10.263 6.266   1.00 35.56 ? 103 PHE A CG  1 
ATOM   621  C  CD1 . PHE A 1 96  ? 3.694   -8.870  6.192   1.00 36.29 ? 103 PHE A CD1 1 
ATOM   622  C  CD2 . PHE A 1 96  ? 4.784   -10.958 5.669   1.00 28.76 ? 103 PHE A CD2 1 
ATOM   623  C  CE1 . PHE A 1 96  ? 4.668   -8.170  5.482   1.00 37.74 ? 103 PHE A CE1 1 
ATOM   624  C  CE2 . PHE A 1 96  ? 5.768   -10.271 4.965   1.00 17.84 ? 103 PHE A CE2 1 
ATOM   625  C  CZ  . PHE A 1 96  ? 5.697   -8.881  4.860   1.00 27.59 ? 103 PHE A CZ  1 
ATOM   626  N  N   . LYS A 1 97  ? 1.111   -10.937 9.881   1.00 32.66 ? 104 LYS A N   1 
ATOM   627  C  CA  . LYS A 1 97  ? -0.053  -11.398 10.563  1.00 29.74 ? 104 LYS A CA  1 
ATOM   628  C  C   . LYS A 1 97  ? -1.241  -10.712 9.975   1.00 31.56 ? 104 LYS A C   1 
ATOM   629  O  O   . LYS A 1 97  ? -1.348  -9.496  9.948   1.00 37.93 ? 104 LYS A O   1 
ATOM   630  C  CB  . LYS A 1 97  ? 0.034   -11.151 12.048  1.00 31.71 ? 104 LYS A CB  1 
ATOM   631  N  N   . ARG A 1 98  ? -2.101  -11.511 9.429   1.00 29.87 ? 105 ARG A N   1 
ATOM   632  C  CA  . ARG A 1 98  ? -3.261  -11.027 8.745   1.00 29.94 ? 105 ARG A CA  1 
ATOM   633  C  C   . ARG A 1 98  ? -4.384  -10.713 9.714   1.00 39.27 ? 105 ARG A C   1 
ATOM   634  O  O   . ARG A 1 98  ? -4.980  -11.573 10.365  1.00 35.68 ? 105 ARG A O   1 
ATOM   635  C  CB  . ARG A 1 98  ? -3.588  -12.027 7.651   1.00 21.46 ? 105 ARG A CB  1 
ATOM   636  C  CG  . ARG A 1 98  ? -4.924  -11.923 6.940   1.00 39.83 ? 105 ARG A CG  1 
ATOM   637  C  CD  . ARG A 1 98  ? -4.966  -13.087 5.957   1.00 31.28 ? 105 ARG A CD  1 
ATOM   638  N  NE  . ARG A 1 98  ? -5.992  -13.057 4.940   1.00 62.79 ? 105 ARG A NE  1 
ATOM   639  C  CZ  . ARG A 1 98  ? -5.782  -13.631 3.770   1.00 55.80 ? 105 ARG A CZ  1 
ATOM   640  N  NH1 . ARG A 1 98  ? -4.628  -14.213 3.488   1.00 31.70 ? 105 ARG A NH1 1 
ATOM   641  N  NH2 . ARG A 1 98  ? -6.742  -13.619 2.864   1.00 75.00 ? 105 ARG A NH2 1 
ATOM   642  N  N   . ILE A 1 99  ? -4.621  -9.427  9.839   1.00 39.19 ? 106 ILE A N   1 
ATOM   643  C  CA  . ILE A 1 99  ? -5.604  -8.963  10.757  1.00 30.78 ? 106 ILE A CA  1 
ATOM   644  C  C   . ILE A 1 99  ? -6.964  -8.914  10.151  1.00 35.68 ? 106 ILE A C   1 
ATOM   645  O  O   . ILE A 1 99  ? -7.911  -9.435  10.717  1.00 40.92 ? 106 ILE A O   1 
ATOM   646  C  CB  . ILE A 1 99  ? -5.202  -7.669  11.475  1.00 28.54 ? 106 ILE A CB  1 
ATOM   647  C  CG1 . ILE A 1 99  ? -4.238  -7.973  12.618  1.00 21.58 ? 106 ILE A CG1 1 
ATOM   648  C  CG2 . ILE A 1 99  ? -6.428  -7.011  12.092  1.00 24.43 ? 106 ILE A CG2 1 
ATOM   649  C  CD1 . ILE A 1 99  ? -3.713  -9.406  12.616  1.00 48.54 ? 106 ILE A CD1 1 
ATOM   650  N  N   . ALA A 1 100 ? -7.079  -8.311  8.990   1.00 43.39 ? 107 ALA A N   1 
ATOM   651  C  CA  . ALA A 1 100 ? -8.401  -8.213  8.387   1.00 47.83 ? 107 ALA A CA  1 
ATOM   652  C  C   . ALA A 1 100 ? -8.773  -9.358  7.471   1.00 46.95 ? 107 ALA A C   1 
ATOM   653  O  O   . ALA A 1 100 ? -7.969  -10.256 7.213   1.00 46.98 ? 107 ALA A O   1 
ATOM   654  C  CB  . ALA A 1 100 ? -8.656  -6.871  7.740   1.00 50.33 ? 107 ALA A CB  1 
ATOM   655  N  N   . GLU A 1 101 ? -10.012 -9.321  6.979   1.00 34.19 ? 108 GLU A N   1 
ATOM   656  C  CA  . GLU A 1 101 ? -10.454 -10.397 6.129   1.00 39.93 ? 108 GLU A CA  1 
ATOM   657  C  C   . GLU A 1 101 ? -10.928 -9.956  4.774   1.00 42.89 ? 108 GLU A C   1 
ATOM   658  O  O   . GLU A 1 101 ? -11.552 -8.905  4.599   1.00 35.78 ? 108 GLU A O   1 
ATOM   659  C  CB  . GLU A 1 101 ? -11.443 -11.370 6.810   1.00 44.91 ? 108 GLU A CB  1 
ATOM   660  N  N   . GLU A 1 102 ? -10.590 -10.822 3.826   1.00 45.26 ? 109 GLU A N   1 
ATOM   661  C  CA  . GLU A 1 102 ? -10.932 -10.688 2.432   1.00 44.93 ? 109 GLU A CA  1 
ATOM   662  C  C   . GLU A 1 102 ? -12.409 -10.340 2.278   1.00 44.06 ? 109 GLU A C   1 
ATOM   663  O  O   . GLU A 1 102 ? -13.277 -11.040 2.776   1.00 48.44 ? 109 GLU A O   1 
ATOM   664  C  CB  . GLU A 1 102 ? -10.585 -12.011 1.708   1.00 47.30 ? 109 GLU A CB  1 
ATOM   665  C  CG  . GLU A 1 102 ? -10.342 -11.866 0.194   1.00 61.65 ? 109 GLU A CG  1 
ATOM   666  C  CD  . GLU A 1 102 ? -9.100  -12.570 -0.272  1.00 50.93 ? 109 GLU A CD  1 
ATOM   667  O  OE1 . GLU A 1 102 ? -8.827  -13.639 0.427   1.00 75.00 ? 109 GLU A OE1 1 
ATOM   668  O  OE2 . GLU A 1 102 ? -8.415  -12.176 -1.193  1.00 75.00 ? 109 GLU A OE2 1 
ATOM   669  N  N   . GLY A 1 103 ? -12.679 -9.219  1.624   1.00 38.66 ? 110 GLY A N   1 
ATOM   670  C  CA  . GLY A 1 103 ? -14.036 -8.767  1.370   1.00 37.24 ? 110 GLY A CA  1 
ATOM   671  C  C   . GLY A 1 103 ? -14.665 -8.053  2.548   1.00 50.46 ? 110 GLY A C   1 
ATOM   672  O  O   . GLY A 1 103 ? -15.860 -7.761  2.547   1.00 48.39 ? 110 GLY A O   1 
ATOM   673  N  N   . GLN A 1 104 ? -13.858 -7.754  3.555   1.00 43.45 ? 111 GLN A N   1 
ATOM   674  C  CA  . GLN A 1 104 ? -14.392 -7.082  4.707   1.00 36.07 ? 111 GLN A CA  1 
ATOM   675  C  C   . GLN A 1 104 ? -14.566 -5.600  4.471   1.00 41.74 ? 111 GLN A C   1 
ATOM   676  O  O   . GLN A 1 104 ? -13.828 -4.992  3.694   1.00 47.88 ? 111 GLN A O   1 
ATOM   677  C  CB  . GLN A 1 104 ? -13.484 -7.372  5.887   1.00 36.54 ? 111 GLN A CB  1 
ATOM   678  C  CG  . GLN A 1 104 ? -13.868 -6.624  7.172   1.00 54.19 ? 111 GLN A CG  1 
ATOM   679  C  CD  . GLN A 1 104 ? -12.796 -6.902  8.196   1.00 49.39 ? 111 GLN A CD  1 
ATOM   680  O  OE1 . GLN A 1 104 ? -12.120 -7.940  8.119   1.00 43.63 ? 111 GLN A OE1 1 
ATOM   681  N  NE2 . GLN A 1 104 ? -12.524 -5.914  9.047   1.00 53.58 ? 111 GLN A NE2 1 
ATOM   682  N  N   . ARG A 1 105 ? -15.559 -5.026  5.143   1.00 38.06 ? 112 ARG A N   1 
ATOM   683  C  CA  . ARG A 1 105 ? -15.819 -3.603  5.046   1.00 33.39 ? 112 ARG A CA  1 
ATOM   684  C  C   . ARG A 1 105 ? -14.926 -2.871  6.012   1.00 48.97 ? 112 ARG A C   1 
ATOM   685  O  O   . ARG A 1 105 ? -14.883 -3.199  7.195   1.00 55.14 ? 112 ARG A O   1 
ATOM   686  C  CB  . ARG A 1 105 ? -17.260 -3.274  5.359   1.00 36.35 ? 112 ARG A CB  1 
ATOM   687  C  CG  . ARG A 1 105 ? -18.100 -3.018  4.121   1.00 53.54 ? 112 ARG A CG  1 
ATOM   688  C  CD  . ARG A 1 105 ? -18.743 -1.637  4.123   1.00 75.00 ? 112 ARG A CD  1 
ATOM   689  N  NE  . ARG A 1 105 ? -18.230 -0.758  3.084   1.00 75.00 ? 112 ARG A NE  1 
ATOM   690  C  CZ  . ARG A 1 105 ? -17.405 0.266   3.313   1.00 75.00 ? 112 ARG A CZ  1 
ATOM   691  N  NH1 . ARG A 1 105 ? -16.961 0.573   4.541   1.00 75.00 ? 112 ARG A NH1 1 
ATOM   692  N  NH2 . ARG A 1 105 ? -16.987 1.014   2.286   1.00 75.00 ? 112 ARG A NH2 1 
ATOM   693  N  N   . VAL A 1 106 ? -14.183 -1.893  5.499   1.00 47.26 ? 113 VAL A N   1 
ATOM   694  C  CA  . VAL A 1 106 ? -13.254 -1.152  6.328   1.00 41.19 ? 113 VAL A CA  1 
ATOM   695  C  C   . VAL A 1 106 ? -13.354 0.332   6.142   1.00 40.94 ? 113 VAL A C   1 
ATOM   696  O  O   . VAL A 1 106 ? -13.847 0.812   5.124   1.00 41.00 ? 113 VAL A O   1 
ATOM   697  C  CB  . VAL A 1 106 ? -11.801 -1.547  6.104   1.00 42.94 ? 113 VAL A CB  1 
ATOM   698  C  CG1 . VAL A 1 106 ? -11.582 -3.037  6.316   1.00 39.57 ? 113 VAL A CG1 1 
ATOM   699  C  CG2 . VAL A 1 106 ? -11.382 -1.137  4.699   1.00 42.29 ? 113 VAL A CG2 1 
ATOM   700  N  N   . LYS A 1 107 ? -12.840 1.021   7.163   1.00 36.57 ? 114 LYS A N   1 
ATOM   701  C  CA  . LYS A 1 107 ? -12.767 2.461   7.227   1.00 33.79 ? 114 LYS A CA  1 
ATOM   702  C  C   . LYS A 1 107 ? -11.315 2.853   7.350   1.00 30.99 ? 114 LYS A C   1 
ATOM   703  O  O   . LYS A 1 107 ? -10.476 2.088   7.794   1.00 22.59 ? 114 LYS A O   1 
ATOM   704  C  CB  . LYS A 1 107 ? -13.612 3.059   8.340   1.00 41.03 ? 114 LYS A CB  1 
ATOM   705  N  N   . VAL A 1 108 ? -10.982 4.010   6.869   1.00 32.34 ? 115 VAL A N   1 
ATOM   706  C  CA  . VAL A 1 108 ? -9.600  4.392   6.886   1.00 30.91 ? 115 VAL A CA  1 
ATOM   707  C  C   . VAL A 1 108 ? -8.952  4.156   8.226   1.00 31.15 ? 115 VAL A C   1 
ATOM   708  O  O   . VAL A 1 108 ? -9.406  4.706   9.217   1.00 31.30 ? 115 VAL A O   1 
ATOM   709  C  CB  . VAL A 1 108 ? -9.498  5.860   6.640   1.00 32.27 ? 115 VAL A CB  1 
ATOM   710  C  CG1 . VAL A 1 108 ? -8.129  6.263   7.108   1.00 27.18 ? 115 VAL A CG1 1 
ATOM   711  C  CG2 . VAL A 1 108 ? -9.630  6.138   5.160   1.00 40.09 ? 115 VAL A CG2 1 
ATOM   712  N  N   . GLY A 1 109 ? -7.856  3.415   8.273   1.00 20.29 ? 116 GLY A N   1 
ATOM   713  C  CA  . GLY A 1 109 ? -7.192  3.249   9.556   1.00 18.93 ? 116 GLY A CA  1 
ATOM   714  C  C   . GLY A 1 109 ? -7.350  1.893   10.190  1.00 34.16 ? 116 GLY A C   1 
ATOM   715  O  O   . GLY A 1 109 ? -6.637  1.545   11.137  1.00 39.40 ? 116 GLY A O   1 
ATOM   716  N  N   . ASP A 1 110 ? -8.303  1.132   9.687   1.00 34.73 ? 117 ASP A N   1 
ATOM   717  C  CA  . ASP A 1 110 ? -8.501  -0.203  10.194  1.00 33.60 ? 117 ASP A CA  1 
ATOM   718  C  C   . ASP A 1 110 ? -7.307  -1.051  9.795   1.00 42.97 ? 117 ASP A C   1 
ATOM   719  O  O   . ASP A 1 110 ? -6.938  -1.114  8.627   1.00 51.14 ? 117 ASP A O   1 
ATOM   720  C  CB  . ASP A 1 110 ? -9.809  -0.817  9.659   1.00 38.22 ? 117 ASP A CB  1 
ATOM   721  C  CG  . ASP A 1 110 ? -11.041 -0.126  10.174  1.00 60.16 ? 117 ASP A CG  1 
ATOM   722  O  OD1 . ASP A 1 110 ? -10.973 0.764   11.009  1.00 52.95 ? 117 ASP A OD1 1 
ATOM   723  O  OD2 . ASP A 1 110 ? -12.180 -0.597  9.658   1.00 38.35 ? 117 ASP A OD2 1 
ATOM   724  N  N   . THR A 1 111 ? -6.685  -1.664  10.782  1.00 39.78 ? 118 THR A N   1 
ATOM   725  C  CA  . THR A 1 111 ? -5.524  -2.493  10.575  1.00 29.33 ? 118 THR A CA  1 
ATOM   726  C  C   . THR A 1 111 ? -5.805  -3.624  9.631   1.00 34.12 ? 118 THR A C   1 
ATOM   727  O  O   . THR A 1 111 ? -6.828  -4.274  9.764   1.00 39.63 ? 118 THR A O   1 
ATOM   728  C  CB  . THR A 1 111 ? -5.146  -3.093  11.905  1.00 21.87 ? 118 THR A CB  1 
ATOM   729  O  OG1 . THR A 1 111 ? -4.615  -2.062  12.716  1.00 49.26 ? 118 THR A OG1 1 
ATOM   730  C  CG2 . THR A 1 111 ? -4.119  -4.178  11.635  1.00 26.88 ? 118 THR A CG2 1 
ATOM   731  N  N   . VAL A 1 112 ? -4.902  -3.869  8.684   1.00 30.66 ? 119 VAL A N   1 
ATOM   732  C  CA  . VAL A 1 112 ? -5.110  -4.946  7.718   1.00 17.61 ? 119 VAL A CA  1 
ATOM   733  C  C   . VAL A 1 112 ? -4.168  -6.079  7.948   1.00 23.59 ? 119 VAL A C   1 
ATOM   734  O  O   . VAL A 1 112 ? -4.555  -7.229  8.062   1.00 33.77 ? 119 VAL A O   1 
ATOM   735  C  CB  . VAL A 1 112 ? -4.972  -4.467  6.301   1.00 20.29 ? 119 VAL A CB  1 
ATOM   736  C  CG1 . VAL A 1 112 ? -4.979  -5.661  5.351   1.00 23.27 ? 119 VAL A CG1 1 
ATOM   737  C  CG2 . VAL A 1 112 ? -6.163  -3.586  5.998   1.00 17.74 ? 119 VAL A CG2 1 
ATOM   738  N  N   . ILE A 1 113 ? -2.913  -5.701  8.060   1.00 29.23 ? 120 ILE A N   1 
ATOM   739  C  CA  . ILE A 1 113 ? -1.841  -6.616  8.322   1.00 17.53 ? 120 ILE A CA  1 
ATOM   740  C  C   . ILE A 1 113 ? -0.868  -6.023  9.320   1.00 34.68 ? 120 ILE A C   1 
ATOM   741  O  O   . ILE A 1 113 ? -0.691  -4.806  9.405   1.00 38.00 ? 120 ILE A O   1 
ATOM   742  C  CB  . ILE A 1 113 ? -1.154  -7.011  7.025   1.00 17.92 ? 120 ILE A CB  1 
ATOM   743  C  CG1 . ILE A 1 113 ? -2.230  -7.340  6.008   1.00 12.46 ? 120 ILE A CG1 1 
ATOM   744  C  CG2 . ILE A 1 113 ? -0.291  -8.248  7.216   1.00 32.94 ? 120 ILE A CG2 1 
ATOM   745  C  CD1 . ILE A 1 113 ? -1.612  -7.478  4.636   1.00 42.01 ? 120 ILE A CD1 1 
ATOM   746  N  N   . GLU A 1 114 ? -0.278  -6.909  10.113  1.00 35.65 ? 121 GLU A N   1 
ATOM   747  C  CA  . GLU A 1 114 ? 0.723   -6.532  11.071  1.00 38.46 ? 121 GLU A CA  1 
ATOM   748  C  C   . GLU A 1 114 ? 2.032   -7.219  10.675  1.00 33.68 ? 121 GLU A C   1 
ATOM   749  O  O   . GLU A 1 114 ? 2.021   -8.389  10.278  1.00 29.71 ? 121 GLU A O   1 
ATOM   750  C  CB  . GLU A 1 114 ? 0.309   -6.820  12.536  1.00 44.42 ? 121 GLU A CB  1 
ATOM   751  C  CG  . GLU A 1 114 ? -0.897  -6.004  13.059  1.00 41.48 ? 121 GLU A CG  1 
ATOM   752  C  CD  . GLU A 1 114 ? -1.354  -6.388  14.458  1.00 69.93 ? 121 GLU A CD  1 
ATOM   753  O  OE1 . GLU A 1 114 ? -0.755  -7.455  14.934  1.00 57.01 ? 121 GLU A OE1 1 
ATOM   754  O  OE2 . GLU A 1 114 ? -2.203  -5.770  15.084  1.00 53.29 ? 121 GLU A OE2 1 
ATOM   755  N  N   . PHE A 1 115 ? 3.132   -6.460  10.711  1.00 22.06 ? 122 PHE A N   1 
ATOM   756  C  CA  . PHE A 1 115 ? 4.439   -6.966  10.355  1.00 25.85 ? 122 PHE A CA  1 
ATOM   757  C  C   . PHE A 1 115 ? 5.530   -6.670  11.372  1.00 34.36 ? 122 PHE A C   1 
ATOM   758  O  O   . PHE A 1 115 ? 5.393   -5.871  12.304  1.00 38.97 ? 122 PHE A O   1 
ATOM   759  C  CB  . PHE A 1 115 ? 4.898   -6.525  8.959   1.00 31.09 ? 122 PHE A CB  1 
ATOM   760  C  CG  . PHE A 1 115 ? 4.916   -5.021  8.789   1.00 30.52 ? 122 PHE A CG  1 
ATOM   761  C  CD1 . PHE A 1 115 ? 6.033   -4.270  9.154   1.00 27.82 ? 122 PHE A CD1 1 
ATOM   762  C  CD2 . PHE A 1 115 ? 3.828   -4.349  8.230   1.00 18.14 ? 122 PHE A CD2 1 
ATOM   763  C  CE1 . PHE A 1 115 ? 6.069   -2.887  8.975   1.00 22.61 ? 122 PHE A CE1 1 
ATOM   764  C  CE2 . PHE A 1 115 ? 3.859   -2.970  8.014   1.00 23.51 ? 122 PHE A CE2 1 
ATOM   765  C  CZ  . PHE A 1 115 ? 4.975   -2.233  8.408   1.00 25.22 ? 122 PHE A CZ  1 
ATOM   766  N  N   . ASP A 1 116 ? 6.638   -7.323  11.103  1.00 33.72 ? 123 ASP A N   1 
ATOM   767  C  CA  . ASP A 1 116 ? 7.815   -7.277  11.900  1.00 30.42 ? 123 ASP A CA  1 
ATOM   768  C  C   . ASP A 1 116 ? 8.931   -6.613  11.125  1.00 40.41 ? 123 ASP A C   1 
ATOM   769  O  O   . ASP A 1 116 ? 9.696   -7.282  10.439  1.00 45.60 ? 123 ASP A O   1 
ATOM   770  C  CB  . ASP A 1 116 ? 8.195   -8.732  12.165  1.00 34.87 ? 123 ASP A CB  1 
ATOM   771  C  CG  . ASP A 1 116 ? 8.959   -8.874  13.435  1.00 63.59 ? 123 ASP A CG  1 
ATOM   772  O  OD1 . ASP A 1 116 ? 9.927   -8.188  13.675  1.00 62.88 ? 123 ASP A OD1 1 
ATOM   773  O  OD2 . ASP A 1 116 ? 8.446   -9.757  14.262  1.00 73.40 ? 123 ASP A OD2 1 
ATOM   774  N  N   . LEU A 1 117 ? 9.033   -5.294  11.226  1.00 26.45 ? 124 LEU A N   1 
ATOM   775  C  CA  . LEU A 1 117 ? 10.034  -4.551  10.474  1.00 19.64 ? 124 LEU A CA  1 
ATOM   776  C  C   . LEU A 1 117 ? 11.431  -5.061  10.629  1.00 37.76 ? 124 LEU A C   1 
ATOM   777  O  O   . LEU A 1 117 ? 12.081  -5.388  9.650   1.00 47.22 ? 124 LEU A O   1 
ATOM   778  C  CB  . LEU A 1 117 ? 9.994   -3.050  10.751  1.00 26.07 ? 124 LEU A CB  1 
ATOM   779  C  CG  . LEU A 1 117 ? 10.333  -2.228  9.521   1.00 34.98 ? 124 LEU A CG  1 
ATOM   780  C  CD1 . LEU A 1 117 ? 9.385   -2.619  8.391   1.00 28.29 ? 124 LEU A CD1 1 
ATOM   781  C  CD2 . LEU A 1 117 ? 10.147  -0.756  9.832   1.00 44.80 ? 124 LEU A CD2 1 
ATOM   782  N  N   . PRO A 1 118 ? 11.909  -5.091  11.860  1.00 45.54 ? 125 PRO A N   1 
ATOM   783  C  CA  . PRO A 1 118 ? 13.237  -5.594  12.150  1.00 44.70 ? 125 PRO A CA  1 
ATOM   784  C  C   . PRO A 1 118 ? 13.532  -6.814  11.303  1.00 45.03 ? 125 PRO A C   1 
ATOM   785  O  O   . PRO A 1 118 ? 14.462  -6.794  10.505  1.00 47.75 ? 125 PRO A O   1 
ATOM   786  C  CB  . PRO A 1 118 ? 13.225  -6.023  13.616  1.00 47.03 ? 125 PRO A CB  1 
ATOM   787  C  CG  . PRO A 1 118 ? 11.866  -5.664  14.188  1.00 56.34 ? 125 PRO A CG  1 
ATOM   788  C  CD  . PRO A 1 118 ? 11.081  -4.978  13.081  1.00 51.10 ? 125 PRO A CD  1 
ATOM   789  N  N   . LEU A 1 119 ? 12.724  -7.863  11.494  1.00 32.88 ? 126 LEU A N   1 
ATOM   790  C  CA  . LEU A 1 119 ? 12.809  -9.110  10.739  1.00 30.97 ? 126 LEU A CA  1 
ATOM   791  C  C   . LEU A 1 119 ? 12.850  -8.838  9.248   1.00 34.42 ? 126 LEU A C   1 
ATOM   792  O  O   . LEU A 1 119 ? 13.775  -9.201  8.539   1.00 40.24 ? 126 LEU A O   1 
ATOM   793  C  CB  . LEU A 1 119 ? 11.572  -9.983  11.031  1.00 34.66 ? 126 LEU A CB  1 
ATOM   794  C  CG  . LEU A 1 119 ? 11.630  -11.425 10.510  1.00 48.71 ? 126 LEU A CG  1 
ATOM   795  C  CD1 . LEU A 1 119 ? 10.432  -12.189 11.052  1.00 48.90 ? 126 LEU A CD1 1 
ATOM   796  C  CD2 . LEU A 1 119 ? 11.571  -11.494 8.985   1.00 64.14 ? 126 LEU A CD2 1 
ATOM   797  N  N   . LEU A 1 120 ? 11.785  -8.226  8.776   1.00 28.25 ? 127 LEU A N   1 
ATOM   798  C  CA  . LEU A 1 120 ? 11.654  -7.929  7.382   1.00 27.68 ? 127 LEU A CA  1 
ATOM   799  C  C   . LEU A 1 120 ? 12.842  -7.153  6.878   1.00 29.61 ? 127 LEU A C   1 
ATOM   800  O  O   . LEU A 1 120 ? 13.381  -7.429  5.809   1.00 29.60 ? 127 LEU A O   1 
ATOM   801  C  CB  . LEU A 1 120 ? 10.284  -7.267  7.054   1.00 31.14 ? 127 LEU A CB  1 
ATOM   802  C  CG  . LEU A 1 120 ? 9.082   -8.052  7.628   1.00 33.55 ? 127 LEU A CG  1 
ATOM   803  C  CD1 . LEU A 1 120 ? 7.749   -7.316  7.461   1.00 31.96 ? 127 LEU A CD1 1 
ATOM   804  C  CD2 . LEU A 1 120 ? 9.011   -9.424  6.974   1.00 45.91 ? 127 LEU A CD2 1 
ATOM   805  N  N   . GLU A 1 121 ? 13.268  -6.183  7.662   1.00 29.68 ? 128 GLU A N   1 
ATOM   806  C  CA  . GLU A 1 121 ? 14.378  -5.352  7.237   1.00 32.88 ? 128 GLU A CA  1 
ATOM   807  C  C   . GLU A 1 121 ? 15.601  -6.161  6.888   1.00 51.62 ? 128 GLU A C   1 
ATOM   808  O  O   . GLU A 1 121 ? 16.261  -5.887  5.879   1.00 61.89 ? 128 GLU A O   1 
ATOM   809  C  CB  . GLU A 1 121 ? 14.674  -4.180  8.199   1.00 31.61 ? 128 GLU A CB  1 
ATOM   810  C  CG  . GLU A 1 121 ? 13.709  -2.997  7.965   1.00 51.16 ? 128 GLU A CG  1 
ATOM   811  C  CD  . GLU A 1 121 ? 14.206  -1.665  8.457   1.00 75.00 ? 128 GLU A CD  1 
ATOM   812  O  OE1 . GLU A 1 121 ? 14.910  -1.770  9.556   1.00 65.29 ? 128 GLU A OE1 1 
ATOM   813  O  OE2 . GLU A 1 121 ? 13.928  -0.598  7.928   1.00 75.00 ? 128 GLU A OE2 1 
ATOM   814  N  N   . GLU A 1 122 ? 15.831  -7.201  7.708   1.00 43.22 ? 129 GLU A N   1 
ATOM   815  C  CA  . GLU A 1 122 ? 16.958  -8.109  7.584   1.00 41.68 ? 129 GLU A CA  1 
ATOM   816  C  C   . GLU A 1 122 ? 16.782  -9.166  6.522   1.00 46.82 ? 129 GLU A C   1 
ATOM   817  O  O   . GLU A 1 122 ? 17.615  -9.289  5.630   1.00 54.63 ? 129 GLU A O   1 
ATOM   818  C  CB  . GLU A 1 122 ? 17.332  -8.772  8.926   1.00 42.00 ? 129 GLU A CB  1 
ATOM   819  N  N   . LYS A 1 123 ? 15.709  -9.940  6.648   1.00 40.84 ? 130 LYS A N   1 
ATOM   820  C  CA  . LYS A 1 123 ? 15.421  -11.039 5.729   1.00 45.61 ? 130 LYS A CA  1 
ATOM   821  C  C   . LYS A 1 123 ? 14.878  -10.630 4.354   1.00 51.93 ? 130 LYS A C   1 
ATOM   822  O  O   . LYS A 1 123 ? 14.831  -11.445 3.441   1.00 51.24 ? 130 LYS A O   1 
ATOM   823  C  CB  . LYS A 1 123 ? 14.502  -12.076 6.370   1.00 42.29 ? 130 LYS A CB  1 
ATOM   824  C  CG  . LYS A 1 123 ? 14.925  -12.455 7.778   1.00 64.07 ? 130 LYS A CG  1 
ATOM   825  C  CD  . LYS A 1 123 ? 15.478  -13.865 7.883   1.00 68.50 ? 130 LYS A CD  1 
ATOM   826  C  CE  . LYS A 1 123 ? 14.483  -14.912 7.411   1.00 75.00 ? 130 LYS A CE  1 
ATOM   827  N  NZ  . LYS A 1 123 ? 13.748  -15.553 8.525   1.00 75.00 ? 130 LYS A NZ  1 
ATOM   828  N  N   . ALA A 1 124 ? 14.448  -9.377  4.202   1.00 49.35 ? 131 ALA A N   1 
ATOM   829  C  CA  . ALA A 1 124 ? 13.840  -8.944  2.953   1.00 48.06 ? 131 ALA A CA  1 
ATOM   830  C  C   . ALA A 1 124 ? 14.744  -8.225  1.972   1.00 63.44 ? 131 ALA A C   1 
ATOM   831  O  O   . ALA A 1 124 ? 15.620  -7.443  2.365   1.00 67.73 ? 131 ALA A O   1 
ATOM   832  C  CB  . ALA A 1 124 ? 12.608  -8.100  3.217   1.00 44.77 ? 131 ALA A CB  1 
ATOM   833  N  N   . LYS A 1 125 ? 14.446  -8.483  0.680   1.00 57.18 ? 132 LYS A N   1 
ATOM   834  C  CA  . LYS A 1 125 ? 15.091  -7.881  -0.476  1.00 51.69 ? 132 LYS A CA  1 
ATOM   835  C  C   . LYS A 1 125 ? 15.012  -6.371  -0.352  1.00 46.05 ? 132 LYS A C   1 
ATOM   836  O  O   . LYS A 1 125 ? 16.008  -5.659  -0.307  1.00 50.21 ? 132 LYS A O   1 
ATOM   837  C  CB  . LYS A 1 125 ? 14.421  -8.353  -1.766  1.00 57.78 ? 132 LYS A CB  1 
ATOM   838  C  CG  . LYS A 1 125 ? 15.098  -7.868  -3.039  1.00 61.18 ? 132 LYS A CG  1 
ATOM   839  N  N   . SER A 1 126 ? 13.791  -5.889  -0.249  1.00 41.09 ? 133 SER A N   1 
ATOM   840  C  CA  . SER A 1 126 ? 13.521  -4.480  -0.059  1.00 37.26 ? 133 SER A CA  1 
ATOM   841  C  C   . SER A 1 126 ? 12.304  -4.289  0.799   1.00 43.50 ? 133 SER A C   1 
ATOM   842  O  O   . SER A 1 126 ? 11.393  -5.119  0.849   1.00 46.40 ? 133 SER A O   1 
ATOM   843  C  CB  . SER A 1 126 ? 13.368  -3.683  -1.332  1.00 30.42 ? 133 SER A CB  1 
ATOM   844  O  OG  . SER A 1 126 ? 13.350  -2.311  -1.002  1.00 45.22 ? 133 SER A OG  1 
ATOM   845  N  N   . THR A 1 127 ? 12.296  -3.160  1.451   1.00 36.73 ? 134 THR A N   1 
ATOM   846  C  CA  . THR A 1 127 ? 11.234  -2.825  2.359   1.00 31.74 ? 134 THR A CA  1 
ATOM   847  C  C   . THR A 1 127 ? 10.218  -1.868  1.712   1.00 30.77 ? 134 THR A C   1 
ATOM   848  O  O   . THR A 1 127 ? 9.030   -1.814  2.065   1.00 26.70 ? 134 THR A O   1 
ATOM   849  C  CB  . THR A 1 127 ? 11.907  -2.304  3.637   1.00 41.22 ? 134 THR A CB  1 
ATOM   850  O  OG1 . THR A 1 127 ? 11.759  -3.214  4.715   1.00 47.26 ? 134 THR A OG1 1 
ATOM   851  C  CG2 . THR A 1 127 ? 11.441  -0.911  3.995   1.00 60.67 ? 134 THR A CG2 1 
ATOM   852  N  N   . LEU A 1 128 ? 10.657  -1.168  0.676   1.00 22.31 ? 135 LEU A N   1 
ATOM   853  C  CA  . LEU A 1 128 ? 9.743   -0.264  0.011   1.00 18.18 ? 135 LEU A CA  1 
ATOM   854  C  C   . LEU A 1 128 ? 8.440   -0.926  -0.265  1.00 29.52 ? 135 LEU A C   1 
ATOM   855  O  O   . LEU A 1 128 ? 8.388   -2.092  -0.665  1.00 25.71 ? 135 LEU A O   1 
ATOM   856  C  CB  . LEU A 1 128 ? 10.279  0.393   -1.262  1.00 17.38 ? 135 LEU A CB  1 
ATOM   857  C  CG  . LEU A 1 128 ? 11.740  0.803   -1.176  1.00 25.12 ? 135 LEU A CG  1 
ATOM   858  C  CD1 . LEU A 1 128 ? 12.188  1.296   -2.537  1.00 15.56 ? 135 LEU A CD1 1 
ATOM   859  C  CD2 . LEU A 1 128 ? 11.912  1.923   -0.157  1.00 25.43 ? 135 LEU A CD2 1 
ATOM   860  N  N   . THR A 1 129 ? 7.399   -0.138  -0.046  1.00 26.64 ? 136 THR A N   1 
ATOM   861  C  CA  . THR A 1 129 ? 6.044   -0.573  -0.223  1.00 15.78 ? 136 THR A CA  1 
ATOM   862  C  C   . THR A 1 129 ? 5.295   0.308   -1.192  1.00 21.10 ? 136 THR A C   1 
ATOM   863  O  O   . THR A 1 129 ? 4.883   1.419   -0.905  1.00 20.79 ? 136 THR A O   1 
ATOM   864  C  CB  . THR A 1 129 ? 5.338   -0.640  1.135   1.00 25.25 ? 136 THR A CB  1 
ATOM   865  O  OG1 . THR A 1 129 ? 6.124   -1.430  1.992   1.00 15.59 ? 136 THR A OG1 1 
ATOM   866  C  CG2 . THR A 1 129 ? 3.956   -1.249  1.000   1.00 21.46 ? 136 THR A CG2 1 
ATOM   867  N  N   . PRO A 1 130 ? 5.070   -0.242  -2.357  1.00 22.34 ? 137 PRO A N   1 
ATOM   868  C  CA  . PRO A 1 130 ? 4.310   0.473   -3.323  1.00 20.04 ? 137 PRO A CA  1 
ATOM   869  C  C   . PRO A 1 130 ? 2.845   0.549   -2.924  1.00 33.89 ? 137 PRO A C   1 
ATOM   870  O  O   . PRO A 1 130 ? 2.250   -0.416  -2.449  1.00 39.75 ? 137 PRO A O   1 
ATOM   871  C  CB  . PRO A 1 130 ? 4.454   -0.335  -4.605  1.00 19.12 ? 137 PRO A CB  1 
ATOM   872  C  CG  . PRO A 1 130 ? 5.680   -1.221  -4.450  1.00 19.17 ? 137 PRO A CG  1 
ATOM   873  C  CD  . PRO A 1 130 ? 5.974   -1.258  -2.967  1.00 14.27 ? 137 PRO A CD  1 
ATOM   874  N  N   . VAL A 1 131 ? 2.284   1.734   -3.125  1.00 28.72 ? 138 VAL A N   1 
ATOM   875  C  CA  . VAL A 1 131 ? 0.876   2.034   -2.953  1.00 22.65 ? 138 VAL A CA  1 
ATOM   876  C  C   . VAL A 1 131 ? 0.345   2.475   -4.314  1.00 28.75 ? 138 VAL A C   1 
ATOM   877  O  O   . VAL A 1 131 ? 0.718   3.549   -4.781  1.00 24.50 ? 138 VAL A O   1 
ATOM   878  C  CB  . VAL A 1 131 ? 0.662   3.148   -1.929  1.00 22.45 ? 138 VAL A CB  1 
ATOM   879  C  CG1 . VAL A 1 131 ? -0.820  3.416   -1.801  1.00 14.08 ? 138 VAL A CG1 1 
ATOM   880  C  CG2 . VAL A 1 131 ? 1.187   2.704   -0.568  1.00 28.68 ? 138 VAL A CG2 1 
ATOM   881  N  N   . VAL A 1 132 ? -0.456  1.645   -5.010  1.00 23.00 ? 139 VAL A N   1 
ATOM   882  C  CA  . VAL A 1 132 ? -0.898  2.062   -6.345  1.00 13.87 ? 139 VAL A CA  1 
ATOM   883  C  C   . VAL A 1 132 ? -2.388  2.006   -6.636  1.00 19.93 ? 139 VAL A C   1 
ATOM   884  O  O   . VAL A 1 132 ? -3.103  1.206   -6.033  1.00 23.32 ? 139 VAL A O   1 
ATOM   885  C  CB  . VAL A 1 132 ? -0.090  1.418   -7.467  1.00 24.08 ? 139 VAL A CB  1 
ATOM   886  C  CG1 . VAL A 1 132 ? 1.318   1.027   -7.025  1.00 24.05 ? 139 VAL A CG1 1 
ATOM   887  C  CG2 . VAL A 1 132 ? -0.813  0.224   -8.034  1.00 27.87 ? 139 VAL A CG2 1 
ATOM   888  N  N   . ILE A 1 133 ? -2.843  2.879   -7.565  1.00 30.94 ? 140 ILE A N   1 
ATOM   889  C  CA  . ILE A 1 133 ? -4.223  2.896   -8.055  1.00 30.09 ? 140 ILE A CA  1 
ATOM   890  C  C   . ILE A 1 133 ? -4.233  1.990   -9.254  1.00 33.69 ? 140 ILE A C   1 
ATOM   891  O  O   . ILE A 1 133 ? -3.499  2.250   -10.207 1.00 25.32 ? 140 ILE A O   1 
ATOM   892  C  CB  . ILE A 1 133 ? -4.729  4.266   -8.496  1.00 31.61 ? 140 ILE A CB  1 
ATOM   893  C  CG1 . ILE A 1 133 ? -5.236  5.024   -7.294  1.00 36.45 ? 140 ILE A CG1 1 
ATOM   894  C  CG2 . ILE A 1 133 ? -5.904  4.099   -9.425  1.00 30.31 ? 140 ILE A CG2 1 
ATOM   895  C  CD1 . ILE A 1 133 ? -4.233  6.056   -6.811  1.00 40.28 ? 140 ILE A CD1 1 
ATOM   896  N  N   . SER A 1 134 ? -5.018  0.918   -9.162  1.00 30.41 ? 141 SER A N   1 
ATOM   897  C  CA  . SER A 1 134 ? -5.074  -0.127  -10.171 1.00 32.23 ? 141 SER A CA  1 
ATOM   898  C  C   . SER A 1 134 ? -5.969  0.160   -11.368 1.00 44.65 ? 141 SER A C   1 
ATOM   899  O  O   . SER A 1 134 ? -5.737  -0.358  -12.455 1.00 60.84 ? 141 SER A O   1 
ATOM   900  C  CB  . SER A 1 134 ? -5.340  -1.490  -9.543  1.00 38.06 ? 141 SER A CB  1 
ATOM   901  O  OG  . SER A 1 134 ? -6.143  -1.356  -8.377  1.00 55.81 ? 141 SER A OG  1 
ATOM   902  N  N   . ASN A 1 135 ? -6.964  1.016   -11.179 1.00 35.08 ? 142 ASN A N   1 
ATOM   903  C  CA  . ASN A 1 135 ? -7.884  1.398   -12.240 1.00 30.21 ? 142 ASN A CA  1 
ATOM   904  C  C   . ASN A 1 135 ? -7.627  2.847   -12.701 1.00 28.46 ? 142 ASN A C   1 
ATOM   905  O  O   . ASN A 1 135 ? -8.424  3.775   -12.502 1.00 27.70 ? 142 ASN A O   1 
ATOM   906  C  CB  . ASN A 1 135 ? -9.318  1.193   -11.728 1.00 12.37 ? 142 ASN A CB  1 
ATOM   907  C  CG  . ASN A 1 135 ? -9.583  2.080   -10.534 1.00 37.23 ? 142 ASN A CG  1 
ATOM   908  O  OD1 . ASN A 1 135 ? -8.645  2.491   -9.844  1.00 25.08 ? 142 ASN A OD1 1 
ATOM   909  N  ND2 . ASN A 1 135 ? -10.851 2.430   -10.325 1.00 12.94 ? 142 ASN A ND2 1 
ATOM   910  N  N   . MET A 1 136 ? -6.462  3.023   -13.325 1.00 31.30 ? 143 MET A N   1 
ATOM   911  C  CA  . MET A 1 136 ? -5.950  4.316   -13.795 1.00 34.71 ? 143 MET A CA  1 
ATOM   912  C  C   . MET A 1 136 ? -6.797  4.948   -14.888 1.00 55.20 ? 143 MET A C   1 
ATOM   913  O  O   . MET A 1 136 ? -6.865  6.174   -15.010 1.00 56.94 ? 143 MET A O   1 
ATOM   914  C  CB  . MET A 1 136 ? -4.498  4.228   -14.327 1.00 33.32 ? 143 MET A CB  1 
ATOM   915  C  CG  . MET A 1 136 ? -3.386  4.145   -13.286 1.00 32.14 ? 143 MET A CG  1 
ATOM   916  S  SD  . MET A 1 136 ? -3.424  5.513   -12.108 1.00 36.07 ? 143 MET A SD  1 
ATOM   917  C  CE  . MET A 1 136 ? -2.742  6.828   -13.130 1.00 36.00 ? 143 MET A CE  1 
ATOM   918  N  N   . ASP A 1 137 ? -7.383  4.092   -15.724 1.00 50.09 ? 144 ASP A N   1 
ATOM   919  C  CA  . ASP A 1 137 ? -8.206  4.552   -16.827 1.00 44.41 ? 144 ASP A CA  1 
ATOM   920  C  C   . ASP A 1 137 ? -9.371  5.352   -16.320 1.00 38.11 ? 144 ASP A C   1 
ATOM   921  O  O   . ASP A 1 137 ? -9.932  6.161   -17.048 1.00 46.10 ? 144 ASP A O   1 
ATOM   922  C  CB  . ASP A 1 137 ? -8.671  3.430   -17.785 1.00 49.34 ? 144 ASP A CB  1 
ATOM   923  C  CG  . ASP A 1 137 ? -7.565  2.498   -18.219 1.00 75.00 ? 144 ASP A CG  1 
ATOM   924  O  OD1 . ASP A 1 137 ? -6.920  1.974   -17.209 1.00 75.00 ? 144 ASP A OD1 1 
ATOM   925  O  OD2 . ASP A 1 137 ? -7.319  2.213   -19.386 1.00 75.00 ? 144 ASP A OD2 1 
ATOM   926  N  N   . GLU A 1 138 ? -9.726  5.127   -15.061 1.00 33.06 ? 145 GLU A N   1 
ATOM   927  C  CA  . GLU A 1 138 ? -10.807 5.864   -14.452 1.00 38.20 ? 145 GLU A CA  1 
ATOM   928  C  C   . GLU A 1 138 ? -10.280 7.123   -13.784 1.00 51.13 ? 145 GLU A C   1 
ATOM   929  O  O   . GLU A 1 138 ? -11.012 7.824   -13.094 1.00 60.66 ? 145 GLU A O   1 
ATOM   930  C  CB  . GLU A 1 138 ? -11.551 5.016   -13.403 1.00 41.99 ? 145 GLU A CB  1 
ATOM   931  C  CG  . GLU A 1 138 ? -12.626 4.077   -13.984 1.00 54.80 ? 145 GLU A CG  1 
ATOM   932  C  CD  . GLU A 1 138 ? -12.291 2.622   -13.809 1.00 75.00 ? 145 GLU A CD  1 
ATOM   933  O  OE1 . GLU A 1 138 ? -11.425 2.182   -14.698 1.00 75.00 ? 145 GLU A OE1 1 
ATOM   934  O  OE2 . GLU A 1 138 ? -12.775 1.924   -12.925 1.00 75.00 ? 145 GLU A OE2 1 
ATOM   935  N  N   . ILE A 1 139 ? -8.994  7.399   -13.970 1.00 46.98 ? 146 ILE A N   1 
ATOM   936  C  CA  . ILE A 1 139 ? -8.382  8.536   -13.319 1.00 42.94 ? 146 ILE A CA  1 
ATOM   937  C  C   . ILE A 1 139 ? -8.192  9.731   -14.196 1.00 41.79 ? 146 ILE A C   1 
ATOM   938  O  O   . ILE A 1 139 ? -7.619  9.640   -15.276 1.00 44.23 ? 146 ILE A O   1 
ATOM   939  C  CB  . ILE A 1 139 ? -7.082  8.219   -12.603 1.00 42.98 ? 146 ILE A CB  1 
ATOM   940  C  CG1 . ILE A 1 139 ? -7.314  8.407   -11.125 1.00 34.62 ? 146 ILE A CG1 1 
ATOM   941  C  CG2 . ILE A 1 139 ? -5.976  9.163   -13.074 1.00 49.17 ? 146 ILE A CG2 1 
ATOM   942  C  CD1 . ILE A 1 139 ? -8.231  7.313   -10.587 1.00 34.97 ? 146 ILE A CD1 1 
ATOM   943  N  N   . LYS A 1 140 ? -8.637  10.860  -13.660 1.00 29.52 ? 147 LYS A N   1 
ATOM   944  C  CA  . LYS A 1 140 ? -8.512  12.141  -14.322 1.00 31.58 ? 147 LYS A CA  1 
ATOM   945  C  C   . LYS A 1 140 ? -7.198  12.788  -13.988 1.00 39.87 ? 147 LYS A C   1 
ATOM   946  O  O   . LYS A 1 140 ? -6.374  13.073  -14.862 1.00 37.67 ? 147 LYS A O   1 
ATOM   947  C  CB  . LYS A 1 140 ? -9.633  13.061  -13.907 1.00 31.22 ? 147 LYS A CB  1 
ATOM   948  C  CG  . LYS A 1 140 ? -10.988 12.485  -14.268 1.00 75.00 ? 147 LYS A CG  1 
ATOM   949  C  CD  . LYS A 1 140 ? -11.602 13.149  -15.485 1.00 75.00 ? 147 LYS A CD  1 
ATOM   950  C  CE  . LYS A 1 140 ? -12.927 13.837  -15.182 1.00 75.00 ? 147 LYS A CE  1 
ATOM   951  N  NZ  . LYS A 1 140 ? -13.398 13.576  -13.809 1.00 75.00 ? 147 LYS A NZ  1 
ATOM   952  N  N   . GLU A 1 141 ? -7.031  13.007  -12.685 1.00 42.38 ? 148 GLU A N   1 
ATOM   953  C  CA  . GLU A 1 141 ? -5.843  13.627  -12.130 1.00 38.15 ? 148 GLU A CA  1 
ATOM   954  C  C   . GLU A 1 141 ? -5.312  12.883  -10.924 1.00 37.49 ? 148 GLU A C   1 
ATOM   955  O  O   . GLU A 1 141 ? -6.072  12.462  -10.048 1.00 35.86 ? 148 GLU A O   1 
ATOM   956  C  CB  . GLU A 1 141 ? -6.125  15.084  -11.714 1.00 37.96 ? 148 GLU A CB  1 
ATOM   957  C  CG  . GLU A 1 141 ? -4.835  15.895  -11.509 1.00 44.67 ? 148 GLU A CG  1 
ATOM   958  C  CD  . GLU A 1 141 ? -4.999  17.379  -11.706 1.00 64.37 ? 148 GLU A CD  1 
ATOM   959  O  OE1 . GLU A 1 141 ? -5.677  18.086  -10.982 1.00 71.43 ? 148 GLU A OE1 1 
ATOM   960  O  OE2 . GLU A 1 141 ? -4.321  17.835  -12.725 1.00 33.91 ? 148 GLU A OE2 1 
ATOM   961  N  N   . LEU A 1 142 ? -3.994  12.785  -10.873 1.00 30.40 ? 149 LEU A N   1 
ATOM   962  C  CA  . LEU A 1 142 ? -3.316  12.160  -9.772  1.00 28.54 ? 149 LEU A CA  1 
ATOM   963  C  C   . LEU A 1 142 ? -2.216  13.075  -9.224  1.00 39.16 ? 149 LEU A C   1 
ATOM   964  O  O   . LEU A 1 142 ? -1.243  13.374  -9.923  1.00 35.05 ? 149 LEU A O   1 
ATOM   965  C  CB  . LEU A 1 142 ? -2.734  10.821  -10.237 1.00 25.07 ? 149 LEU A CB  1 
ATOM   966  C  CG  . LEU A 1 142 ? -2.093  10.084  -9.072  1.00 33.91 ? 149 LEU A CG  1 
ATOM   967  C  CD1 . LEU A 1 142 ? -3.156  9.869   -8.014  1.00 41.99 ? 149 LEU A CD1 1 
ATOM   968  C  CD2 . LEU A 1 142 ? -1.569  8.738   -9.517  1.00 29.13 ? 149 LEU A CD2 1 
ATOM   969  N  N   . ILE A 1 143 ? -2.371  13.570  -7.988  1.00 34.22 ? 150 ILE A N   1 
ATOM   970  C  CA  . ILE A 1 143 ? -1.345  14.443  -7.394  1.00 30.69 ? 150 ILE A CA  1 
ATOM   971  C  C   . ILE A 1 143 ? -0.665  13.746  -6.252  1.00 27.63 ? 150 ILE A C   1 
ATOM   972  O  O   . ILE A 1 143 ? -1.266  13.519  -5.207  1.00 24.30 ? 150 ILE A O   1 
ATOM   973  C  CB  . ILE A 1 143 ? -1.872  15.760  -6.827  1.00 35.71 ? 150 ILE A CB  1 
ATOM   974  C  CG1 . ILE A 1 143 ? -2.303  16.733  -7.907  1.00 29.12 ? 150 ILE A CG1 1 
ATOM   975  C  CG2 . ILE A 1 143 ? -0.859  16.429  -5.920  1.00 34.00 ? 150 ILE A CG2 1 
ATOM   976  C  CD1 . ILE A 1 143 ? -3.769  17.093  -7.719  1.00 65.03 ? 150 ILE A CD1 1 
ATOM   977  N  N   . LYS A 1 144 ? 0.580   13.406  -6.471  1.00 23.32 ? 151 LYS A N   1 
ATOM   978  C  CA  . LYS A 1 144 ? 1.364   12.762  -5.453  1.00 18.85 ? 151 LYS A CA  1 
ATOM   979  C  C   . LYS A 1 144 ? 1.965   13.758  -4.460  1.00 31.17 ? 151 LYS A C   1 
ATOM   980  O  O   . LYS A 1 144 ? 2.553   14.763  -4.830  1.00 39.14 ? 151 LYS A O   1 
ATOM   981  C  CB  . LYS A 1 144 ? 2.491   11.954  -6.078  1.00 18.51 ? 151 LYS A CB  1 
ATOM   982  C  CG  . LYS A 1 144 ? 2.090   11.220  -7.343  1.00 24.20 ? 151 LYS A CG  1 
ATOM   983  C  CD  . LYS A 1 144 ? 3.220   10.320  -7.833  1.00 22.90 ? 151 LYS A CD  1 
ATOM   984  C  CE  . LYS A 1 144 ? 2.935   9.664   -9.177  1.00 23.67 ? 151 LYS A CE  1 
ATOM   985  N  NZ  . LYS A 1 144 ? 4.037   8.807   -9.619  1.00 42.06 ? 151 LYS A NZ  1 
ATOM   986  N  N   . LEU A 1 145 ? 1.899   13.432  -3.180  1.00 30.75 ? 152 LEU A N   1 
ATOM   987  C  CA  . LEU A 1 145 ? 2.497   14.269  -2.176  1.00 27.29 ? 152 LEU A CA  1 
ATOM   988  C  C   . LEU A 1 145 ? 3.885   13.801  -1.775  1.00 33.25 ? 152 LEU A C   1 
ATOM   989  O  O   . LEU A 1 145 ? 4.443   12.888  -2.359  1.00 29.78 ? 152 LEU A O   1 
ATOM   990  C  CB  . LEU A 1 145 ? 1.566   14.403  -0.988  1.00 27.97 ? 152 LEU A CB  1 
ATOM   991  C  CG  . LEU A 1 145 ? 0.183   14.809  -1.463  1.00 28.43 ? 152 LEU A CG  1 
ATOM   992  C  CD1 . LEU A 1 145 ? -0.771  14.912  -0.288  1.00 25.94 ? 152 LEU A CD1 1 
ATOM   993  C  CD2 . LEU A 1 145 ? 0.288   16.165  -2.121  1.00 26.02 ? 152 LEU A CD2 1 
ATOM   994  N  N   . SER A 1 146 ? 4.471   14.439  -0.781  1.00 40.46 ? 153 SER A N   1 
ATOM   995  C  CA  . SER A 1 146 ? 5.820   14.072  -0.375  1.00 45.96 ? 153 SER A CA  1 
ATOM   996  C  C   . SER A 1 146 ? 6.104   14.225  1.122   1.00 53.96 ? 153 SER A C   1 
ATOM   997  O  O   . SER A 1 146 ? 5.411   14.924  1.863   1.00 52.30 ? 153 SER A O   1 
ATOM   998  C  CB  . SER A 1 146 ? 6.862   14.822  -1.191  1.00 51.95 ? 153 SER A CB  1 
ATOM   999  O  OG  . SER A 1 146 ? 6.775   16.206  -0.904  1.00 64.36 ? 153 SER A OG  1 
ATOM   1000 N  N   . GLY A 1 147 ? 7.150   13.558  1.579   1.00 57.16 ? 154 GLY A N   1 
ATOM   1001 C  CA  . GLY A 1 147 ? 7.532   13.683  2.970   1.00 56.07 ? 154 GLY A CA  1 
ATOM   1002 C  C   . GLY A 1 147 ? 7.380   12.440  3.832   1.00 44.25 ? 154 GLY A C   1 
ATOM   1003 O  O   . GLY A 1 147 ? 7.376   11.289  3.398   1.00 44.67 ? 154 GLY A O   1 
ATOM   1004 N  N   . SER A 1 148 ? 7.303   12.717  5.111   1.00 30.51 ? 155 SER A N   1 
ATOM   1005 C  CA  . SER A 1 148 ? 7.155   11.695  6.098   1.00 34.07 ? 155 SER A CA  1 
ATOM   1006 C  C   . SER A 1 148 ? 5.687   11.574  6.446   1.00 38.41 ? 155 SER A C   1 
ATOM   1007 O  O   . SER A 1 148 ? 5.005   12.581  6.605   1.00 49.96 ? 155 SER A O   1 
ATOM   1008 C  CB  . SER A 1 148 ? 7.991   12.045  7.320   1.00 39.99 ? 155 SER A CB  1 
ATOM   1009 O  OG  . SER A 1 148 ? 9.238   12.553  6.896   1.00 57.47 ? 155 SER A OG  1 
ATOM   1010 N  N   . VAL A 1 149 ? 5.180   10.362  6.527   1.00 25.55 ? 156 VAL A N   1 
ATOM   1011 C  CA  . VAL A 1 149 ? 3.764   10.210  6.834   1.00 27.25 ? 156 VAL A CA  1 
ATOM   1012 C  C   . VAL A 1 149 ? 3.577   9.281   8.007   1.00 25.20 ? 156 VAL A C   1 
ATOM   1013 O  O   . VAL A 1 149 ? 4.470   8.507   8.314   1.00 27.36 ? 156 VAL A O   1 
ATOM   1014 C  CB  . VAL A 1 149 ? 3.044   9.606   5.639   1.00 31.86 ? 156 VAL A CB  1 
ATOM   1015 C  CG1 . VAL A 1 149 ? 2.817   10.641  4.551   1.00 25.84 ? 156 VAL A CG1 1 
ATOM   1016 C  CG2 . VAL A 1 149 ? 3.929   8.501   5.089   1.00 35.29 ? 156 VAL A CG2 1 
ATOM   1017 N  N   . THR A 1 150 ? 2.409   9.354   8.625   1.00 21.87 ? 157 THR A N   1 
ATOM   1018 C  CA  . THR A 1 150 ? 2.019   8.469   9.694   1.00 22.23 ? 157 THR A CA  1 
ATOM   1019 C  C   . THR A 1 150 ? 0.712   7.762   9.355   1.00 34.52 ? 157 THR A C   1 
ATOM   1020 O  O   . THR A 1 150 ? -0.226  8.372   8.823   1.00 33.74 ? 157 THR A O   1 
ATOM   1021 C  CB  . THR A 1 150 ? 1.838   9.202   11.011  1.00 23.56 ? 157 THR A CB  1 
ATOM   1022 O  OG1 . THR A 1 150 ? 1.091   10.342  10.741  1.00 33.82 ? 157 THR A OG1 1 
ATOM   1023 C  CG2 . THR A 1 150 ? 3.191   9.557   11.584  1.00 37.22 ? 157 THR A CG2 1 
ATOM   1024 N  N   . VAL A 1 151 ? 0.703   6.465   9.699   1.00 36.55 ? 158 VAL A N   1 
ATOM   1025 C  CA  . VAL A 1 151 ? -0.388  5.519   9.511   1.00 35.58 ? 158 VAL A CA  1 
ATOM   1026 C  C   . VAL A 1 151 ? -1.775  6.090   9.712   1.00 39.79 ? 158 VAL A C   1 
ATOM   1027 O  O   . VAL A 1 151 ? -2.101  6.581   10.792  1.00 46.08 ? 158 VAL A O   1 
ATOM   1028 C  CB  . VAL A 1 151 ? -0.284  4.345   10.467  1.00 33.32 ? 158 VAL A CB  1 
ATOM   1029 C  CG1 . VAL A 1 151 ? -0.460  3.026   9.738   1.00 29.11 ? 158 VAL A CG1 1 
ATOM   1030 C  CG2 . VAL A 1 151 ? 1.006   4.408   11.265  1.00 33.97 ? 158 VAL A CG2 1 
ATOM   1031 N  N   . GLY A 1 152 ? -2.623  5.876   8.704   1.00 23.67 ? 159 GLY A N   1 
ATOM   1032 C  CA  . GLY A 1 152 ? -4.009  6.277   8.777   1.00 16.79 ? 159 GLY A CA  1 
ATOM   1033 C  C   . GLY A 1 152 ? -4.187  7.751   9.118   1.00 24.83 ? 159 GLY A C   1 
ATOM   1034 O  O   . GLY A 1 152 ? -5.261  8.173   9.507   1.00 37.81 ? 159 GLY A O   1 
ATOM   1035 N  N   . GLU A 1 153 ? -3.156  8.555   8.944   1.00 24.13 ? 160 GLU A N   1 
ATOM   1036 C  CA  . GLU A 1 153 ? -3.309  9.962   9.236   1.00 25.76 ? 160 GLU A CA  1 
ATOM   1037 C  C   . GLU A 1 153 ? -2.943  10.863  8.073   1.00 33.68 ? 160 GLU A C   1 
ATOM   1038 O  O   . GLU A 1 153 ? -3.728  11.679  7.597   1.00 35.90 ? 160 GLU A O   1 
ATOM   1039 C  CB  . GLU A 1 153 ? -2.583  10.366  10.526  1.00 22.97 ? 160 GLU A CB  1 
ATOM   1040 C  CG  . GLU A 1 153 ? -3.141  9.592   11.734  1.00 30.87 ? 160 GLU A CG  1 
ATOM   1041 C  CD  . GLU A 1 153 ? -2.494  10.013  13.024  1.00 39.73 ? 160 GLU A CD  1 
ATOM   1042 O  OE1 . GLU A 1 153 ? -1.224  10.270  12.849  1.00 37.93 ? 160 GLU A OE1 1 
ATOM   1043 O  OE2 . GLU A 1 153 ? -3.080  10.108  14.103  1.00 30.17 ? 160 GLU A OE2 1 
ATOM   1044 N  N   . THR A 1 154 ? -1.732  10.708  7.610   1.00 15.46 ? 161 THR A N   1 
ATOM   1045 C  CA  . THR A 1 154 ? -1.246  11.569  6.563   1.00 17.37 ? 161 THR A CA  1 
ATOM   1046 C  C   . THR A 1 154 ? -1.672  11.204  5.145   1.00 22.49 ? 161 THR A C   1 
ATOM   1047 O  O   . THR A 1 154 ? -1.587  10.065  4.739   1.00 38.16 ? 161 THR A O   1 
ATOM   1048 C  CB  . THR A 1 154 ? 0.277   11.703  6.698   1.00 30.01 ? 161 THR A CB  1 
ATOM   1049 O  OG1 . THR A 1 154 ? 0.612   11.879  8.072   1.00 28.07 ? 161 THR A OG1 1 
ATOM   1050 C  CG2 . THR A 1 154 ? 0.700   12.938  5.929   1.00 26.05 ? 161 THR A CG2 1 
ATOM   1051 N  N   . PRO A 1 155 ? -2.101  12.200  4.369   1.00 25.45 ? 162 PRO A N   1 
ATOM   1052 C  CA  . PRO A 1 155 ? -2.499  11.995  2.989   1.00 23.30 ? 162 PRO A CA  1 
ATOM   1053 C  C   . PRO A 1 155 ? -1.314  11.749  2.112   1.00 28.50 ? 162 PRO A C   1 
ATOM   1054 O  O   . PRO A 1 155 ? -0.301  12.415  2.228   1.00 33.83 ? 162 PRO A O   1 
ATOM   1055 C  CB  . PRO A 1 155 ? -3.096  13.313  2.530   1.00 23.95 ? 162 PRO A CB  1 
ATOM   1056 C  CG  . PRO A 1 155 ? -3.273  14.174  3.753   1.00 22.96 ? 162 PRO A CG  1 
ATOM   1057 C  CD  . PRO A 1 155 ? -2.771  13.380  4.940   1.00 23.06 ? 162 PRO A CD  1 
ATOM   1058 N  N   . VAL A 1 156 ? -1.449  10.827  1.191   1.00 21.13 ? 163 VAL A N   1 
ATOM   1059 C  CA  . VAL A 1 156 ? -0.332  10.589  0.322   1.00 19.69 ? 163 VAL A CA  1 
ATOM   1060 C  C   . VAL A 1 156 ? -0.575  10.970  -1.127  1.00 27.15 ? 163 VAL A C   1 
ATOM   1061 O  O   . VAL A 1 156 ? 0.362   11.228  -1.858  1.00 26.56 ? 163 VAL A O   1 
ATOM   1062 C  CB  . VAL A 1 156 ? 0.118   9.165   0.469   1.00 25.12 ? 163 VAL A CB  1 
ATOM   1063 C  CG1 . VAL A 1 156 ? 0.432   8.963   1.945   1.00 27.17 ? 163 VAL A CG1 1 
ATOM   1064 C  CG2 . VAL A 1 156 ? -1.033  8.247   0.067   1.00 28.31 ? 163 VAL A CG2 1 
ATOM   1065 N  N   . ILE A 1 157 ? -1.835  10.974  -1.548  1.00 26.17 ? 164 ILE A N   1 
ATOM   1066 C  CA  . ILE A 1 157 ? -2.168  11.282  -2.911  1.00 16.63 ? 164 ILE A CA  1 
ATOM   1067 C  C   . ILE A 1 157 ? -3.513  11.933  -3.007  1.00 29.18 ? 164 ILE A C   1 
ATOM   1068 O  O   . ILE A 1 157 ? -4.440  11.585  -2.281  1.00 25.41 ? 164 ILE A O   1 
ATOM   1069 C  CB  . ILE A 1 157 ? -2.265  9.991   -3.693  1.00 18.45 ? 164 ILE A CB  1 
ATOM   1070 C  CG1 . ILE A 1 157 ? -0.890  9.430   -3.984  1.00 14.04 ? 164 ILE A CG1 1 
ATOM   1071 C  CG2 . ILE A 1 157 ? -2.935  10.300  -5.004  1.00 30.71 ? 164 ILE A CG2 1 
ATOM   1072 C  CD1 . ILE A 1 157 ? -0.897  7.902   -4.033  1.00 13.02 ? 164 ILE A CD1 1 
ATOM   1073 N  N   . ARG A 1 158 ? -3.624  12.814  -3.983  1.00 32.04 ? 165 ARG A N   1 
ATOM   1074 C  CA  . ARG A 1 158 ? -4.855  13.514  -4.285  1.00 32.07 ? 165 ARG A CA  1 
ATOM   1075 C  C   . ARG A 1 158 ? -5.405  13.093  -5.638  1.00 44.00 ? 165 ARG A C   1 
ATOM   1076 O  O   . ARG A 1 158 ? -4.750  13.285  -6.672  1.00 38.65 ? 165 ARG A O   1 
ATOM   1077 C  CB  . ARG A 1 158 ? -4.529  14.983  -4.394  1.00 57.82 ? 165 ARG A CB  1 
ATOM   1078 C  CG  . ARG A 1 158 ? -4.912  15.759  -3.154  1.00 75.00 ? 165 ARG A CG  1 
ATOM   1079 C  CD  . ARG A 1 158 ? -6.323  15.431  -2.701  1.00 75.00 ? 165 ARG A CD  1 
ATOM   1080 N  NE  . ARG A 1 158 ? -6.461  15.650  -1.272  1.00 75.00 ? 165 ARG A NE  1 
ATOM   1081 C  CZ  . ARG A 1 158 ? -7.426  16.355  -0.706  1.00 75.00 ? 165 ARG A CZ  1 
ATOM   1082 N  NH1 . ARG A 1 158 ? -8.403  16.924  -1.416  1.00 75.00 ? 165 ARG A NH1 1 
ATOM   1083 N  NH2 . ARG A 1 158 ? -7.404  16.490  0.616   1.00 75.00 ? 165 ARG A NH2 1 
ATOM   1084 N  N   . ILE A 1 159 ? -6.622  12.548  -5.669  1.00 43.83 ? 166 ILE A N   1 
ATOM   1085 C  CA  . ILE A 1 159 ? -7.163  12.203  -6.966  1.00 39.84 ? 166 ILE A CA  1 
ATOM   1086 C  C   . ILE A 1 159 ? -8.419  12.949  -7.337  1.00 38.48 ? 166 ILE A C   1 
ATOM   1087 O  O   . ILE A 1 159 ? -9.239  13.321  -6.496  1.00 26.71 ? 166 ILE A O   1 
ATOM   1088 C  CB  . ILE A 1 159 ? -7.369  10.723  -7.259  1.00 37.18 ? 166 ILE A CB  1 
ATOM   1089 C  CG1 . ILE A 1 159 ? -8.666  10.299  -6.636  1.00 36.92 ? 166 ILE A CG1 1 
ATOM   1090 C  CG2 . ILE A 1 159 ? -6.252  9.861   -6.702  1.00 29.31 ? 166 ILE A CG2 1 
ATOM   1091 C  CD1 . ILE A 1 159 ? -8.404  9.320   -5.511  1.00 56.24 ? 166 ILE A CD1 1 
ATOM   1092 N  N   . LYS A 1 160 ? -8.531  13.130  -8.640  1.00 41.01 ? 167 LYS A N   1 
ATOM   1093 C  CA  . LYS A 1 160 ? -9.663  13.714  -9.309  1.00 42.52 ? 167 LYS A CA  1 
ATOM   1094 C  C   . LYS A 1 160 ? -10.139 12.666  -10.262 1.00 34.88 ? 167 LYS A C   1 
ATOM   1095 O  O   . LYS A 1 160 ? -9.381  12.189  -11.102 1.00 29.48 ? 167 LYS A O   1 
ATOM   1096 C  CB  . LYS A 1 160 ? -9.302  14.969  -10.079 1.00 46.50 ? 167 LYS A CB  1 
ATOM   1097 C  CG  . LYS A 1 160 ? -9.583  16.226  -9.276  1.00 47.40 ? 167 LYS A CG  1 
ATOM   1098 C  CD  . LYS A 1 160 ? -8.841  17.451  -9.791  1.00 32.22 ? 167 LYS A CD  1 
ATOM   1099 N  N   . LYS A 1 161 ? -11.359 12.240  -10.081 1.00 37.76 ? 168 LYS A N   1 
ATOM   1100 C  CA  . LYS A 1 161 ? -11.837 11.173  -10.921 1.00 35.72 ? 168 LYS A CA  1 
ATOM   1101 C  C   . LYS A 1 161 ? -13.296 11.381  -11.273 1.00 68.04 ? 168 LYS A C   1 
ATOM   1102 O  O   . LYS A 1 161 ? -13.805 12.499  -11.170 1.00 52.67 ? 168 LYS A O   1 
ATOM   1103 C  CB  . LYS A 1 161 ? -11.561 9.833   -10.272 1.00 25.55 ? 168 LYS A CB  1 
ATOM   1104 C  CG  . LYS A 1 161 ? -12.638 8.796   -10.534 1.00 68.94 ? 168 LYS A CG  1 
ATOM   1105 C  CD  . LYS A 1 161 ? -13.453 8.442   -9.300  1.00 41.46 ? 168 LYS A CD  1 
ATOM   1106 C  CE  . LYS A 1 161 ? -14.350 7.218   -9.482  1.00 75.00 ? 168 LYS A CE  1 
ATOM   1107 N  NZ  . LYS A 1 161 ? -14.302 6.632   -10.834 1.00 75.00 ? 168 LYS A NZ  1 
HETATM 1108 ZN ZN  . ZN  B 2 .   ? 4.684   -9.956  -3.664  1.00 37.65 ? 300 ZN  A ZN  1 
HETATM 1109 O  O   . HOH C 3 .   ? 6.711   -10.285 -4.101  1.00 8.29  ? 201 HOH A O   1 
HETATM 1110 O  O   . HOH C 3 .   ? 5.386   1.285   8.416   1.00 16.28 ? 202 HOH A O   1 
HETATM 1111 O  O   . HOH C 3 .   ? 2.906   1.508   9.822   1.00 27.51 ? 203 HOH A O   1 
HETATM 1112 O  O   . HOH C 3 .   ? -9.752  -13.709 4.386   1.00 53.83 ? 204 HOH A O   1 
HETATM 1113 O  O   . HOH C 3 .   ? 1.554   12.529  -10.652 1.00 33.90 ? 205 HOH A O   1 
HETATM 1114 O  O   . HOH C 3 .   ? 6.385   12.194  -4.087  1.00 39.60 ? 206 HOH A O   1 
HETATM 1115 O  O   . HOH C 3 .   ? -12.892 13.720  -8.004  1.00 51.29 ? 207 HOH A O   1 
HETATM 1116 O  O   . HOH C 3 .   ? -1.828  13.063  -13.432 1.00 47.65 ? 208 HOH A O   1 
HETATM 1117 O  O   . HOH C 3 .   ? 13.665  -18.276 10.022  1.00 52.46 ? 209 HOH A O   1 
HETATM 1118 O  O   . HOH C 3 .   ? 6.463   9.001   9.344   1.00 54.31 ? 210 HOH A O   1 
HETATM 1119 O  O   . HOH C 3 .   ? 9.576   9.048   8.671   1.00 54.33 ? 211 HOH A O   1 
HETATM 1120 O  O   . HOH C 3 .   ? -7.455  0.466   -15.576 1.00 41.31 ? 212 HOH A O   1 
HETATM 1121 O  O   . HOH C 3 .   ? -12.525 -4.489  -8.890  1.00 69.87 ? 213 HOH A O   1 
HETATM 1122 O  O   . HOH C 3 .   ? -3.049  14.230  9.269   1.00 69.25 ? 214 HOH A O   1 
HETATM 1123 O  O   . HOH C 3 .   ? -10.039 4.123   11.680  1.00 72.39 ? 215 HOH A O   1 
HETATM 1124 O  O   . HOH C 3 .   ? 2.175   15.463  -8.604  1.00 50.99 ? 216 HOH A O   1 
HETATM 1125 O  O   . HOH C 3 .   ? 11.110  13.806  5.456   1.00 64.52 ? 217 HOH A O   1 
HETATM 1126 O  O   . HOH C 3 .   ? 6.178   4.034   12.653  1.00 54.19 ? 218 HOH A O   1 
HETATM 1127 O  O   . HOH C 3 .   ? 0.109   4.532   -15.460 1.00 75.00 ? 219 HOH A O   1 
HETATM 1128 O  O   . HOH C 3 .   ? -14.011 0.036   -9.063  1.00 75.00 ? 220 HOH A O   1 
HETATM 1129 O  O   . HOH C 3 .   ? -6.383  8.041   -17.652 1.00 75.00 ? 221 HOH A O   1 
HETATM 1130 O  O   . HOH C 3 .   ? 2.456   -5.620  14.892  1.00 75.00 ? 222 HOH A O   1 
HETATM 1131 O  O   . HOH C 3 .   ? -2.735  1.348   -15.179 1.00 75.00 ? 223 HOH A O   1 
# 
